data_4QOL
#
_entry.id   4QOL
#
_cell.length_a   91.647
_cell.length_b   109.191
_cell.length_c   102.829
_cell.angle_alpha   90.000
_cell.angle_beta   91.670
_cell.angle_gamma   90.000
#
_symmetry.space_group_name_H-M   'P 1 21 1'
#
loop_
_entity.id
_entity.type
_entity.pdbx_description
1 polymer Catalase
2 non-polymer 'PROTOPORPHYRIN IX CONTAINING FE'
3 non-polymer 'CHLORIDE ION'
4 non-polymer 'SODIUM ION'
5 non-polymer 'ACETATE ION'
6 water water
#
_entity_poly.entity_id   1
_entity_poly.type   'polypeptide(L)'
_entity_poly.pdbx_seq_one_letter_code
;MTNSNHKNLTTNQGVPVGDNQNSRTAGHRGPSFLDDYHLIEKLAHFDRERIPERVVHARGAGAYGVFEVENSMEKHTRAA
FLSEEGKQTDVFVRFSTVIHPKGSPETLRDPRGFAVKFYTEEGNYDLVGNNLPIFFIRDALKFPDMVHSLKPDPVTNIQD
PDRYWDFMTLTPESTHMLTWLFSDEGIPANYAEMRGSGVHTFRWVNKYGETKYVKYHWRPSEGIRNLSMEEAAEIQANDF
QHATRDLYDRIEKGNYPAWDLYVQLMPLSDYDELDYDPCDPTKTWSEEDYPLQKVGRMTLNRNPENFFAETEQAAFTPSA
LVPGIEASEDKLLQGRLFSYPDTQRHRLGANYMRIPVNCPYAPVHNNQQDGFMTTTRPSGHINYEPNRYDDQPKENPHYK
ESEPVLHGDRMVRQKIEKPNDFKQAGEKYRSYSEEEKQALIKNLTADLKGVNEKTKLLAICNFYRADEDYGQRLADSLGV
DIRSYLQGSMK
;
_entity_poly.pdbx_strand_id   A,B,C,D
#
loop_
_chem_comp.id
_chem_comp.type
_chem_comp.name
_chem_comp.formula
ACT non-polymer 'ACETATE ION' 'C2 H3 O2 -1'
CL non-polymer 'CHLORIDE ION' 'Cl -1'
HEM non-polymer 'PROTOPORPHYRIN IX CONTAINING FE' 'C34 H32 Fe N4 O4'
NA non-polymer 'SODIUM ION' 'Na 1'
#
# COMPACT_ATOMS: atom_id res chain seq x y z
N HIS A 6 22.27 8.28 29.57
CA HIS A 6 22.57 8.94 28.25
C HIS A 6 22.51 7.97 27.06
N LYS A 7 22.05 8.47 25.93
CA LYS A 7 21.86 7.65 24.74
C LYS A 7 22.29 8.51 23.54
N ASN A 8 22.95 7.90 22.57
CA ASN A 8 23.10 8.49 21.28
C ASN A 8 21.79 8.50 20.47
N LEU A 9 21.55 9.62 19.83
CA LEU A 9 20.65 9.66 18.69
C LEU A 9 21.30 8.90 17.54
N THR A 10 20.59 7.97 16.91
CA THR A 10 21.13 7.18 15.82
C THR A 10 20.24 7.27 14.60
N THR A 11 20.79 6.86 13.47
CA THR A 11 19.95 6.50 12.33
C THR A 11 19.27 5.14 12.59
N ASN A 12 18.40 4.69 11.68
CA ASN A 12 17.83 3.36 11.74
C ASN A 12 18.79 2.22 11.47
N GLN A 13 19.98 2.56 10.92
CA GLN A 13 21.07 1.63 10.74
C GLN A 13 21.88 1.47 12.02
N GLY A 14 21.54 2.23 13.06
CA GLY A 14 22.34 2.18 14.32
C GLY A 14 23.62 3.00 14.34
N VAL A 15 23.81 3.88 13.35
CA VAL A 15 24.95 4.77 13.34
C VAL A 15 24.63 6.01 14.16
N PRO A 16 25.49 6.36 15.14
CA PRO A 16 25.23 7.59 15.88
C PRO A 16 25.25 8.85 15.00
N VAL A 17 24.32 9.76 15.27
CA VAL A 17 24.17 10.94 14.48
C VAL A 17 25.14 12.03 15.00
N GLY A 18 26.02 12.51 14.13
CA GLY A 18 26.93 13.59 14.50
C GLY A 18 26.31 14.99 14.66
N ASP A 19 25.27 15.27 13.88
CA ASP A 19 24.62 16.58 13.88
C ASP A 19 23.14 16.41 13.51
N ASN A 20 22.26 16.68 14.48
CA ASN A 20 20.86 16.61 14.25
C ASN A 20 20.23 17.98 13.99
N GLN A 21 21.07 18.99 13.74
CA GLN A 21 20.61 20.37 13.52
C GLN A 21 20.74 20.86 12.11
N ASN A 22 21.85 20.51 11.44
CA ASN A 22 22.16 21.11 10.13
C ASN A 22 22.16 20.04 9.06
N SER A 23 21.48 20.31 7.97
CA SER A 23 21.62 19.62 6.73
C SER A 23 23.03 19.81 6.16
N ARG A 24 23.39 18.88 5.29
CA ARG A 24 24.68 18.97 4.64
C ARG A 24 24.63 19.80 3.35
N THR A 25 25.49 20.81 3.25
CA THR A 25 25.34 21.82 2.26
C THR A 25 26.67 22.21 1.64
N ALA A 26 26.63 22.91 0.52
CA ALA A 26 27.80 23.55 -0.06
C ALA A 26 28.22 24.83 0.64
N GLY A 27 29.09 24.70 1.62
CA GLY A 27 29.37 25.76 2.56
C GLY A 27 28.21 26.08 3.46
N HIS A 28 28.42 27.04 4.36
CA HIS A 28 27.44 27.27 5.42
C HIS A 28 26.08 27.83 4.92
N ARG A 29 26.03 28.36 3.70
CA ARG A 29 24.79 28.88 3.18
C ARG A 29 24.42 28.39 1.78
N GLY A 30 24.99 27.28 1.35
CA GLY A 30 24.75 26.85 -0.02
C GLY A 30 23.59 25.87 -0.03
N PRO A 31 23.28 25.34 -1.26
CA PRO A 31 22.25 24.36 -1.44
C PRO A 31 22.65 23.00 -0.86
N SER A 32 21.64 22.14 -0.70
CA SER A 32 21.75 20.92 0.09
C SER A 32 22.21 19.75 -0.81
N PHE A 33 22.97 18.83 -0.25
CA PHE A 33 23.45 17.63 -0.96
C PHE A 33 22.54 16.42 -0.76
N LEU A 34 22.50 15.62 -1.82
CA LEU A 34 21.77 14.34 -1.83
C LEU A 34 22.38 13.37 -0.82
N ASP A 35 23.71 13.38 -0.69
CA ASP A 35 24.42 12.49 0.28
C ASP A 35 24.29 13.07 1.72
N ASP A 36 23.08 12.94 2.26
CA ASP A 36 22.78 13.26 3.64
C ASP A 36 21.79 12.22 4.08
N TYR A 37 22.29 11.04 4.40
CA TYR A 37 21.41 9.92 4.68
C TYR A 37 20.49 10.22 5.88
N HIS A 38 21.05 10.84 6.92
CA HIS A 38 20.23 11.17 8.07
C HIS A 38 19.04 12.06 7.72
N LEU A 39 19.27 13.11 6.97
CA LEU A 39 18.19 14.02 6.54
C LEU A 39 17.12 13.22 5.77
N ILE A 40 17.57 12.46 4.77
CA ILE A 40 16.62 11.82 3.90
C ILE A 40 15.88 10.71 4.69
N GLU A 41 16.57 9.96 5.55
CA GLU A 41 15.88 8.87 6.27
C GLU A 41 14.82 9.47 7.21
N LYS A 42 15.18 10.54 7.92
CA LYS A 42 14.35 11.18 8.91
C LYS A 42 13.13 11.85 8.24
N LEU A 43 13.34 12.62 7.16
CA LEU A 43 12.21 13.16 6.37
C LEU A 43 11.34 12.06 5.74
N ALA A 44 11.96 10.99 5.22
CA ALA A 44 11.20 9.97 4.51
C ALA A 44 10.29 9.22 5.52
N HIS A 45 10.79 8.99 6.71
CA HIS A 45 9.94 8.30 7.66
C HIS A 45 8.82 9.22 8.17
N PHE A 46 9.14 10.46 8.45
CA PHE A 46 8.16 11.46 8.78
C PHE A 46 7.06 11.50 7.72
N ASP A 47 7.48 11.47 6.45
CA ASP A 47 6.57 11.55 5.29
C ASP A 47 5.59 10.39 5.23
N ARG A 48 5.91 9.33 5.96
CA ARG A 48 5.13 8.08 5.97
C ARG A 48 4.51 7.74 7.32
N GLU A 49 4.39 8.69 8.24
CA GLU A 49 3.82 8.43 9.55
C GLU A 49 2.37 8.05 9.53
N ARG A 50 1.59 8.59 8.58
CA ARG A 50 0.14 8.41 8.63
C ARG A 50 -0.32 7.19 7.88
N ILE A 51 -1.37 6.57 8.42
CA ILE A 51 -2.08 5.50 7.77
C ILE A 51 -3.58 5.90 7.66
N PRO A 52 -4.35 5.16 6.89
CA PRO A 52 -5.77 5.61 6.75
C PRO A 52 -6.47 5.56 8.08
N GLU A 53 -7.31 6.53 8.35
CA GLU A 53 -8.18 6.45 9.52
C GLU A 53 -9.25 5.40 9.29
N ARG A 54 -9.88 4.99 10.39
CA ARG A 54 -11.04 4.10 10.26
C ARG A 54 -12.16 4.71 9.43
N VAL A 55 -12.77 3.89 8.60
CA VAL A 55 -13.80 4.39 7.72
C VAL A 55 -14.99 5.02 8.50
N VAL A 56 -15.30 4.43 9.64
CA VAL A 56 -16.22 5.09 10.63
C VAL A 56 -15.59 4.90 11.98
N HIS A 57 -16.04 5.64 12.97
CA HIS A 57 -15.45 5.64 14.35
C HIS A 57 -13.99 6.07 14.38
N ALA A 58 -13.68 6.99 13.47
CA ALA A 58 -12.27 7.45 13.33
C ALA A 58 -11.72 8.17 14.56
N ARG A 59 -12.56 8.95 15.23
CA ARG A 59 -12.23 9.61 16.48
C ARG A 59 -12.50 8.74 17.65
N GLY A 60 -11.47 8.45 18.47
CA GLY A 60 -11.65 7.63 19.67
C GLY A 60 -10.46 7.61 20.61
N ALA A 61 -10.60 6.81 21.65
CA ALA A 61 -9.66 6.77 22.76
C ALA A 61 -9.69 5.38 23.33
N GLY A 62 -8.52 4.92 23.77
CA GLY A 62 -8.40 3.56 24.29
C GLY A 62 -7.86 3.47 25.71
N ALA A 63 -8.13 2.36 26.36
CA ALA A 63 -7.56 2.06 27.68
C ALA A 63 -7.55 0.56 27.92
N TYR A 64 -6.64 0.12 28.75
CA TYR A 64 -6.64 -1.32 29.19
C TYR A 64 -7.28 -1.50 30.54
N GLY A 65 -7.70 -2.73 30.81
CA GLY A 65 -8.26 -3.04 32.07
C GLY A 65 -8.43 -4.51 32.30
N VAL A 66 -9.31 -4.83 33.22
CA VAL A 66 -9.60 -6.21 33.62
C VAL A 66 -11.10 -6.44 33.72
N PHE A 67 -11.53 -7.59 33.23
CA PHE A 67 -12.86 -8.08 33.46
C PHE A 67 -12.88 -9.25 34.46
N GLU A 68 -13.72 -9.14 35.48
CA GLU A 68 -13.86 -10.19 36.50
C GLU A 68 -15.27 -10.75 36.53
N VAL A 69 -15.37 -12.07 36.48
CA VAL A 69 -16.63 -12.75 36.56
C VAL A 69 -17.13 -12.72 37.99
N GLU A 70 -18.38 -12.31 38.13
CA GLU A 70 -19.11 -12.45 39.41
C GLU A 70 -19.97 -13.73 39.46
N ASN A 71 -20.69 -14.00 38.38
CA ASN A 71 -21.52 -15.20 38.29
C ASN A 71 -21.09 -16.02 37.10
N SER A 72 -20.69 -17.26 37.34
CA SER A 72 -20.27 -18.11 36.24
C SER A 72 -21.44 -18.43 35.32
N MET A 73 -21.13 -18.54 34.03
CA MET A 73 -22.19 -18.61 33.02
C MET A 73 -22.21 -19.97 32.38
N GLU A 74 -21.50 -20.93 32.97
CA GLU A 74 -21.34 -22.24 32.33
C GLU A 74 -22.65 -22.95 32.02
N LYS A 75 -23.72 -22.61 32.71
CA LYS A 75 -25.02 -23.26 32.40
C LYS A 75 -25.46 -22.91 31.01
N HIS A 76 -25.00 -21.74 30.52
CA HIS A 76 -25.49 -21.17 29.26
C HIS A 76 -24.46 -21.00 28.18
N THR A 77 -23.19 -20.93 28.55
CA THR A 77 -22.11 -20.90 27.56
C THR A 77 -20.85 -21.55 28.06
N ARG A 78 -20.19 -22.27 27.16
CA ARG A 78 -18.93 -22.92 27.46
C ARG A 78 -17.75 -21.94 27.35
N ALA A 79 -18.01 -20.67 27.14
CA ALA A 79 -16.93 -19.68 27.00
C ALA A 79 -16.01 -19.75 28.22
N ALA A 80 -14.73 -19.97 27.93
CA ALA A 80 -13.75 -20.16 28.99
C ALA A 80 -13.65 -18.95 29.92
N PHE A 81 -13.64 -17.72 29.36
CA PHE A 81 -13.47 -16.55 30.20
C PHE A 81 -14.64 -16.30 31.15
N LEU A 82 -15.78 -16.95 30.92
CA LEU A 82 -16.96 -16.79 31.80
C LEU A 82 -17.21 -17.96 32.73
N SER A 83 -16.24 -18.82 32.88
CA SER A 83 -16.54 -20.22 33.40
C SER A 83 -16.60 -20.30 34.90
N GLU A 84 -16.05 -19.32 35.57
CA GLU A 84 -16.10 -19.41 37.00
C GLU A 84 -15.98 -18.08 37.69
N GLU A 85 -16.59 -18.05 38.88
CA GLU A 85 -16.57 -16.88 39.72
C GLU A 85 -15.15 -16.48 40.01
N GLY A 86 -14.88 -15.18 39.89
CA GLY A 86 -13.55 -14.67 40.23
C GLY A 86 -12.58 -14.66 39.07
N LYS A 87 -12.89 -15.33 37.97
CA LYS A 87 -11.98 -15.41 36.87
C LYS A 87 -11.75 -14.02 36.22
N GLN A 88 -10.50 -13.64 36.07
CA GLN A 88 -10.11 -12.34 35.54
C GLN A 88 -9.50 -12.54 34.14
N THR A 89 -9.92 -11.67 33.23
CA THR A 89 -9.39 -11.62 31.86
C THR A 89 -8.99 -10.19 31.58
N ASP A 90 -7.79 -10.01 31.01
CA ASP A 90 -7.36 -8.72 30.57
C ASP A 90 -8.24 -8.21 29.39
N VAL A 91 -8.42 -6.86 29.30
CA VAL A 91 -9.14 -6.26 28.17
C VAL A 91 -8.38 -5.05 27.65
N PHE A 92 -8.60 -4.78 26.38
CA PHE A 92 -8.42 -3.48 25.77
C PHE A 92 -9.71 -2.96 25.24
N VAL A 93 -9.96 -1.64 25.41
CA VAL A 93 -11.24 -1.02 25.06
C VAL A 93 -10.99 0.24 24.30
N ARG A 94 -11.69 0.39 23.18
CA ARG A 94 -11.68 1.68 22.47
C ARG A 94 -13.12 2.26 22.40
N PHE A 95 -13.22 3.53 22.78
CA PHE A 95 -14.47 4.33 22.70
C PHE A 95 -14.33 5.24 21.56
N SER A 96 -15.42 5.67 20.95
CA SER A 96 -15.33 6.48 19.77
C SER A 96 -16.65 7.22 19.52
N THR A 97 -16.58 8.27 18.69
CA THR A 97 -17.75 8.71 17.92
C THR A 97 -17.87 7.94 16.66
N VAL A 98 -18.70 8.35 15.71
CA VAL A 98 -18.95 7.56 14.51
C VAL A 98 -18.60 8.21 13.19
N ILE A 99 -19.15 9.38 12.90
CA ILE A 99 -19.23 9.87 11.54
C ILE A 99 -18.01 10.72 11.15
N HIS A 100 -17.60 11.62 12.00
CA HIS A 100 -16.65 12.64 11.52
C HIS A 100 -15.20 12.11 11.69
N PRO A 101 -14.20 12.75 11.02
CA PRO A 101 -12.85 12.21 10.98
C PRO A 101 -12.09 12.28 12.31
N LYS A 102 -10.85 11.83 12.30
N LYS A 102 -10.87 11.76 12.31
CA LYS A 102 -9.89 12.09 13.37
CA LYS A 102 -10.06 11.65 13.51
C LYS A 102 -9.82 13.60 13.59
C LYS A 102 -9.97 12.79 14.46
N GLY A 103 -9.69 14.01 14.83
N GLY A 103 -9.94 14.03 13.95
CA GLY A 103 -9.58 15.41 15.06
CA GLY A 103 -9.69 15.21 14.80
C GLY A 103 -10.95 16.05 15.26
C GLY A 103 -10.94 16.00 15.18
N SER A 104 -12.07 15.36 14.96
CA SER A 104 -13.36 16.03 15.05
C SER A 104 -13.78 16.10 16.52
N PRO A 105 -14.68 17.03 16.87
CA PRO A 105 -15.06 17.19 18.26
C PRO A 105 -15.87 16.00 18.84
N GLU A 106 -15.75 15.86 20.15
CA GLU A 106 -16.42 14.75 20.87
C GLU A 106 -17.75 15.22 21.52
N THR A 107 -18.18 16.40 21.09
CA THR A 107 -19.45 17.01 21.46
C THR A 107 -20.56 16.90 20.42
N LEU A 108 -20.29 16.22 19.29
CA LEU A 108 -21.29 16.03 18.27
C LEU A 108 -22.29 14.94 18.63
N ARG A 109 -23.47 15.01 18.01
CA ARG A 109 -24.48 13.99 18.18
C ARG A 109 -24.05 12.77 17.39
N ASP A 110 -24.12 11.60 18.00
CA ASP A 110 -23.67 10.35 17.32
C ASP A 110 -23.89 9.24 18.32
N PRO A 111 -24.15 8.01 17.83
CA PRO A 111 -23.79 6.85 18.71
C PRO A 111 -22.33 6.95 19.13
N ARG A 112 -22.01 6.35 20.26
CA ARG A 112 -20.65 6.13 20.62
C ARG A 112 -20.27 4.67 20.53
N GLY A 113 -19.08 4.42 19.99
CA GLY A 113 -18.54 3.06 20.00
C GLY A 113 -18.04 2.66 21.35
N PHE A 114 -18.13 1.38 21.60
CA PHE A 114 -17.82 0.76 22.88
C PHE A 114 -17.32 -0.63 22.53
N ALA A 115 -16.02 -0.70 22.20
CA ALA A 115 -15.38 -1.92 21.65
C ALA A 115 -14.47 -2.56 22.67
N VAL A 116 -14.74 -3.80 23.06
CA VAL A 116 -13.99 -4.49 24.06
C VAL A 116 -13.34 -5.76 23.52
N LYS A 117 -12.02 -5.84 23.70
CA LYS A 117 -11.23 -7.01 23.30
C LYS A 117 -10.84 -7.74 24.60
N PHE A 118 -11.36 -8.94 24.77
CA PHE A 118 -11.04 -9.82 25.89
C PHE A 118 -9.92 -10.80 25.44
N TYR A 119 -8.79 -10.78 26.16
CA TYR A 119 -7.64 -11.63 25.84
C TYR A 119 -7.76 -13.00 26.52
N THR A 120 -8.62 -13.86 25.98
CA THR A 120 -8.99 -15.09 26.71
C THR A 120 -7.97 -16.21 26.47
N GLU A 121 -8.10 -17.25 27.29
CA GLU A 121 -7.23 -18.42 27.15
C GLU A 121 -7.56 -19.28 25.92
N GLU A 122 -8.74 -19.13 25.32
CA GLU A 122 -9.12 -19.81 24.09
C GLU A 122 -9.15 -18.88 22.86
N GLY A 123 -8.48 -17.73 22.97
CA GLY A 123 -8.40 -16.76 21.89
C GLY A 123 -9.00 -15.42 22.26
N ASN A 124 -8.76 -14.43 21.41
CA ASN A 124 -9.31 -13.15 21.61
C ASN A 124 -10.79 -13.16 21.27
N TYR A 125 -11.59 -12.63 22.19
CA TYR A 125 -13.00 -12.34 21.96
C TYR A 125 -13.28 -10.85 21.88
N ASP A 126 -13.83 -10.39 20.76
CA ASP A 126 -14.15 -8.96 20.58
C ASP A 126 -15.65 -8.77 20.66
N LEU A 127 -16.10 -7.93 21.58
CA LEU A 127 -17.50 -7.52 21.65
C LEU A 127 -17.54 -6.05 21.23
N VAL A 128 -17.91 -5.87 19.98
CA VAL A 128 -17.79 -4.58 19.30
C VAL A 128 -19.14 -3.88 19.41
N GLY A 129 -19.34 -3.18 20.51
CA GLY A 129 -20.64 -2.58 20.81
C GLY A 129 -20.74 -1.10 20.49
N ASN A 130 -21.89 -0.53 20.79
CA ASN A 130 -22.13 0.92 20.85
C ASN A 130 -22.83 1.24 22.16
N ASN A 131 -22.92 2.48 22.52
CA ASN A 131 -23.77 2.86 23.71
C ASN A 131 -25.22 2.56 23.50
N LEU A 132 -25.82 3.06 22.40
CA LEU A 132 -27.21 2.80 22.16
C LEU A 132 -27.43 1.29 21.79
N PRO A 133 -28.58 0.76 22.16
CA PRO A 133 -28.76 -0.71 22.06
C PRO A 133 -29.38 -1.27 20.80
N ILE A 134 -29.70 -0.40 19.86
CA ILE A 134 -30.26 -0.75 18.56
C ILE A 134 -29.51 -0.06 17.45
N PHE A 135 -29.90 -0.31 16.21
CA PHE A 135 -29.30 0.35 15.09
C PHE A 135 -30.33 0.92 14.11
N PHE A 136 -29.83 1.69 13.15
CA PHE A 136 -30.67 2.40 12.17
C PHE A 136 -31.25 1.47 11.09
N ILE A 137 -30.56 0.36 10.85
CA ILE A 137 -30.79 -0.51 9.71
C ILE A 137 -30.64 -1.95 10.19
N ARG A 138 -31.13 -2.91 9.39
CA ARG A 138 -31.11 -4.32 9.79
C ARG A 138 -30.42 -5.23 8.77
N ASP A 139 -29.79 -4.67 7.72
CA ASP A 139 -29.13 -5.45 6.71
C ASP A 139 -27.87 -4.73 6.32
N ALA A 140 -26.75 -5.43 6.40
CA ALA A 140 -25.45 -4.84 6.07
C ALA A 140 -25.32 -4.26 4.68
N LEU A 141 -26.17 -4.70 3.73
CA LEU A 141 -26.11 -4.21 2.39
C LEU A 141 -26.37 -2.71 2.39
N LYS A 142 -27.12 -2.19 3.40
CA LYS A 142 -27.41 -0.76 3.43
C LYS A 142 -26.36 0.08 4.12
N PHE A 143 -25.34 -0.51 4.74
CA PHE A 143 -24.47 0.24 5.58
C PHE A 143 -23.71 1.32 4.82
N PRO A 144 -23.16 1.05 3.61
CA PRO A 144 -22.43 2.13 2.94
C PRO A 144 -23.37 3.30 2.57
N ASP A 145 -24.63 2.97 2.24
CA ASP A 145 -25.62 3.97 1.93
C ASP A 145 -25.93 4.83 3.18
N MET A 146 -26.19 4.17 4.31
CA MET A 146 -26.44 4.86 5.57
C MET A 146 -25.30 5.81 5.91
N VAL A 147 -24.10 5.24 5.92
CA VAL A 147 -22.91 6.01 6.22
C VAL A 147 -22.72 7.22 5.25
N HIS A 148 -22.83 6.96 3.95
CA HIS A 148 -22.65 8.03 2.99
C HIS A 148 -23.69 9.16 3.20
N SER A 149 -24.93 8.81 3.63
CA SER A 149 -25.95 9.87 3.87
C SER A 149 -25.62 10.71 5.07
N LEU A 150 -24.94 10.14 6.06
CA LEU A 150 -24.62 10.78 7.35
C LEU A 150 -23.34 11.56 7.30
N LYS A 151 -22.41 11.06 6.49
CA LYS A 151 -21.11 11.66 6.32
C LYS A 151 -21.23 13.00 5.65
N PRO A 152 -20.23 13.85 5.89
CA PRO A 152 -20.15 15.08 5.11
C PRO A 152 -20.46 14.89 3.63
N ASP A 153 -21.24 15.83 3.07
CA ASP A 153 -21.59 15.86 1.65
C ASP A 153 -20.31 15.72 0.84
N PRO A 154 -20.35 14.88 -0.22
CA PRO A 154 -19.14 14.60 -0.98
C PRO A 154 -18.65 15.82 -1.78
N VAL A 155 -19.49 16.84 -1.94
CA VAL A 155 -19.05 18.06 -2.64
C VAL A 155 -18.54 19.09 -1.65
N THR A 156 -19.27 19.34 -0.57
CA THR A 156 -19.03 20.45 0.34
C THR A 156 -18.15 20.10 1.53
N ASN A 157 -17.96 18.80 1.81
CA ASN A 157 -17.31 18.34 3.07
C ASN A 157 -18.00 18.83 4.34
N ILE A 158 -19.32 19.08 4.29
CA ILE A 158 -20.09 19.44 5.50
C ILE A 158 -21.28 18.51 5.64
N GLN A 159 -21.51 18.02 6.84
CA GLN A 159 -22.68 17.15 7.07
C GLN A 159 -23.96 17.90 6.80
N ASP A 160 -24.91 17.23 6.17
CA ASP A 160 -26.15 17.86 5.72
C ASP A 160 -27.33 17.03 6.16
N PRO A 161 -28.08 17.48 7.17
CA PRO A 161 -29.32 16.76 7.56
C PRO A 161 -30.28 16.47 6.44
N ASP A 162 -30.37 17.31 5.42
CA ASP A 162 -31.25 16.97 4.32
C ASP A 162 -30.86 15.65 3.64
N ARG A 163 -29.56 15.30 3.66
CA ARG A 163 -29.11 14.06 3.04
C ARG A 163 -29.44 12.84 3.91
N TYR A 164 -29.10 12.89 5.21
CA TYR A 164 -29.35 11.68 6.02
C TYR A 164 -30.80 11.54 6.36
N TRP A 165 -31.53 12.67 6.48
CA TRP A 165 -32.96 12.50 6.63
C TRP A 165 -33.66 11.95 5.39
N ASP A 166 -33.15 12.23 4.18
CA ASP A 166 -33.67 11.64 2.97
C ASP A 166 -33.57 10.12 3.11
N PHE A 167 -32.38 9.66 3.40
CA PHE A 167 -32.17 8.20 3.61
C PHE A 167 -33.00 7.62 4.71
N MET A 168 -32.94 8.23 5.90
CA MET A 168 -33.62 7.67 7.05
C MET A 168 -35.12 7.59 6.88
N THR A 169 -35.73 8.63 6.34
CA THR A 169 -37.20 8.62 6.12
C THR A 169 -37.69 7.51 5.19
N LEU A 170 -36.86 7.21 4.17
CA LEU A 170 -37.06 6.18 3.21
C LEU A 170 -36.64 4.76 3.70
N THR A 171 -36.19 4.72 4.94
CA THR A 171 -35.69 3.52 5.63
C THR A 171 -36.34 3.56 6.99
N PRO A 172 -37.70 3.29 7.01
CA PRO A 172 -38.48 3.51 8.23
C PRO A 172 -38.13 2.57 9.39
N GLU A 173 -37.38 1.49 9.13
CA GLU A 173 -36.84 0.73 10.25
C GLU A 173 -35.89 1.54 11.17
N SER A 174 -35.46 2.72 10.71
CA SER A 174 -34.60 3.61 11.47
C SER A 174 -35.31 4.38 12.58
N THR A 175 -36.64 4.27 12.62
CA THR A 175 -37.45 5.14 13.50
C THR A 175 -37.13 4.91 14.99
N HIS A 176 -36.99 3.66 15.41
CA HIS A 176 -36.61 3.38 16.79
C HIS A 176 -35.23 4.02 17.13
N MET A 177 -34.22 3.78 16.29
CA MET A 177 -32.94 4.36 16.55
C MET A 177 -32.96 5.87 16.69
N LEU A 178 -33.65 6.49 15.77
CA LEU A 178 -33.66 7.97 15.77
C LEU A 178 -34.34 8.52 17.02
N THR A 179 -35.28 7.74 17.55
CA THR A 179 -35.94 8.09 18.82
C THR A 179 -35.02 8.04 20.06
N TRP A 180 -33.96 7.21 20.00
CA TRP A 180 -32.89 7.27 20.98
C TRP A 180 -31.83 8.32 20.68
N LEU A 181 -31.37 8.36 19.44
CA LEU A 181 -30.29 9.26 19.01
C LEU A 181 -30.65 10.73 19.19
N PHE A 182 -31.94 11.10 19.07
CA PHE A 182 -32.28 12.53 19.24
C PHE A 182 -32.82 12.83 20.62
N SER A 183 -32.82 11.84 21.52
CA SER A 183 -32.80 12.15 23.00
C SER A 183 -31.47 12.76 23.35
N ASP A 184 -31.33 13.26 24.56
CA ASP A 184 -30.02 13.83 24.85
C ASP A 184 -28.95 12.73 24.95
N GLU A 185 -29.36 11.47 24.95
CA GLU A 185 -28.33 10.41 24.98
C GLU A 185 -27.56 10.34 23.64
N GLY A 186 -28.01 11.07 22.61
CA GLY A 186 -27.20 11.27 21.43
C GLY A 186 -25.90 12.04 21.63
N ILE A 187 -25.75 12.69 22.79
CA ILE A 187 -24.51 13.32 23.18
C ILE A 187 -24.17 12.94 24.62
N PRO A 188 -23.57 11.76 24.84
CA PRO A 188 -23.03 11.44 26.14
C PRO A 188 -22.09 12.50 26.71
N ALA A 189 -22.06 12.66 28.06
CA ALA A 189 -21.22 13.69 28.63
C ALA A 189 -19.74 13.40 28.40
N ASN A 190 -19.42 12.11 28.41
CA ASN A 190 -18.08 11.63 28.17
C ASN A 190 -18.17 10.06 28.00
N TYR A 191 -17.04 9.40 27.84
CA TYR A 191 -17.07 7.96 27.59
C TYR A 191 -17.30 7.14 28.85
N ALA A 192 -17.06 7.71 30.05
CA ALA A 192 -17.22 6.97 31.31
C ALA A 192 -18.67 6.93 31.80
N GLU A 193 -19.40 8.01 31.56
CA GLU A 193 -20.78 8.13 32.08
C GLU A 193 -21.78 7.79 30.97
N MET A 194 -21.63 6.56 30.46
CA MET A 194 -22.21 6.16 29.19
C MET A 194 -22.57 4.68 29.24
N ARG A 195 -23.69 4.36 28.62
CA ARG A 195 -24.17 3.00 28.44
C ARG A 195 -23.29 2.23 27.45
N GLY A 196 -23.31 0.88 27.55
CA GLY A 196 -22.77 0.05 26.50
C GLY A 196 -23.73 -1.06 26.14
N SER A 197 -23.72 -1.49 24.85
CA SER A 197 -24.66 -2.46 24.36
C SER A 197 -23.97 -3.38 23.34
N GLY A 198 -24.25 -4.69 23.34
CA GLY A 198 -23.77 -5.51 22.20
C GLY A 198 -24.59 -5.28 20.96
N VAL A 199 -25.81 -4.69 21.14
CA VAL A 199 -26.79 -4.41 20.07
C VAL A 199 -27.39 -5.66 19.48
N HIS A 200 -26.59 -6.51 18.81
CA HIS A 200 -27.13 -7.73 18.27
C HIS A 200 -27.39 -8.78 19.32
N THR A 201 -28.35 -9.60 19.00
CA THR A 201 -28.52 -10.97 19.55
C THR A 201 -27.36 -11.81 19.07
N PHE A 202 -26.72 -12.53 20.00
CA PHE A 202 -25.79 -13.56 19.70
C PHE A 202 -26.34 -14.92 20.18
N ARG A 203 -25.59 -15.93 19.92
CA ARG A 203 -25.91 -17.29 20.39
C ARG A 203 -24.91 -17.71 21.45
N TRP A 204 -25.41 -18.23 22.57
CA TRP A 204 -24.57 -18.84 23.59
C TRP A 204 -24.80 -20.32 23.53
N VAL A 205 -23.73 -21.10 23.47
CA VAL A 205 -23.83 -22.52 23.34
C VAL A 205 -23.06 -23.10 24.52
N ASN A 206 -23.73 -23.98 25.28
CA ASN A 206 -23.08 -24.64 26.45
C ASN A 206 -22.38 -26.01 26.13
N LYS A 207 -21.79 -26.63 27.15
CA LYS A 207 -21.03 -27.85 26.91
C LYS A 207 -21.90 -29.02 26.42
N TYR A 208 -23.21 -28.93 26.61
CA TYR A 208 -24.13 -29.99 26.12
C TYR A 208 -24.61 -29.68 24.70
N GLY A 209 -24.21 -28.55 24.15
CA GLY A 209 -24.65 -28.17 22.78
C GLY A 209 -25.96 -27.43 22.76
N GLU A 210 -26.46 -27.01 23.90
CA GLU A 210 -27.73 -26.29 24.02
C GLU A 210 -27.46 -24.82 23.76
N THR A 211 -28.35 -24.22 22.98
CA THR A 211 -28.20 -22.80 22.53
C THR A 211 -29.29 -21.91 23.12
N LYS A 212 -28.86 -20.70 23.57
CA LYS A 212 -29.79 -19.64 23.94
C LYS A 212 -29.36 -18.40 23.16
N TYR A 213 -30.33 -17.58 22.83
CA TYR A 213 -30.05 -16.22 22.38
C TYR A 213 -29.66 -15.33 23.56
N VAL A 214 -28.68 -14.40 23.30
CA VAL A 214 -28.19 -13.52 24.32
C VAL A 214 -28.06 -12.10 23.80
N LYS A 215 -28.31 -11.15 24.70
CA LYS A 215 -28.00 -9.74 24.52
C LYS A 215 -27.13 -9.30 25.68
N TYR A 216 -26.14 -8.47 25.35
CA TYR A 216 -25.20 -7.91 26.32
C TYR A 216 -25.51 -6.43 26.64
N HIS A 217 -25.27 -6.06 27.89
CA HIS A 217 -25.49 -4.69 28.33
C HIS A 217 -24.40 -4.28 29.31
N TRP A 218 -23.81 -3.09 29.13
CA TRP A 218 -22.83 -2.56 30.06
C TRP A 218 -23.47 -1.37 30.82
N ARG A 219 -23.43 -1.44 32.15
CA ARG A 219 -23.95 -0.38 33.03
C ARG A 219 -22.82 0.36 33.77
N PRO A 220 -22.66 1.64 33.49
CA PRO A 220 -21.56 2.39 34.06
C PRO A 220 -21.63 2.57 35.55
N SER A 221 -20.53 2.30 36.22
CA SER A 221 -20.43 2.60 37.64
C SER A 221 -20.56 4.07 37.88
N GLU A 222 -20.17 4.89 36.90
CA GLU A 222 -20.26 6.34 37.00
C GLU A 222 -21.65 6.94 36.64
N GLY A 223 -22.62 6.09 36.29
CA GLY A 223 -23.97 6.52 35.93
C GLY A 223 -23.99 6.95 34.50
N ILE A 224 -25.18 7.01 33.91
CA ILE A 224 -25.36 7.58 32.60
C ILE A 224 -25.60 9.09 32.69
N ARG A 225 -24.82 9.89 31.98
CA ARG A 225 -25.07 11.34 31.90
C ARG A 225 -24.88 11.89 30.54
N ASN A 226 -25.77 12.78 30.13
CA ASN A 226 -25.90 13.24 28.78
C ASN A 226 -25.75 14.78 28.74
N LEU A 227 -25.59 15.30 27.53
CA LEU A 227 -25.52 16.74 27.27
C LEU A 227 -26.66 17.22 26.41
N SER A 228 -27.28 18.35 26.83
CA SER A 228 -28.19 19.08 25.93
C SER A 228 -27.39 19.69 24.78
N MET A 229 -28.09 20.13 23.73
CA MET A 229 -27.40 20.84 22.66
C MET A 229 -26.59 21.98 23.21
N GLU A 230 -27.19 22.78 24.10
CA GLU A 230 -26.50 23.98 24.61
C GLU A 230 -25.33 23.62 25.56
N GLU A 231 -25.48 22.59 26.36
CA GLU A 231 -24.32 22.08 27.16
C GLU A 231 -23.18 21.55 26.28
N ALA A 232 -23.54 20.87 25.22
CA ALA A 232 -22.48 20.40 24.28
C ALA A 232 -21.75 21.55 23.62
N ALA A 233 -22.50 22.54 23.14
CA ALA A 233 -21.88 23.73 22.53
C ALA A 233 -20.94 24.45 23.49
N GLU A 234 -21.33 24.58 24.75
CA GLU A 234 -20.48 25.22 25.76
C GLU A 234 -19.13 24.48 25.90
N ILE A 235 -19.16 23.14 25.90
CA ILE A 235 -17.93 22.36 25.96
C ILE A 235 -17.17 22.53 24.68
N GLN A 236 -17.85 22.44 23.53
CA GLN A 236 -17.17 22.52 22.25
C GLN A 236 -16.43 23.84 22.03
N ALA A 237 -16.91 24.94 22.62
CA ALA A 237 -16.24 26.22 22.55
C ALA A 237 -14.78 26.17 22.97
N ASN A 238 -14.49 25.34 23.99
CA ASN A 238 -13.16 25.32 24.59
C ASN A 238 -12.41 24.00 24.54
N ASP A 239 -13.07 22.94 24.12
CA ASP A 239 -12.35 21.66 24.01
C ASP A 239 -13.06 20.79 22.98
N PHE A 240 -12.31 20.40 21.94
CA PHE A 240 -12.82 19.52 20.91
C PHE A 240 -12.40 18.05 21.16
N GLN A 241 -11.71 17.79 22.26
CA GLN A 241 -11.35 16.38 22.59
C GLN A 241 -11.66 16.10 24.06
N HIS A 242 -12.81 16.53 24.53
CA HIS A 242 -13.00 16.55 25.98
C HIS A 242 -13.19 15.13 26.61
N ALA A 243 -13.69 14.19 25.78
CA ALA A 243 -13.96 12.86 26.26
C ALA A 243 -12.67 12.09 26.28
N THR A 244 -11.84 12.27 25.24
CA THR A 244 -10.54 11.65 25.30
C THR A 244 -9.77 12.16 26.55
N ARG A 245 -9.86 13.46 26.78
CA ARG A 245 -9.18 14.07 27.92
C ARG A 245 -9.65 13.45 29.25
N ASP A 246 -10.96 13.39 29.40
CA ASP A 246 -11.60 12.88 30.61
C ASP A 246 -11.22 11.44 30.93
N LEU A 247 -11.22 10.60 29.91
CA LEU A 247 -10.87 9.18 30.10
C LEU A 247 -9.41 9.05 30.59
N TYR A 248 -8.50 9.74 29.91
CA TYR A 248 -7.11 9.65 30.23
C TYR A 248 -6.88 10.13 31.66
N ASP A 249 -7.49 11.27 31.95
CA ASP A 249 -7.29 11.92 33.25
CA ASP A 249 -7.30 11.93 33.24
C ASP A 249 -7.86 11.11 34.42
N ARG A 250 -9.03 10.52 34.25
CA ARG A 250 -9.59 9.59 35.26
C ARG A 250 -8.61 8.48 35.62
N ILE A 251 -8.07 7.84 34.57
CA ILE A 251 -7.18 6.74 34.77
C ILE A 251 -5.88 7.21 35.36
N GLU A 252 -5.39 8.35 34.89
CA GLU A 252 -4.10 8.85 35.39
C GLU A 252 -4.21 9.19 36.88
N LYS A 253 -5.38 9.63 37.30
CA LYS A 253 -5.68 9.96 38.72
C LYS A 253 -5.98 8.78 39.61
N GLY A 254 -6.25 7.63 39.03
CA GLY A 254 -6.60 6.46 39.80
C GLY A 254 -8.08 6.33 40.00
N ASN A 255 -8.86 7.16 39.33
CA ASN A 255 -10.30 7.12 39.44
C ASN A 255 -10.83 6.23 38.30
N TYR A 256 -10.64 4.92 38.44
CA TYR A 256 -10.87 3.98 37.31
C TYR A 256 -12.35 3.80 37.00
N PRO A 257 -12.78 4.06 35.75
CA PRO A 257 -14.20 3.86 35.42
C PRO A 257 -14.48 2.38 35.23
N ALA A 258 -15.72 1.99 35.53
CA ALA A 258 -16.08 0.61 35.45
C ALA A 258 -17.45 0.47 34.87
N TRP A 259 -17.75 -0.74 34.42
CA TRP A 259 -19.07 -1.11 33.91
C TRP A 259 -19.35 -2.49 34.38
N ASP A 260 -20.58 -2.68 34.82
CA ASP A 260 -21.09 -4.01 35.05
C ASP A 260 -21.67 -4.56 33.81
N LEU A 261 -21.32 -5.83 33.55
CA LEU A 261 -21.89 -6.58 32.41
C LEU A 261 -23.12 -7.38 32.84
N TYR A 262 -24.24 -7.15 32.15
CA TYR A 262 -25.47 -7.90 32.30
C TYR A 262 -25.81 -8.53 30.98
N VAL A 263 -26.44 -9.70 31.04
CA VAL A 263 -27.03 -10.30 29.86
C VAL A 263 -28.52 -10.53 30.00
N GLN A 264 -29.20 -10.59 28.86
CA GLN A 264 -30.53 -11.19 28.77
C GLN A 264 -30.45 -12.47 27.96
N LEU A 265 -31.22 -13.48 28.38
CA LEU A 265 -31.21 -14.78 27.74
C LEU A 265 -32.62 -15.12 27.26
N MET A 266 -32.74 -15.59 26.02
CA MET A 266 -34.03 -15.96 25.41
C MET A 266 -33.90 -17.33 24.77
N PRO A 267 -34.87 -18.23 25.05
CA PRO A 267 -34.92 -19.46 24.26
C PRO A 267 -35.08 -19.24 22.78
N LEU A 268 -34.42 -20.05 21.95
CA LEU A 268 -34.60 -19.93 20.50
C LEU A 268 -36.06 -20.03 20.15
N SER A 269 -36.80 -20.84 20.90
CA SER A 269 -38.18 -21.10 20.56
C SER A 269 -39.13 -19.90 20.79
N ASP A 270 -38.65 -18.87 21.50
CA ASP A 270 -39.48 -17.66 21.71
C ASP A 270 -39.65 -16.85 20.44
N TYR A 271 -38.85 -17.11 19.40
CA TYR A 271 -39.01 -16.37 18.13
C TYR A 271 -40.45 -16.32 17.77
N ASP A 272 -41.07 -17.50 17.81
CA ASP A 272 -42.26 -17.70 16.98
C ASP A 272 -43.48 -17.08 17.54
N GLU A 273 -43.42 -16.78 18.83
CA GLU A 273 -44.50 -16.16 19.55
C GLU A 273 -44.39 -14.65 19.77
N LEU A 274 -43.25 -14.01 19.44
CA LEU A 274 -43.05 -12.58 19.59
C LEU A 274 -43.65 -11.90 18.38
N ASP A 275 -43.98 -10.59 18.48
CA ASP A 275 -44.47 -9.82 17.32
C ASP A 275 -43.34 -8.98 16.62
N TYR A 276 -42.08 -9.36 16.90
CA TYR A 276 -40.94 -8.85 16.16
C TYR A 276 -40.00 -10.03 16.04
N ASP A 277 -39.02 -9.86 15.18
CA ASP A 277 -37.89 -10.82 15.04
C ASP A 277 -36.83 -10.50 16.11
N PRO A 278 -36.53 -11.47 17.02
CA PRO A 278 -35.59 -11.18 18.10
C PRO A 278 -34.17 -10.90 17.58
N CYS A 279 -33.89 -11.25 16.33
CA CYS A 279 -32.59 -11.00 15.68
C CYS A 279 -32.66 -9.81 14.70
N ASP A 280 -33.69 -8.98 14.84
CA ASP A 280 -33.74 -7.68 14.21
C ASP A 280 -33.05 -6.61 15.09
N PRO A 281 -31.90 -6.05 14.65
CA PRO A 281 -31.14 -5.14 15.53
C PRO A 281 -31.75 -3.72 15.63
N THR A 282 -32.90 -3.48 15.03
CA THR A 282 -33.70 -2.32 15.30
C THR A 282 -34.64 -2.54 16.49
N LYS A 283 -34.58 -3.73 17.15
CA LYS A 283 -35.41 -4.09 18.27
C LYS A 283 -34.58 -4.29 19.53
N THR A 284 -35.16 -3.95 20.67
CA THR A 284 -34.71 -4.41 22.00
C THR A 284 -35.65 -5.52 22.51
N TRP A 285 -35.17 -6.18 23.56
CA TRP A 285 -36.00 -7.14 24.28
C TRP A 285 -36.45 -6.51 25.56
N SER A 286 -37.69 -6.82 25.92
CA SER A 286 -38.23 -6.37 27.21
C SER A 286 -37.41 -6.81 28.40
N GLU A 287 -37.06 -5.89 29.27
CA GLU A 287 -36.32 -6.24 30.51
C GLU A 287 -37.22 -6.80 31.59
N GLU A 288 -38.53 -6.63 31.41
CA GLU A 288 -39.53 -7.32 32.28
C GLU A 288 -39.61 -8.80 31.86
N ASP A 289 -39.77 -9.07 30.56
CA ASP A 289 -39.92 -10.47 30.08
C ASP A 289 -38.62 -11.26 30.05
N TYR A 290 -37.50 -10.55 29.88
CA TYR A 290 -36.15 -11.16 29.80
C TYR A 290 -35.26 -10.34 30.70
N PRO A 291 -35.25 -10.65 31.99
CA PRO A 291 -34.56 -9.83 32.92
C PRO A 291 -33.06 -9.80 32.75
N LEU A 292 -32.47 -8.68 33.18
CA LEU A 292 -31.02 -8.56 33.18
C LEU A 292 -30.39 -9.42 34.26
N GLN A 293 -29.36 -10.15 33.87
CA GLN A 293 -28.68 -11.10 34.74
C GLN A 293 -27.22 -10.67 34.83
N LYS A 294 -26.72 -10.45 36.05
CA LYS A 294 -25.38 -9.92 36.22
C LYS A 294 -24.32 -10.97 35.91
N VAL A 295 -23.30 -10.57 35.12
CA VAL A 295 -22.19 -11.45 34.77
C VAL A 295 -20.93 -11.11 35.53
N GLY A 296 -20.56 -9.84 35.50
CA GLY A 296 -19.31 -9.42 36.07
C GLY A 296 -19.03 -7.99 35.82
N ARG A 297 -17.80 -7.61 36.10
CA ARG A 297 -17.45 -6.21 36.07
C ARG A 297 -16.11 -5.97 35.39
N MET A 298 -16.12 -4.95 34.53
CA MET A 298 -14.92 -4.51 33.81
C MET A 298 -14.44 -3.14 34.36
N THR A 299 -13.17 -3.08 34.71
CA THR A 299 -12.55 -1.88 35.24
C THR A 299 -11.43 -1.51 34.30
N LEU A 300 -11.42 -0.26 33.88
CA LEU A 300 -10.32 0.25 33.06
C LEU A 300 -9.32 1.03 33.90
N ASN A 301 -8.07 0.56 33.90
CA ASN A 301 -7.10 1.04 34.89
C ASN A 301 -5.71 1.41 34.33
N ARG A 302 -5.54 1.44 33.02
CA ARG A 302 -4.24 1.75 32.44
C ARG A 302 -4.38 2.45 31.07
N ASN A 303 -3.72 3.61 30.93
CA ASN A 303 -3.64 4.24 29.66
C ASN A 303 -2.56 3.53 28.80
N PRO A 304 -2.74 3.57 27.47
CA PRO A 304 -1.68 3.03 26.61
C PRO A 304 -0.38 3.77 26.71
N GLU A 305 0.67 3.10 26.28
CA GLU A 305 1.98 3.81 26.23
C GLU A 305 2.17 4.68 25.01
N ASN A 306 1.52 4.31 23.90
CA ASN A 306 1.67 5.09 22.65
C ASN A 306 0.32 5.04 21.91
N PHE A 307 -0.23 6.20 21.64
CA PHE A 307 -1.61 6.25 21.12
C PHE A 307 -1.67 5.61 19.74
N PHE A 308 -0.75 5.97 18.85
CA PHE A 308 -0.79 5.39 17.50
C PHE A 308 -0.69 3.85 17.54
N ALA A 309 0.34 3.35 18.22
CA ALA A 309 0.70 1.99 18.10
C ALA A 309 -0.39 1.10 18.69
N GLU A 310 -1.07 1.59 19.72
CA GLU A 310 -2.05 0.80 20.50
C GLU A 310 -3.47 1.21 20.19
N THR A 311 -3.81 2.47 20.29
CA THR A 311 -5.20 2.87 20.03
C THR A 311 -5.51 3.00 18.52
N GLU A 312 -4.65 3.70 17.79
CA GLU A 312 -4.92 3.91 16.38
C GLU A 312 -4.87 2.58 15.64
N GLN A 313 -3.93 1.70 15.99
CA GLN A 313 -3.77 0.44 15.25
C GLN A 313 -4.64 -0.74 15.83
N ALA A 314 -5.39 -0.53 16.91
CA ALA A 314 -6.31 -1.51 17.40
C ALA A 314 -7.32 -1.94 16.37
N ALA A 315 -7.53 -3.22 16.29
CA ALA A 315 -8.42 -3.84 15.34
C ALA A 315 -9.37 -4.75 16.16
N PHE A 316 -10.67 -4.46 16.09
CA PHE A 316 -11.71 -5.29 16.67
C PHE A 316 -12.55 -5.86 15.56
N THR A 317 -13.08 -7.08 15.73
CA THR A 317 -14.10 -7.61 14.82
C THR A 317 -15.19 -8.42 15.51
N PRO A 318 -16.48 -8.27 15.10
CA PRO A 318 -17.56 -9.09 15.73
C PRO A 318 -17.36 -10.58 15.43
N SER A 319 -16.60 -10.89 14.39
CA SER A 319 -16.24 -12.28 14.06
C SER A 319 -15.10 -12.83 14.85
N ALA A 320 -14.56 -12.09 15.80
CA ALA A 320 -13.57 -12.66 16.73
C ALA A 320 -14.38 -13.28 17.88
N LEU A 321 -14.90 -14.44 17.62
CA LEU A 321 -15.76 -15.18 18.58
C LEU A 321 -14.95 -16.30 19.21
N VAL A 322 -15.36 -16.77 20.38
CA VAL A 322 -14.65 -17.79 21.09
C VAL A 322 -15.63 -18.95 21.32
N PRO A 323 -15.09 -20.15 21.56
CA PRO A 323 -15.97 -21.28 21.70
C PRO A 323 -17.02 -21.02 22.76
N GLY A 324 -18.27 -21.33 22.38
CA GLY A 324 -19.46 -21.04 23.24
C GLY A 324 -20.20 -19.75 22.94
N ILE A 325 -19.61 -18.91 22.09
CA ILE A 325 -20.26 -17.65 21.67
C ILE A 325 -20.21 -17.56 20.17
N GLU A 326 -21.39 -17.50 19.57
CA GLU A 326 -21.55 -17.57 18.13
C GLU A 326 -22.40 -16.41 17.59
N ALA A 327 -22.28 -16.14 16.27
CA ALA A 327 -23.15 -15.15 15.63
C ALA A 327 -24.58 -15.63 15.63
N SER A 328 -25.53 -14.74 15.69
CA SER A 328 -26.85 -15.08 15.29
C SER A 328 -27.01 -14.79 13.79
N GLU A 329 -28.20 -15.12 13.31
CA GLU A 329 -28.65 -14.86 11.94
C GLU A 329 -28.91 -13.39 11.54
N ASP A 330 -28.78 -12.47 12.49
CA ASP A 330 -29.00 -11.05 12.27
C ASP A 330 -28.22 -10.59 10.99
N LYS A 331 -28.91 -9.99 9.99
CA LYS A 331 -28.31 -9.83 8.71
C LYS A 331 -27.35 -8.61 8.72
N LEU A 332 -27.51 -7.76 9.71
CA LEU A 332 -26.60 -6.61 9.93
C LEU A 332 -25.27 -7.18 10.50
N LEU A 333 -25.40 -8.01 11.53
CA LEU A 333 -24.20 -8.74 12.10
C LEU A 333 -23.47 -9.55 11.04
N GLN A 334 -24.20 -10.26 10.22
CA GLN A 334 -23.57 -11.10 9.23
C GLN A 334 -22.54 -10.35 8.35
N GLY A 335 -22.91 -9.19 7.87
CA GLY A 335 -21.99 -8.39 7.09
C GLY A 335 -20.79 -7.92 7.87
N ARG A 336 -21.02 -7.57 9.13
CA ARG A 336 -19.89 -7.09 10.00
C ARG A 336 -18.85 -8.12 10.12
N LEU A 337 -19.28 -9.39 10.17
CA LEU A 337 -18.33 -10.47 10.32
C LEU A 337 -17.24 -10.40 9.23
N PHE A 338 -17.63 -10.01 8.05
CA PHE A 338 -16.71 -9.80 6.90
C PHE A 338 -15.98 -8.42 6.94
N SER A 339 -16.74 -7.33 7.13
CA SER A 339 -16.26 -5.99 6.87
C SER A 339 -15.12 -5.59 7.78
N TYR A 340 -15.07 -6.03 9.04
CA TYR A 340 -14.02 -5.54 9.92
C TYR A 340 -12.65 -6.06 9.55
N PRO A 341 -12.45 -7.40 9.42
CA PRO A 341 -11.11 -7.89 9.06
C PRO A 341 -10.75 -7.48 7.65
N ASP A 342 -11.74 -7.34 6.77
CA ASP A 342 -11.52 -6.75 5.45
C ASP A 342 -10.92 -5.38 5.47
N THR A 343 -11.55 -4.46 6.20
CA THR A 343 -11.07 -3.08 6.23
C THR A 343 -9.69 -3.05 6.93
N GLN A 344 -9.53 -3.90 7.94
CA GLN A 344 -8.30 -3.92 8.72
C GLN A 344 -7.06 -4.39 7.95
N ARG A 345 -7.27 -5.33 7.04
CA ARG A 345 -6.21 -5.70 6.11
C ARG A 345 -5.70 -4.51 5.30
N HIS A 346 -6.60 -3.69 4.80
CA HIS A 346 -6.31 -2.43 4.09
C HIS A 346 -5.71 -1.37 5.02
N ARG A 347 -6.36 -1.11 6.17
CA ARG A 347 -6.00 0.02 6.98
C ARG A 347 -4.61 -0.23 7.63
N LEU A 348 -4.36 -1.48 8.00
CA LEU A 348 -3.25 -1.87 8.93
C LEU A 348 -2.20 -2.83 8.35
N GLY A 349 -2.53 -3.50 7.27
CA GLY A 349 -1.68 -4.50 6.64
C GLY A 349 -2.20 -5.90 6.81
N ALA A 350 -1.83 -6.74 5.88
CA ALA A 350 -2.15 -8.20 5.94
C ALA A 350 -1.84 -8.83 7.29
N ASN A 351 -0.73 -8.45 7.89
CA ASN A 351 -0.25 -8.96 9.17
C ASN A 351 -0.64 -8.12 10.36
N TYR A 352 -1.81 -7.47 10.30
CA TYR A 352 -2.24 -6.62 11.42
C TYR A 352 -2.48 -7.35 12.70
N MET A 353 -2.73 -8.66 12.62
CA MET A 353 -2.91 -9.44 13.86
C MET A 353 -1.62 -9.69 14.66
N ARG A 354 -0.49 -9.33 14.09
CA ARG A 354 0.80 -9.30 14.81
C ARG A 354 1.17 -8.01 15.49
N ILE A 355 0.37 -6.97 15.29
CA ILE A 355 0.60 -5.76 15.99
C ILE A 355 0.27 -6.04 17.45
N PRO A 356 1.12 -5.64 18.36
CA PRO A 356 0.99 -6.10 19.77
C PRO A 356 -0.40 -5.99 20.42
N VAL A 357 -1.09 -4.84 20.30
CA VAL A 357 -2.40 -4.75 20.89
C VAL A 357 -3.39 -5.75 20.34
N ASN A 358 -3.19 -6.22 19.11
CA ASN A 358 -4.09 -7.18 18.50
C ASN A 358 -3.74 -8.66 18.70
N CYS A 359 -2.55 -8.88 19.23
CA CYS A 359 -2.05 -10.26 19.48
C CYS A 359 -2.90 -10.95 20.52
N PRO A 360 -3.25 -12.23 20.30
CA PRO A 360 -3.81 -13.02 21.38
C PRO A 360 -2.82 -13.36 22.50
N TYR A 361 -3.35 -13.67 23.66
CA TYR A 361 -2.58 -14.33 24.72
C TYR A 361 -2.45 -15.83 24.44
N ALA A 362 -3.48 -16.42 23.87
CA ALA A 362 -3.48 -17.80 23.48
C ALA A 362 -2.49 -18.02 22.32
N PRO A 363 -1.90 -19.18 22.23
CA PRO A 363 -0.90 -19.50 21.20
C PRO A 363 -1.52 -19.45 19.82
N VAL A 364 -0.77 -18.97 18.85
CA VAL A 364 -1.21 -18.96 17.44
C VAL A 364 -0.24 -19.89 16.68
N HIS A 365 -0.78 -20.94 16.07
CA HIS A 365 -0.03 -21.86 15.25
C HIS A 365 -0.88 -22.13 14.01
N ASN A 366 -0.38 -21.80 12.86
CA ASN A 366 -1.04 -22.16 11.62
C ASN A 366 -0.12 -22.14 10.44
N ASN A 367 -0.66 -22.41 9.25
CA ASN A 367 0.15 -22.52 8.05
C ASN A 367 0.14 -21.26 7.17
N GLN A 368 -0.37 -20.17 7.71
CA GLN A 368 -0.31 -18.90 6.97
C GLN A 368 1.14 -18.49 6.88
N GLN A 369 1.43 -17.64 5.92
CA GLN A 369 2.78 -17.20 5.75
C GLN A 369 2.85 -15.86 5.04
N ASP A 370 3.99 -15.20 5.24
CA ASP A 370 4.45 -14.10 4.40
C ASP A 370 3.52 -12.87 4.54
N GLY A 371 3.46 -12.04 3.49
CA GLY A 371 2.71 -10.80 3.63
C GLY A 371 3.61 -9.63 4.00
N PHE A 372 3.16 -8.41 3.67
N PHE A 372 3.16 -8.43 3.68
CA PHE A 372 3.93 -7.20 4.05
CA PHE A 372 3.79 -7.19 4.11
C PHE A 372 4.33 -7.21 5.50
C PHE A 372 4.30 -7.20 5.52
N MET A 373 5.55 -6.77 5.75
CA MET A 373 6.04 -6.62 7.10
C MET A 373 5.92 -7.89 7.91
N THR A 374 6.59 -8.93 7.41
CA THR A 374 6.77 -10.15 8.19
C THR A 374 7.90 -9.95 9.19
N THR A 375 7.55 -9.85 10.46
CA THR A 375 8.51 -9.53 11.54
C THR A 375 8.67 -10.65 12.57
N THR A 376 7.94 -11.78 12.41
CA THR A 376 7.82 -12.84 13.45
C THR A 376 8.87 -13.95 13.43
N ARG A 377 9.90 -13.82 12.60
CA ARG A 377 10.97 -14.88 12.51
C ARG A 377 10.42 -16.30 12.28
N PRO A 378 9.71 -16.49 11.20
CA PRO A 378 9.18 -17.82 10.89
C PRO A 378 10.30 -18.82 10.61
N SER A 379 9.99 -20.10 10.79
CA SER A 379 10.88 -21.20 10.52
C SER A 379 10.10 -22.46 10.20
N GLY A 380 10.78 -23.44 9.62
CA GLY A 380 10.21 -24.76 9.36
C GLY A 380 9.82 -24.94 7.89
N HIS A 381 9.77 -26.21 7.44
CA HIS A 381 9.54 -26.54 6.06
C HIS A 381 8.05 -26.82 5.71
N ILE A 382 7.22 -26.92 6.73
CA ILE A 382 5.86 -27.49 6.60
C ILE A 382 4.88 -26.34 6.85
N ASN A 383 4.21 -25.96 5.77
CA ASN A 383 3.22 -24.90 5.79
C ASN A 383 1.94 -25.30 5.12
N TYR A 384 1.64 -26.60 5.23
CA TYR A 384 0.51 -27.22 4.52
C TYR A 384 -0.02 -28.33 5.46
N GLU A 385 -1.32 -28.54 5.41
CA GLU A 385 -2.00 -29.59 6.16
C GLU A 385 -3.11 -30.06 5.24
N PRO A 386 -3.34 -31.37 5.17
CA PRO A 386 -2.70 -32.46 5.97
C PRO A 386 -1.22 -32.72 5.62
N ASN A 387 -0.50 -33.17 6.61
CA ASN A 387 0.87 -33.55 6.46
C ASN A 387 1.17 -34.78 7.29
N ARG A 388 2.35 -35.34 7.08
CA ARG A 388 2.70 -36.64 7.72
C ARG A 388 3.28 -36.47 9.11
N TYR A 389 3.34 -35.26 9.65
CA TYR A 389 4.10 -34.98 10.85
C TYR A 389 3.19 -34.77 12.05
N ASP A 390 3.33 -35.62 13.05
CA ASP A 390 2.41 -35.60 14.18
C ASP A 390 2.54 -34.38 15.10
N ASP A 391 3.72 -33.78 15.07
CA ASP A 391 4.08 -32.63 15.86
C ASP A 391 3.62 -31.31 15.24
N GLN A 392 3.25 -31.31 13.96
CA GLN A 392 2.75 -30.09 13.32
C GLN A 392 1.31 -29.79 13.75
N PRO A 393 0.87 -28.55 13.62
CA PRO A 393 -0.46 -28.26 14.17
C PRO A 393 -1.58 -29.04 13.47
N LYS A 394 -2.55 -29.48 14.24
CA LYS A 394 -3.66 -30.21 13.71
C LYS A 394 -4.93 -29.59 14.21
N GLU A 395 -6.01 -29.80 13.46
CA GLU A 395 -7.34 -29.47 13.92
C GLU A 395 -7.73 -30.26 15.19
N ASN A 396 -8.63 -29.67 15.96
CA ASN A 396 -9.06 -30.21 17.20
C ASN A 396 -10.60 -30.19 17.24
N PRO A 397 -11.23 -31.34 17.05
CA PRO A 397 -12.67 -31.33 16.93
C PRO A 397 -13.44 -30.99 18.20
N HIS A 398 -12.78 -30.98 19.36
CA HIS A 398 -13.42 -30.41 20.56
C HIS A 398 -13.85 -28.95 20.33
N TYR A 399 -13.21 -28.26 19.41
CA TYR A 399 -13.49 -26.83 19.24
C TYR A 399 -14.39 -26.50 18.06
N LYS A 400 -15.11 -27.50 17.54
CA LYS A 400 -16.09 -27.23 16.50
C LYS A 400 -17.18 -26.31 17.05
N GLU A 401 -17.69 -25.46 16.18
CA GLU A 401 -18.83 -24.67 16.49
C GLU A 401 -20.13 -25.46 16.33
N SER A 402 -21.22 -24.87 16.80
CA SER A 402 -22.54 -25.48 16.69
C SER A 402 -23.01 -25.56 15.24
N GLU A 403 -24.13 -26.24 15.04
CA GLU A 403 -24.77 -26.40 13.74
C GLU A 403 -26.19 -25.79 13.70
N PRO A 404 -26.29 -24.45 13.53
CA PRO A 404 -27.64 -23.81 13.64
C PRO A 404 -28.66 -24.33 12.59
N VAL A 405 -29.90 -24.52 13.04
CA VAL A 405 -30.97 -24.94 12.20
C VAL A 405 -31.33 -23.81 11.24
N LEU A 406 -31.55 -24.16 9.99
CA LEU A 406 -31.98 -23.22 8.97
C LEU A 406 -33.48 -23.39 8.77
N HIS A 407 -34.18 -22.28 8.74
CA HIS A 407 -35.60 -22.33 8.58
C HIS A 407 -35.96 -22.15 7.10
N GLY A 408 -35.07 -21.54 6.33
CA GLY A 408 -35.34 -21.34 4.91
C GLY A 408 -34.97 -22.48 4.02
N ASP A 409 -35.68 -22.58 2.91
CA ASP A 409 -35.48 -23.67 1.97
C ASP A 409 -34.84 -23.21 0.64
N ARG A 410 -34.59 -21.91 0.50
CA ARG A 410 -34.02 -21.32 -0.74
C ARG A 410 -33.06 -20.14 -0.40
N MET A 411 -32.18 -19.86 -1.35
CA MET A 411 -31.28 -18.68 -1.27
C MET A 411 -32.12 -17.54 -1.77
N VAL A 412 -32.42 -16.61 -0.88
CA VAL A 412 -33.32 -15.52 -1.21
CA VAL A 412 -33.31 -15.50 -1.23
C VAL A 412 -32.69 -14.18 -0.84
N ARG A 413 -33.15 -13.13 -1.50
CA ARG A 413 -33.02 -11.75 -1.04
C ARG A 413 -34.43 -11.23 -0.73
N GLN A 414 -34.72 -11.13 0.56
CA GLN A 414 -36.04 -10.81 1.04
C GLN A 414 -35.99 -10.29 2.46
N LYS A 415 -36.79 -9.29 2.76
CA LYS A 415 -36.86 -8.72 4.10
C LYS A 415 -37.37 -9.69 5.10
N ILE A 416 -36.86 -9.63 6.34
CA ILE A 416 -37.39 -10.42 7.40
C ILE A 416 -38.91 -10.24 7.54
N GLU A 417 -39.53 -11.28 8.08
CA GLU A 417 -40.91 -11.17 8.51
C GLU A 417 -41.01 -10.37 9.78
N LYS A 418 -42.21 -9.92 10.08
CA LYS A 418 -42.48 -9.09 11.26
C LYS A 418 -41.51 -7.91 11.44
N PRO A 419 -41.37 -7.06 10.45
CA PRO A 419 -40.39 -5.95 10.64
C PRO A 419 -40.84 -4.98 11.67
N ASN A 420 -42.17 -4.71 11.75
CA ASN A 420 -42.73 -3.95 12.88
C ASN A 420 -41.93 -2.68 13.19
N ASP A 421 -41.91 -1.75 12.22
CA ASP A 421 -40.91 -0.64 12.23
C ASP A 421 -41.20 0.45 13.23
N PHE A 422 -42.45 0.52 13.74
CA PHE A 422 -42.90 1.66 14.57
C PHE A 422 -43.23 1.40 16.03
N LYS A 423 -43.53 0.15 16.38
CA LYS A 423 -44.02 -0.12 17.70
C LYS A 423 -43.07 0.23 18.82
N GLN A 424 -41.84 -0.29 18.77
CA GLN A 424 -40.89 -0.01 19.84
C GLN A 424 -40.48 1.45 19.92
N ALA A 425 -40.47 2.17 18.80
CA ALA A 425 -40.19 3.61 18.80
C ALA A 425 -41.27 4.32 19.64
N GLY A 426 -42.50 3.91 19.47
CA GLY A 426 -43.61 4.49 20.27
C GLY A 426 -43.42 4.14 21.75
N GLU A 427 -43.02 2.89 22.05
CA GLU A 427 -42.80 2.51 23.43
C GLU A 427 -41.69 3.28 24.07
N LYS A 428 -40.62 3.54 23.30
CA LYS A 428 -39.52 4.35 23.81
C LYS A 428 -39.98 5.76 24.06
N TYR A 429 -40.68 6.34 23.10
CA TYR A 429 -41.21 7.71 23.26
C TYR A 429 -42.01 7.83 24.56
N ARG A 430 -42.93 6.89 24.74
CA ARG A 430 -43.80 6.97 25.90
C ARG A 430 -43.08 6.74 27.20
N SER A 431 -41.92 6.08 27.18
CA SER A 431 -41.11 5.84 28.39
C SER A 431 -40.31 7.07 28.84
N TYR A 432 -40.23 8.10 27.97
CA TYR A 432 -39.53 9.29 28.31
C TYR A 432 -40.37 10.10 29.34
N SER A 433 -39.68 10.76 30.27
CA SER A 433 -40.28 11.83 31.08
C SER A 433 -40.70 12.97 30.19
N GLU A 434 -41.52 13.87 30.71
CA GLU A 434 -41.98 14.97 29.94
C GLU A 434 -40.80 15.82 29.51
N GLU A 435 -39.80 15.99 30.39
CA GLU A 435 -38.62 16.81 30.13
C GLU A 435 -37.86 16.16 28.97
N GLU A 436 -37.73 14.83 29.04
CA GLU A 436 -37.02 14.08 27.99
C GLU A 436 -37.77 14.17 26.64
N LYS A 437 -39.09 14.07 26.67
CA LYS A 437 -39.85 14.22 25.44
C LYS A 437 -39.63 15.63 24.88
N GLN A 438 -39.61 16.61 25.76
CA GLN A 438 -39.42 18.00 25.26
C GLN A 438 -38.05 18.15 24.61
N ALA A 439 -37.06 17.51 25.19
CA ALA A 439 -35.69 17.59 24.66
C ALA A 439 -35.63 16.88 23.26
N LEU A 440 -36.25 15.72 23.17
CA LEU A 440 -36.33 14.95 21.92
C LEU A 440 -36.93 15.83 20.83
N ILE A 441 -38.08 16.45 21.15
CA ILE A 441 -38.78 17.25 20.12
C ILE A 441 -37.92 18.47 19.73
N LYS A 442 -37.29 19.08 20.71
CA LYS A 442 -36.38 20.21 20.46
C LYS A 442 -35.20 19.81 19.54
N ASN A 443 -34.60 18.63 19.84
CA ASN A 443 -33.40 18.18 19.10
C ASN A 443 -33.76 17.77 17.67
N LEU A 444 -34.92 17.12 17.53
CA LEU A 444 -35.45 16.80 16.19
C LEU A 444 -35.80 18.01 15.38
N THR A 445 -36.45 18.98 16.03
CA THR A 445 -36.85 20.20 15.32
C THR A 445 -35.65 20.96 14.79
N ALA A 446 -34.62 21.09 15.59
CA ALA A 446 -33.42 21.80 15.18
C ALA A 446 -32.77 21.12 13.98
N ASP A 447 -32.84 19.79 13.95
CA ASP A 447 -32.27 19.01 12.87
C ASP A 447 -33.05 19.01 11.58
N LEU A 448 -34.39 19.05 11.71
CA LEU A 448 -35.29 18.90 10.57
C LEU A 448 -35.69 20.23 9.92
N LYS A 449 -35.57 21.29 10.66
CA LYS A 449 -36.20 22.58 10.23
C LYS A 449 -35.74 23.07 8.90
N GLY A 450 -34.54 22.74 8.47
CA GLY A 450 -34.05 23.12 7.11
C GLY A 450 -34.11 22.11 5.99
N VAL A 451 -34.65 20.93 6.25
CA VAL A 451 -34.65 19.89 5.23
C VAL A 451 -35.85 20.05 4.29
N ASN A 452 -35.70 19.46 3.11
CA ASN A 452 -36.73 19.39 2.08
C ASN A 452 -38.13 19.12 2.67
N GLU A 453 -39.13 19.84 2.20
CA GLU A 453 -40.46 19.77 2.83
C GLU A 453 -41.11 18.38 2.75
N LYS A 454 -40.97 17.70 1.64
CA LYS A 454 -41.50 16.35 1.49
C LYS A 454 -40.80 15.37 2.47
N THR A 455 -39.48 15.50 2.56
CA THR A 455 -38.73 14.66 3.50
C THR A 455 -39.14 14.93 4.96
N LYS A 456 -39.27 16.18 5.27
CA LYS A 456 -39.68 16.63 6.61
C LYS A 456 -41.05 16.07 6.98
N LEU A 457 -41.98 16.12 6.03
CA LEU A 457 -43.32 15.49 6.21
C LEU A 457 -43.19 14.00 6.46
N LEU A 458 -42.38 13.31 5.65
CA LEU A 458 -42.28 11.85 5.79
C LEU A 458 -41.68 11.52 7.15
N ALA A 459 -40.72 12.31 7.63
CA ALA A 459 -40.18 12.10 8.98
C ALA A 459 -41.23 12.23 10.06
N ILE A 460 -42.02 13.30 9.96
CA ILE A 460 -43.14 13.50 10.87
C ILE A 460 -44.11 12.32 10.88
N CYS A 461 -44.47 11.87 9.69
CA CYS A 461 -45.37 10.73 9.55
C CYS A 461 -44.80 9.46 10.16
N ASN A 462 -43.49 9.23 10.00
CA ASN A 462 -42.93 8.04 10.63
C ASN A 462 -43.03 8.11 12.15
N PHE A 463 -42.73 9.26 12.73
CA PHE A 463 -42.80 9.41 14.19
C PHE A 463 -44.26 9.42 14.66
N TYR A 464 -45.18 9.88 13.79
CA TYR A 464 -46.63 9.83 14.09
C TYR A 464 -47.08 8.33 14.23
N ARG A 465 -46.59 7.48 13.32
CA ARG A 465 -46.92 6.06 13.36
C ARG A 465 -46.36 5.41 14.59
N ALA A 466 -45.20 5.85 15.06
CA ALA A 466 -44.66 5.39 16.35
C ALA A 466 -45.63 5.79 17.48
N ASP A 467 -45.99 7.04 17.54
CA ASP A 467 -46.92 7.53 18.57
C ASP A 467 -47.54 8.86 18.11
N GLU A 468 -48.88 8.95 18.15
CA GLU A 468 -49.56 10.14 17.58
C GLU A 468 -49.17 11.43 18.27
N ASP A 469 -48.93 11.40 19.59
CA ASP A 469 -48.48 12.57 20.34
C ASP A 469 -47.06 13.02 19.90
N TYR A 470 -46.15 12.04 19.79
CA TYR A 470 -44.80 12.26 19.25
C TYR A 470 -44.90 12.98 17.93
N GLY A 471 -45.59 12.39 16.96
CA GLY A 471 -45.67 13.00 15.61
C GLY A 471 -46.34 14.34 15.56
N GLN A 472 -47.46 14.48 16.30
CA GLN A 472 -48.17 15.79 16.35
C GLN A 472 -47.35 16.91 16.98
N ARG A 473 -46.67 16.62 18.10
CA ARG A 473 -45.78 17.55 18.75
C ARG A 473 -44.68 18.00 17.83
N LEU A 474 -44.14 17.07 17.05
CA LEU A 474 -43.03 17.45 16.14
C LEU A 474 -43.54 18.30 14.99
N ALA A 475 -44.71 17.93 14.45
CA ALA A 475 -45.35 18.73 13.38
C ALA A 475 -45.56 20.14 13.88
N ASP A 476 -46.06 20.24 15.10
CA ASP A 476 -46.40 21.54 15.67
C ASP A 476 -45.16 22.39 15.79
N SER A 477 -44.09 21.78 16.31
CA SER A 477 -42.84 22.49 16.59
C SER A 477 -42.17 22.95 15.28
N LEU A 478 -42.34 22.15 14.23
CA LEU A 478 -41.89 22.51 12.88
C LEU A 478 -42.80 23.45 12.04
N GLY A 479 -44.02 23.73 12.54
CA GLY A 479 -45.01 24.51 11.80
C GLY A 479 -45.57 23.76 10.58
N VAL A 480 -45.60 22.43 10.63
CA VAL A 480 -46.12 21.64 9.52
C VAL A 480 -47.51 21.14 9.81
N ASP A 481 -48.36 21.40 8.82
CA ASP A 481 -49.81 21.08 8.93
C ASP A 481 -50.02 19.70 8.44
N ILE A 482 -50.41 18.80 9.34
CA ILE A 482 -50.61 17.41 8.95
C ILE A 482 -52.07 17.02 8.88
N ARG A 483 -52.98 17.99 8.97
CA ARG A 483 -54.43 17.71 8.83
C ARG A 483 -54.81 16.83 7.64
N SER A 484 -54.39 17.20 6.45
CA SER A 484 -54.76 16.37 5.29
C SER A 484 -54.18 14.92 5.28
N TYR A 485 -52.98 14.70 5.81
CA TYR A 485 -52.68 13.37 6.40
C TYR A 485 -53.53 13.23 7.68
N HIS B 6 8.19 15.46 -33.71
CA HIS B 6 9.16 15.69 -32.58
C HIS B 6 8.50 16.19 -31.30
N LYS B 7 9.06 15.79 -30.17
CA LYS B 7 8.38 15.96 -28.87
C LYS B 7 9.47 16.20 -27.84
N ASN B 8 9.21 17.10 -26.89
CA ASN B 8 10.07 17.24 -25.71
C ASN B 8 9.89 16.08 -24.75
N LEU B 9 11.00 15.62 -24.20
CA LEU B 9 10.99 14.87 -22.94
C LEU B 9 10.63 15.84 -21.83
N THR B 10 9.64 15.48 -20.98
CA THR B 10 9.22 16.34 -19.92
C THR B 10 9.28 15.67 -18.56
N THR B 11 9.15 16.45 -17.52
CA THR B 11 8.80 15.89 -16.21
C THR B 11 7.29 15.55 -16.13
N ASN B 12 6.85 14.91 -15.04
CA ASN B 12 5.44 14.68 -14.86
C ASN B 12 4.59 15.91 -14.63
N GLN B 13 5.29 17.02 -14.31
CA GLN B 13 4.67 18.36 -14.19
C GLN B 13 4.51 19.01 -15.55
N GLY B 14 5.03 18.41 -16.62
CA GLY B 14 4.89 18.99 -17.99
C GLY B 14 5.95 20.01 -18.32
N VAL B 15 7.02 20.06 -17.52
CA VAL B 15 8.15 20.96 -17.80
C VAL B 15 9.13 20.23 -18.75
N PRO B 16 9.46 20.81 -19.90
CA PRO B 16 10.54 20.18 -20.70
C PRO B 16 11.92 20.02 -19.98
N VAL B 17 12.57 18.88 -20.24
CA VAL B 17 13.79 18.53 -19.57
C VAL B 17 14.97 19.06 -20.37
N GLY B 18 15.76 19.95 -19.77
CA GLY B 18 16.91 20.50 -20.43
C GLY B 18 18.09 19.53 -20.66
N ASP B 19 18.21 18.54 -19.78
CA ASP B 19 19.33 17.61 -19.80
C ASP B 19 18.89 16.31 -19.16
N ASN B 20 18.75 15.28 -19.97
CA ASN B 20 18.42 13.96 -19.48
C ASN B 20 19.61 13.05 -19.34
N GLN B 21 20.85 13.61 -19.39
CA GLN B 21 22.10 12.81 -19.30
C GLN B 21 22.83 13.01 -17.96
N ASN B 22 22.83 14.24 -17.44
CA ASN B 22 23.63 14.56 -16.27
C ASN B 22 22.79 14.97 -15.11
N SER B 23 23.09 14.37 -13.97
CA SER B 23 22.66 14.86 -12.69
C SER B 23 23.22 16.24 -12.41
N ARG B 24 22.58 16.97 -11.48
CA ARG B 24 23.03 18.32 -11.11
C ARG B 24 24.00 18.21 -9.91
N THR B 25 25.20 18.77 -10.09
CA THR B 25 26.33 18.45 -9.26
C THR B 25 27.12 19.71 -8.91
N ALA B 26 28.00 19.59 -7.91
CA ALA B 26 28.94 20.64 -7.57
C ALA B 26 30.16 20.65 -8.49
N GLY B 27 30.04 21.39 -9.58
CA GLY B 27 30.96 21.26 -10.73
C GLY B 27 30.87 19.92 -11.43
N HIS B 28 31.65 19.77 -12.49
CA HIS B 28 31.49 18.60 -13.35
C HIS B 28 31.88 17.26 -12.74
N ARG B 29 32.62 17.25 -11.65
CA ARG B 29 32.95 16.02 -11.00
C ARG B 29 32.57 15.92 -9.53
N GLY B 30 31.65 16.77 -9.07
CA GLY B 30 31.42 16.87 -7.62
C GLY B 30 30.21 16.02 -7.29
N PRO B 31 29.88 15.98 -6.02
CA PRO B 31 28.72 15.24 -5.54
C PRO B 31 27.42 15.91 -6.02
N SER B 32 26.34 15.17 -5.85
CA SER B 32 25.01 15.53 -6.40
C SER B 32 24.17 16.33 -5.46
N PHE B 33 23.40 17.25 -6.03
CA PHE B 33 22.52 18.13 -5.25
C PHE B 33 21.13 17.50 -5.10
N LEU B 34 20.52 17.82 -3.96
CA LEU B 34 19.13 17.51 -3.70
C LEU B 34 18.14 18.16 -4.62
N ASP B 35 18.44 19.41 -5.00
CA ASP B 35 17.58 20.15 -5.91
C ASP B 35 17.78 19.71 -7.38
N ASP B 36 17.31 18.51 -7.65
CA ASP B 36 17.34 17.96 -8.99
C ASP B 36 16.04 17.24 -9.11
N TYR B 37 14.99 18.00 -9.40
CA TYR B 37 13.65 17.39 -9.41
C TYR B 37 13.55 16.29 -10.45
N HIS B 38 14.09 16.51 -11.64
CA HIS B 38 14.05 15.47 -12.68
C HIS B 38 14.67 14.15 -12.23
N LEU B 39 15.85 14.20 -11.61
CA LEU B 39 16.55 12.98 -11.15
C LEU B 39 15.63 12.30 -10.15
N ILE B 40 15.11 13.06 -9.15
CA ILE B 40 14.45 12.45 -8.03
C ILE B 40 13.10 11.90 -8.50
N GLU B 41 12.40 12.66 -9.35
CA GLU B 41 11.13 12.17 -9.89
C GLU B 41 11.28 10.89 -10.73
N LYS B 42 12.27 10.89 -11.60
CA LYS B 42 12.56 9.78 -12.48
C LYS B 42 13.04 8.55 -11.72
N LEU B 43 13.96 8.68 -10.77
CA LEU B 43 14.35 7.54 -9.94
C LEU B 43 13.22 7.06 -9.04
N ALA B 44 12.45 7.99 -8.48
CA ALA B 44 11.37 7.64 -7.49
C ALA B 44 10.28 6.88 -8.23
N HIS B 45 9.99 7.27 -9.47
CA HIS B 45 9.00 6.47 -10.20
C HIS B 45 9.54 5.09 -10.63
N PHE B 46 10.75 5.03 -11.15
CA PHE B 46 11.47 3.77 -11.36
C PHE B 46 11.42 2.84 -10.15
N ASP B 47 11.68 3.42 -8.98
CA ASP B 47 11.74 2.70 -7.67
C ASP B 47 10.39 2.08 -7.28
N ARG B 48 9.34 2.51 -7.98
CA ARG B 48 7.99 2.05 -7.68
C ARG B 48 7.26 1.34 -8.80
N GLU B 49 7.96 0.93 -9.85
CA GLU B 49 7.36 0.32 -11.00
C GLU B 49 6.62 -0.97 -10.69
N ARG B 50 7.12 -1.74 -9.72
CA ARG B 50 6.63 -3.06 -9.52
C ARG B 50 5.42 -3.09 -8.54
N ILE B 51 4.52 -4.05 -8.81
CA ILE B 51 3.43 -4.45 -7.97
C ILE B 51 3.54 -5.93 -7.63
N PRO B 52 2.81 -6.40 -6.63
CA PRO B 52 2.92 -7.85 -6.36
C PRO B 52 2.49 -8.65 -7.54
N GLU B 53 3.16 -9.78 -7.78
CA GLU B 53 2.68 -10.73 -8.75
C GLU B 53 1.44 -11.47 -8.19
N ARG B 54 0.72 -12.10 -9.12
CA ARG B 54 -0.36 -12.97 -8.75
C ARG B 54 0.13 -14.04 -7.82
N VAL B 55 -0.68 -14.36 -6.80
CA VAL B 55 -0.25 -15.35 -5.79
C VAL B 55 -0.10 -16.77 -6.40
N VAL B 56 -0.88 -17.03 -7.45
CA VAL B 56 -0.68 -18.18 -8.37
C VAL B 56 -0.94 -17.71 -9.77
N HIS B 57 -0.50 -18.46 -10.77
CA HIS B 57 -0.60 -18.04 -12.17
C HIS B 57 0.16 -16.73 -12.49
N ALA B 58 1.26 -16.56 -11.78
CA ALA B 58 2.07 -15.31 -11.96
C ALA B 58 2.60 -15.14 -13.38
N ARG B 59 3.06 -16.22 -14.01
CA ARG B 59 3.62 -16.25 -15.37
C ARG B 59 2.55 -16.49 -16.39
N GLY B 60 2.35 -15.49 -17.23
CA GLY B 60 1.35 -15.63 -18.31
C GLY B 60 1.41 -14.60 -19.37
N ALA B 61 0.48 -14.71 -20.31
CA ALA B 61 0.51 -13.90 -21.52
C ALA B 61 -0.95 -13.63 -21.92
N GLY B 62 -1.21 -12.45 -22.48
CA GLY B 62 -2.57 -12.04 -22.87
C GLY B 62 -2.78 -11.65 -24.32
N ALA B 63 -4.02 -11.73 -24.76
CA ALA B 63 -4.39 -11.29 -26.08
C ALA B 63 -5.85 -10.93 -26.10
N TYR B 64 -6.25 -10.03 -26.99
CA TYR B 64 -7.61 -9.72 -27.25
C TYR B 64 -8.17 -10.51 -28.47
N GLY B 65 -9.45 -10.68 -28.47
CA GLY B 65 -10.15 -11.27 -29.61
C GLY B 65 -11.63 -11.03 -29.65
N VAL B 66 -12.32 -11.94 -30.35
CA VAL B 66 -13.78 -11.92 -30.48
C VAL B 66 -14.34 -13.31 -30.29
N PHE B 67 -15.47 -13.40 -29.63
CA PHE B 67 -16.28 -14.57 -29.60
C PHE B 67 -17.53 -14.38 -30.45
N GLU B 68 -17.82 -15.35 -31.30
CA GLU B 68 -19.04 -15.34 -32.14
C GLU B 68 -19.91 -16.52 -31.92
N VAL B 69 -21.17 -16.25 -31.63
CA VAL B 69 -22.16 -17.33 -31.42
C VAL B 69 -22.46 -17.99 -32.75
N GLU B 70 -22.44 -19.32 -32.74
CA GLU B 70 -22.98 -20.13 -33.82
C GLU B 70 -24.38 -20.65 -33.52
N ASN B 71 -24.62 -21.19 -32.33
CA ASN B 71 -25.93 -21.65 -31.94
C ASN B 71 -26.42 -20.89 -30.73
N SER B 72 -27.51 -20.19 -30.86
CA SER B 72 -28.03 -19.43 -29.72
C SER B 72 -28.47 -20.35 -28.57
N MET B 73 -28.30 -19.89 -27.33
CA MET B 73 -28.47 -20.73 -26.16
C MET B 73 -29.64 -20.26 -25.35
N GLU B 74 -30.50 -19.45 -25.93
CA GLU B 74 -31.64 -18.87 -25.15
C GLU B 74 -32.64 -19.87 -24.55
N LYS B 75 -32.72 -21.08 -25.10
CA LYS B 75 -33.55 -22.13 -24.48
C LYS B 75 -33.07 -22.48 -23.08
N HIS B 76 -31.78 -22.29 -22.84
CA HIS B 76 -31.15 -22.75 -21.59
C HIS B 76 -30.58 -21.66 -20.72
N THR B 77 -30.25 -20.54 -21.29
CA THR B 77 -29.74 -19.42 -20.51
C THR B 77 -30.23 -18.11 -21.13
N ARG B 78 -30.58 -17.19 -20.26
CA ARG B 78 -30.89 -15.79 -20.70
C ARG B 78 -29.65 -14.94 -20.94
N ALA B 79 -28.45 -15.53 -20.91
CA ALA B 79 -27.25 -14.71 -21.05
C ALA B 79 -27.30 -13.92 -22.38
N ALA B 80 -27.16 -12.60 -22.28
CA ALA B 80 -27.29 -11.75 -23.47
C ALA B 80 -26.30 -12.07 -24.57
N PHE B 81 -25.04 -12.28 -24.21
CA PHE B 81 -24.03 -12.53 -25.21
C PHE B 81 -24.22 -13.85 -25.98
N LEU B 82 -25.09 -14.75 -25.49
CA LEU B 82 -25.35 -16.04 -26.17
C LEU B 82 -26.69 -16.06 -26.88
N SER B 83 -27.33 -14.89 -27.08
CA SER B 83 -28.78 -14.87 -27.35
C SER B 83 -29.14 -15.05 -28.81
N GLU B 84 -28.19 -14.84 -29.72
CA GLU B 84 -28.50 -14.80 -31.16
C GLU B 84 -27.30 -15.36 -31.96
N GLU B 85 -27.62 -16.17 -32.97
CA GLU B 85 -26.64 -16.63 -33.95
C GLU B 85 -25.94 -15.41 -34.56
N GLY B 86 -24.63 -15.47 -34.69
CA GLY B 86 -23.85 -14.37 -35.26
C GLY B 86 -23.40 -13.29 -34.28
N LYS B 87 -23.91 -13.31 -33.05
CA LYS B 87 -23.65 -12.23 -32.09
C LYS B 87 -22.20 -12.28 -31.69
N GLN B 88 -21.50 -11.14 -31.82
CA GLN B 88 -20.06 -11.04 -31.50
C GLN B 88 -19.85 -10.27 -30.23
N THR B 89 -18.94 -10.75 -29.39
CA THR B 89 -18.60 -10.13 -28.12
C THR B 89 -17.09 -10.08 -28.06
N ASP B 90 -16.56 -8.91 -27.74
CA ASP B 90 -15.13 -8.76 -27.54
C ASP B 90 -14.63 -9.56 -26.32
N VAL B 91 -13.42 -10.13 -26.41
CA VAL B 91 -12.78 -10.75 -25.29
C VAL B 91 -11.36 -10.29 -25.03
N PHE B 92 -10.94 -10.46 -23.77
CA PHE B 92 -9.53 -10.44 -23.34
C PHE B 92 -9.21 -11.78 -22.65
N VAL B 93 -8.10 -12.42 -23.01
CA VAL B 93 -7.78 -13.79 -22.53
C VAL B 93 -6.37 -13.75 -21.99
N ARG B 94 -6.17 -14.28 -20.80
CA ARG B 94 -4.82 -14.54 -20.29
C ARG B 94 -4.62 -16.04 -20.06
N PHE B 95 -3.48 -16.55 -20.55
CA PHE B 95 -3.04 -17.96 -20.37
C PHE B 95 -1.88 -17.89 -19.42
N SER B 96 -1.63 -18.98 -18.72
CA SER B 96 -0.65 -18.92 -17.65
C SER B 96 -0.18 -20.32 -17.28
N THR B 97 0.96 -20.39 -16.61
CA THR B 97 1.28 -21.51 -15.78
C THR B 97 0.68 -21.27 -14.38
N VAL B 98 0.99 -22.11 -13.39
CA VAL B 98 0.38 -21.96 -12.02
C VAL B 98 1.33 -21.63 -10.88
N ILE B 99 2.38 -22.43 -10.68
CA ILE B 99 3.06 -22.41 -9.39
C ILE B 99 4.21 -21.45 -9.31
N HIS B 100 5.04 -21.34 -10.34
CA HIS B 100 6.28 -20.63 -10.19
C HIS B 100 6.09 -19.12 -10.47
N PRO B 101 7.05 -18.26 -10.12
CA PRO B 101 6.86 -16.81 -10.22
C PRO B 101 6.89 -16.28 -11.64
N LYS B 102 6.66 -14.98 -11.77
N LYS B 102 6.74 -14.96 -11.77
CA LYS B 102 6.57 -14.28 -13.04
CA LYS B 102 7.11 -14.24 -12.99
C LYS B 102 7.54 -14.60 -14.16
C LYS B 102 8.52 -14.57 -13.42
N GLY B 103 8.81 -14.83 -13.82
N GLY B 103 8.70 -14.71 -14.72
CA GLY B 103 9.88 -15.06 -14.83
CA GLY B 103 10.03 -15.04 -15.15
C GLY B 103 10.26 -16.51 -15.10
C GLY B 103 10.29 -16.54 -15.19
N SER B 104 9.43 -17.38 -14.60
CA SER B 104 9.72 -18.83 -14.59
C SER B 104 9.49 -19.42 -15.99
N PRO B 105 10.03 -20.62 -16.25
CA PRO B 105 9.86 -21.18 -17.58
C PRO B 105 8.48 -21.71 -17.87
N GLU B 106 8.14 -21.73 -19.14
CA GLU B 106 6.84 -22.19 -19.59
C GLU B 106 6.86 -23.69 -20.05
N THR B 107 7.96 -24.34 -19.71
CA THR B 107 8.20 -25.73 -20.01
C THR B 107 8.03 -26.63 -18.78
N LEU B 108 7.58 -26.06 -17.65
CA LEU B 108 7.34 -26.83 -16.45
C LEU B 108 6.01 -27.55 -16.48
N ARG B 109 5.93 -28.64 -15.75
CA ARG B 109 4.67 -29.33 -15.57
C ARG B 109 3.74 -28.49 -14.70
N ASP B 110 2.50 -28.35 -15.12
CA ASP B 110 1.53 -27.52 -14.38
C ASP B 110 0.23 -27.55 -15.19
N PRO B 111 -0.95 -27.38 -14.56
CA PRO B 111 -2.08 -26.96 -15.30
C PRO B 111 -1.74 -25.66 -15.94
N ARG B 112 -2.48 -25.32 -16.97
CA ARG B 112 -2.36 -24.02 -17.57
C ARG B 112 -3.68 -23.27 -17.38
N GLY B 113 -3.56 -22.02 -16.97
CA GLY B 113 -4.71 -21.13 -16.88
C GLY B 113 -5.20 -20.66 -18.22
N PHE B 114 -6.51 -20.51 -18.29
CA PHE B 114 -7.25 -20.19 -19.53
C PHE B 114 -8.40 -19.29 -19.12
N ALA B 115 -8.11 -17.99 -18.97
CA ALA B 115 -9.00 -17.00 -18.32
C ALA B 115 -9.59 -16.08 -19.39
N VAL B 116 -10.90 -16.13 -19.58
CA VAL B 116 -11.58 -15.39 -20.64
C VAL B 116 -12.56 -14.37 -20.07
N LYS B 117 -12.33 -13.10 -20.43
CA LYS B 117 -13.18 -11.96 -20.06
C LYS B 117 -14.02 -11.53 -21.27
N PHE B 118 -15.32 -11.75 -21.20
CA PHE B 118 -16.24 -11.40 -22.27
C PHE B 118 -16.88 -10.05 -21.90
N TYR B 119 -16.67 -9.04 -22.76
CA TYR B 119 -17.22 -7.67 -22.51
C TYR B 119 -18.70 -7.50 -22.96
N THR B 120 -19.63 -8.06 -22.18
CA THR B 120 -21.00 -8.20 -22.66
C THR B 120 -21.81 -6.96 -22.39
N GLU B 121 -22.98 -6.90 -23.08
CA GLU B 121 -23.84 -5.76 -22.95
C GLU B 121 -24.51 -5.70 -21.60
N GLU B 122 -24.52 -6.82 -20.83
CA GLU B 122 -25.05 -6.82 -19.47
C GLU B 122 -23.97 -6.99 -18.41
N GLY B 123 -22.74 -6.62 -18.78
CA GLY B 123 -21.60 -6.63 -17.86
C GLY B 123 -20.51 -7.58 -18.28
N ASN B 124 -19.38 -7.48 -17.60
CA ASN B 124 -18.27 -8.35 -17.91
C ASN B 124 -18.57 -9.73 -17.33
N TYR B 125 -18.40 -10.74 -18.16
CA TYR B 125 -18.46 -12.13 -17.72
C TYR B 125 -17.05 -12.77 -17.81
N ASP B 126 -16.55 -13.27 -16.68
CA ASP B 126 -15.25 -13.96 -16.62
C ASP B 126 -15.42 -15.45 -16.47
N LEU B 127 -14.86 -16.21 -17.40
CA LEU B 127 -14.83 -17.66 -17.29
C LEU B 127 -13.40 -18.04 -17.07
N VAL B 128 -13.10 -18.27 -15.80
CA VAL B 128 -11.71 -18.37 -15.33
C VAL B 128 -11.35 -19.87 -15.30
N GLY B 129 -10.91 -20.40 -16.42
CA GLY B 129 -10.71 -21.80 -16.59
C GLY B 129 -9.27 -22.26 -16.47
N ASN B 130 -9.06 -23.54 -16.68
CA ASN B 130 -7.72 -24.16 -16.85
C ASN B 130 -7.79 -25.00 -18.11
N ASN B 131 -6.67 -25.49 -18.60
CA ASN B 131 -6.71 -26.56 -19.62
C ASN B 131 -7.34 -27.86 -19.13
N LEU B 132 -6.86 -28.39 -18.01
CA LEU B 132 -7.37 -29.70 -17.51
C LEU B 132 -8.79 -29.48 -16.88
N PRO B 133 -9.70 -30.48 -17.02
CA PRO B 133 -11.12 -30.23 -16.78
C PRO B 133 -11.57 -30.51 -15.35
N ILE B 134 -10.62 -30.90 -14.50
CA ILE B 134 -10.90 -31.18 -13.09
CA ILE B 134 -10.89 -31.16 -13.08
C ILE B 134 -9.86 -30.52 -12.22
N PHE B 135 -10.00 -30.69 -10.91
CA PHE B 135 -9.04 -30.13 -9.97
C PHE B 135 -8.60 -31.10 -8.91
N PHE B 136 -7.58 -30.73 -8.15
CA PHE B 136 -6.94 -31.58 -7.15
C PHE B 136 -7.84 -31.80 -5.93
N ILE B 137 -8.66 -30.76 -5.61
CA ILE B 137 -9.35 -30.60 -4.36
C ILE B 137 -10.75 -30.20 -4.68
N ARG B 138 -11.64 -30.28 -3.70
CA ARG B 138 -13.05 -29.97 -3.88
C ARG B 138 -13.60 -29.00 -2.85
N ASP B 139 -12.73 -28.41 -2.02
CA ASP B 139 -13.15 -27.38 -1.04
C ASP B 139 -12.09 -26.29 -0.95
N ALA B 140 -12.51 -25.03 -1.09
CA ALA B 140 -11.56 -23.89 -1.07
C ALA B 140 -10.76 -23.76 0.20
N LEU B 141 -11.23 -24.37 1.31
CA LEU B 141 -10.51 -24.32 2.58
C LEU B 141 -9.14 -24.91 2.42
N LYS B 142 -8.99 -25.84 1.47
CA LYS B 142 -7.72 -26.53 1.28
C LYS B 142 -6.77 -25.82 0.31
N PHE B 143 -7.21 -24.76 -0.39
CA PHE B 143 -6.41 -24.25 -1.48
C PHE B 143 -5.08 -23.68 -1.01
N PRO B 144 -5.02 -23.03 0.15
CA PRO B 144 -3.70 -22.52 0.57
C PRO B 144 -2.76 -23.64 0.95
N ASP B 145 -3.32 -24.69 1.52
CA ASP B 145 -2.52 -25.85 1.80
C ASP B 145 -1.94 -26.51 0.54
N MET B 146 -2.79 -26.70 -0.44
CA MET B 146 -2.42 -27.30 -1.68
C MET B 146 -1.28 -26.50 -2.28
N VAL B 147 -1.57 -25.18 -2.47
CA VAL B 147 -0.58 -24.28 -3.07
C VAL B 147 0.74 -24.20 -2.31
N HIS B 148 0.69 -24.10 -0.97
CA HIS B 148 1.91 -24.15 -0.19
C HIS B 148 2.72 -25.46 -0.38
N SER B 149 2.02 -26.59 -0.54
CA SER B 149 2.74 -27.84 -0.74
C SER B 149 3.44 -27.93 -2.09
N LEU B 150 2.82 -27.33 -3.12
CA LEU B 150 3.33 -27.33 -4.51
C LEU B 150 4.41 -26.28 -4.74
N LYS B 151 4.26 -25.15 -4.05
CA LYS B 151 5.16 -23.99 -4.21
C LYS B 151 6.61 -24.39 -3.75
N PRO B 152 7.62 -23.72 -4.24
CA PRO B 152 8.92 -23.84 -3.65
C PRO B 152 8.90 -23.89 -2.12
N ASP B 153 9.71 -24.78 -1.58
CA ASP B 153 9.86 -24.97 -0.14
C ASP B 153 10.19 -23.61 0.48
N PRO B 154 9.53 -23.29 1.64
CA PRO B 154 9.71 -21.95 2.19
C PRO B 154 11.06 -21.68 2.81
N VAL B 155 11.89 -22.73 2.93
CA VAL B 155 13.27 -22.56 3.39
C VAL B 155 14.21 -22.43 2.19
N THR B 156 14.08 -23.36 1.24
CA THR B 156 15.08 -23.51 0.17
C THR B 156 14.79 -22.69 -1.09
N ASN B 157 13.56 -22.18 -1.24
CA ASN B 157 13.06 -21.65 -2.53
C ASN B 157 13.09 -22.59 -3.73
N ILE B 158 13.01 -23.94 -3.51
CA ILE B 158 12.99 -24.91 -4.55
C ILE B 158 11.80 -25.90 -4.34
N GLN B 159 11.04 -26.14 -5.39
CA GLN B 159 9.93 -27.06 -5.32
C GLN B 159 10.45 -28.45 -4.95
N ASP B 160 9.70 -29.09 -4.08
CA ASP B 160 10.06 -30.40 -3.57
C ASP B 160 8.87 -31.37 -3.70
N PRO B 161 9.00 -32.37 -4.58
CA PRO B 161 7.92 -33.42 -4.68
C PRO B 161 7.58 -34.11 -3.39
N ASP B 162 8.49 -34.23 -2.45
CA ASP B 162 8.18 -34.87 -1.21
C ASP B 162 7.09 -34.06 -0.45
N ARG B 163 7.11 -32.74 -0.62
CA ARG B 163 6.12 -31.88 0.03
C ARG B 163 4.75 -31.98 -0.62
N TYR B 164 4.66 -31.86 -1.93
CA TYR B 164 3.33 -31.90 -2.51
C TYR B 164 2.76 -33.33 -2.58
N TRP B 165 3.63 -34.34 -2.76
CA TRP B 165 3.10 -35.71 -2.63
C TRP B 165 2.61 -35.99 -1.26
N ASP B 166 3.24 -35.46 -0.23
CA ASP B 166 2.73 -35.60 1.14
C ASP B 166 1.29 -35.15 1.20
N PHE B 167 1.08 -33.88 0.81
CA PHE B 167 -0.28 -33.37 0.76
C PHE B 167 -1.20 -34.23 -0.13
N MET B 168 -0.80 -34.48 -1.36
CA MET B 168 -1.71 -35.09 -2.32
C MET B 168 -2.13 -36.52 -1.89
N THR B 169 -1.18 -37.29 -1.40
CA THR B 169 -1.50 -38.66 -0.93
C THR B 169 -2.51 -38.73 0.22
N LEU B 170 -2.41 -37.79 1.15
CA LEU B 170 -3.30 -37.60 2.25
C LEU B 170 -4.61 -36.87 1.82
N THR B 171 -4.72 -36.53 0.53
CA THR B 171 -5.90 -35.81 -0.08
C THR B 171 -6.31 -36.63 -1.32
N PRO B 172 -6.83 -37.88 -1.08
CA PRO B 172 -7.02 -38.84 -2.15
C PRO B 172 -7.99 -38.43 -3.20
N GLU B 173 -8.83 -37.44 -2.92
CA GLU B 173 -9.61 -36.83 -4.01
C GLU B 173 -8.77 -36.25 -5.17
N SER B 174 -7.46 -36.08 -4.94
CA SER B 174 -6.52 -35.56 -5.97
C SER B 174 -6.18 -36.57 -7.06
N THR B 175 -6.61 -37.83 -6.85
CA THR B 175 -6.09 -38.93 -7.66
C THR B 175 -6.47 -38.74 -9.15
N HIS B 176 -7.73 -38.33 -9.41
CA HIS B 176 -8.14 -38.11 -10.83
C HIS B 176 -7.29 -37.01 -11.47
N MET B 177 -7.21 -35.88 -10.80
CA MET B 177 -6.33 -34.79 -11.34
C MET B 177 -4.88 -35.23 -11.64
N LEU B 178 -4.27 -35.97 -10.72
CA LEU B 178 -2.89 -36.36 -10.89
C LEU B 178 -2.74 -37.30 -12.10
N THR B 179 -3.78 -38.11 -12.34
CA THR B 179 -3.80 -38.95 -13.49
C THR B 179 -3.82 -38.26 -14.86
N TRP B 180 -4.34 -37.05 -14.89
CA TRP B 180 -4.23 -36.14 -16.05
C TRP B 180 -2.94 -35.30 -16.07
N LEU B 181 -2.60 -34.71 -14.93
CA LEU B 181 -1.40 -33.88 -14.79
C LEU B 181 -0.08 -34.60 -15.11
N PHE B 182 0.01 -35.89 -14.76
CA PHE B 182 1.24 -36.64 -15.06
C PHE B 182 1.17 -37.41 -16.35
N SER B 183 0.08 -37.26 -17.11
CA SER B 183 0.15 -37.53 -18.59
C SER B 183 1.03 -36.46 -19.22
N ASP B 184 1.34 -36.58 -20.50
CA ASP B 184 2.13 -35.48 -21.15
C ASP B 184 1.30 -34.20 -21.32
N GLU B 185 -0.02 -34.27 -21.11
CA GLU B 185 -0.79 -33.04 -21.13
C GLU B 185 -0.43 -32.11 -19.94
N GLY B 186 0.31 -32.60 -18.95
CA GLY B 186 0.91 -31.73 -17.92
C GLY B 186 1.87 -30.65 -18.45
N ILE B 187 2.37 -30.81 -19.67
CA ILE B 187 3.22 -29.83 -20.34
C ILE B 187 2.67 -29.61 -21.75
N PRO B 188 1.72 -28.69 -21.90
CA PRO B 188 1.24 -28.35 -23.23
C PRO B 188 2.37 -27.79 -24.08
N ALA B 189 2.32 -28.00 -25.40
CA ALA B 189 3.39 -27.49 -26.25
C ALA B 189 3.50 -25.99 -26.25
N ASN B 190 2.34 -25.37 -26.10
CA ASN B 190 2.24 -23.92 -25.99
C ASN B 190 0.81 -23.58 -25.63
N TYR B 191 0.44 -22.31 -25.60
CA TYR B 191 -0.90 -21.92 -25.17
C TYR B 191 -1.97 -22.06 -26.27
N ALA B 192 -1.58 -22.17 -27.54
CA ALA B 192 -2.54 -22.30 -28.66
C ALA B 192 -2.98 -23.74 -28.87
N GLU B 193 -2.08 -24.68 -28.71
CA GLU B 193 -2.35 -26.08 -29.01
C GLU B 193 -2.75 -26.80 -27.70
N MET B 194 -3.83 -26.29 -27.10
CA MET B 194 -4.15 -26.56 -25.72
C MET B 194 -5.69 -26.55 -25.52
N ARG B 195 -6.17 -27.46 -24.67
CA ARG B 195 -7.53 -27.56 -24.24
C ARG B 195 -7.87 -26.44 -23.29
N GLY B 196 -9.15 -26.11 -23.22
CA GLY B 196 -9.70 -25.26 -22.16
C GLY B 196 -10.94 -25.80 -21.52
N SER B 197 -11.11 -25.54 -20.23
CA SER B 197 -12.21 -26.08 -19.45
C SER B 197 -12.70 -25.05 -18.45
N GLY B 198 -14.00 -24.95 -18.22
CA GLY B 198 -14.49 -24.23 -17.05
C GLY B 198 -14.21 -24.89 -15.74
N VAL B 199 -13.99 -26.22 -15.78
CA VAL B 199 -13.82 -27.09 -14.63
C VAL B 199 -15.05 -27.31 -13.78
N HIS B 200 -15.56 -26.23 -13.15
CA HIS B 200 -16.76 -26.37 -12.38
C HIS B 200 -17.96 -26.52 -13.26
N THR B 201 -18.93 -27.18 -12.68
CA THR B 201 -20.33 -27.04 -13.00
C THR B 201 -20.80 -25.64 -12.64
N PHE B 202 -21.55 -25.04 -13.54
CA PHE B 202 -22.28 -23.81 -13.23
C PHE B 202 -23.76 -24.03 -13.39
N ARG B 203 -24.53 -23.03 -13.09
CA ARG B 203 -25.98 -23.06 -13.35
C ARG B 203 -26.35 -22.07 -14.49
N TRP B 204 -27.09 -22.55 -15.49
CA TRP B 204 -27.66 -21.72 -16.48
C TRP B 204 -29.16 -21.57 -16.21
N VAL B 205 -29.65 -20.33 -16.22
CA VAL B 205 -31.03 -20.05 -15.88
C VAL B 205 -31.62 -19.32 -17.07
N ASN B 206 -32.73 -19.83 -17.59
CA ASN B 206 -33.36 -19.20 -18.77
C ASN B 206 -34.42 -18.15 -18.40
N LYS B 207 -35.08 -17.57 -19.37
CA LYS B 207 -35.98 -16.44 -19.08
C LYS B 207 -37.23 -16.91 -18.31
N TYR B 208 -37.50 -18.21 -18.30
CA TYR B 208 -38.60 -18.78 -17.51
C TYR B 208 -38.19 -19.15 -16.13
N GLY B 209 -36.93 -18.96 -15.79
CA GLY B 209 -36.48 -19.28 -14.45
C GLY B 209 -36.09 -20.73 -14.30
N GLU B 210 -36.01 -21.48 -15.41
CA GLU B 210 -35.64 -22.90 -15.35
C GLU B 210 -34.13 -23.00 -15.33
N THR B 211 -33.60 -23.89 -14.50
CA THR B 211 -32.15 -24.06 -14.29
C THR B 211 -31.67 -25.40 -14.83
N LYS B 212 -30.50 -25.37 -15.47
CA LYS B 212 -29.73 -26.56 -15.82
C LYS B 212 -28.35 -26.38 -15.30
N TYR B 213 -27.70 -27.48 -14.99
CA TYR B 213 -26.23 -27.52 -14.79
C TYR B 213 -25.51 -27.52 -16.11
N VAL B 214 -24.39 -26.79 -16.15
CA VAL B 214 -23.60 -26.68 -17.38
C VAL B 214 -22.12 -26.84 -17.08
N LYS B 215 -21.44 -27.42 -18.05
CA LYS B 215 -19.97 -27.53 -18.09
C LYS B 215 -19.48 -26.95 -19.42
N TYR B 216 -18.40 -26.17 -19.34
CA TYR B 216 -17.81 -25.53 -20.51
C TYR B 216 -16.52 -26.20 -20.95
N HIS B 217 -16.33 -26.24 -22.27
CA HIS B 217 -15.15 -26.87 -22.89
C HIS B 217 -14.68 -26.03 -24.10
N TRP B 218 -13.39 -25.74 -24.15
CA TRP B 218 -12.78 -25.09 -25.28
C TRP B 218 -11.93 -26.10 -26.08
N ARG B 219 -12.18 -26.18 -27.37
CA ARG B 219 -11.48 -27.11 -28.27
C ARG B 219 -10.64 -26.30 -29.30
N PRO B 220 -9.30 -26.43 -29.20
CA PRO B 220 -8.41 -25.65 -30.03
C PRO B 220 -8.46 -25.96 -31.53
N SER B 221 -8.57 -24.92 -32.34
CA SER B 221 -8.51 -25.07 -33.79
C SER B 221 -7.14 -25.61 -34.18
N GLU B 222 -6.12 -25.37 -33.36
CA GLU B 222 -4.78 -25.82 -33.65
C GLU B 222 -4.51 -27.23 -33.16
N GLY B 223 -5.51 -27.90 -32.55
CA GLY B 223 -5.34 -29.24 -32.01
C GLY B 223 -4.66 -29.21 -30.67
N ILE B 224 -4.77 -30.28 -29.91
CA ILE B 224 -4.03 -30.42 -28.66
C ILE B 224 -2.67 -31.06 -28.91
N ARG B 225 -1.60 -30.41 -28.46
CA ARG B 225 -0.27 -31.04 -28.51
C ARG B 225 0.54 -30.80 -27.25
N ASN B 226 1.25 -31.84 -26.81
CA ASN B 226 1.94 -31.88 -25.55
C ASN B 226 3.45 -32.12 -25.74
N LEU B 227 4.19 -31.93 -24.64
CA LEU B 227 5.58 -32.23 -24.59
C LEU B 227 5.86 -33.34 -23.62
N SER B 228 6.77 -34.25 -24.03
CA SER B 228 7.42 -35.16 -23.09
C SER B 228 8.36 -34.43 -22.18
N MET B 229 8.77 -35.05 -21.08
CA MET B 229 9.78 -34.44 -20.22
CA MET B 229 9.78 -34.44 -20.22
C MET B 229 11.04 -34.06 -21.01
N GLU B 230 11.49 -34.99 -21.87
CA GLU B 230 12.71 -34.71 -22.65
C GLU B 230 12.49 -33.61 -23.72
N GLU B 231 11.35 -33.55 -24.36
CA GLU B 231 11.06 -32.46 -25.29
C GLU B 231 10.98 -31.14 -24.60
N ALA B 232 10.34 -31.12 -23.44
CA ALA B 232 10.29 -29.88 -22.64
C ALA B 232 11.68 -29.37 -22.20
N ALA B 233 12.56 -30.27 -21.75
CA ALA B 233 13.92 -29.87 -21.42
C ALA B 233 14.68 -29.28 -22.63
N GLU B 234 14.48 -29.85 -23.81
CA GLU B 234 15.16 -29.40 -25.01
C GLU B 234 14.73 -27.94 -25.30
N ILE B 235 13.43 -27.63 -25.15
CA ILE B 235 12.96 -26.24 -25.34
C ILE B 235 13.56 -25.36 -24.26
N GLN B 236 13.53 -25.83 -23.01
CA GLN B 236 13.91 -24.99 -21.86
C GLN B 236 15.36 -24.55 -21.97
N ALA B 237 16.19 -25.41 -22.57
CA ALA B 237 17.61 -25.13 -22.72
C ALA B 237 17.80 -23.78 -23.36
N ASN B 238 16.96 -23.45 -24.34
CA ASN B 238 17.17 -22.23 -25.17
C ASN B 238 16.07 -21.14 -25.08
N ASP B 239 14.96 -21.40 -24.41
CA ASP B 239 13.90 -20.42 -24.24
C ASP B 239 13.06 -20.73 -23.02
N PHE B 240 13.03 -19.81 -22.07
CA PHE B 240 12.21 -19.94 -20.88
C PHE B 240 10.87 -19.18 -20.99
N GLN B 241 10.57 -18.63 -22.15
CA GLN B 241 9.27 -17.91 -22.36
C GLN B 241 8.70 -18.32 -23.71
N HIS B 242 8.80 -19.59 -24.05
CA HIS B 242 8.49 -20.01 -25.41
C HIS B 242 6.99 -19.89 -25.78
N ALA B 243 6.14 -19.99 -24.77
CA ALA B 243 4.71 -20.00 -24.99
C ALA B 243 4.25 -18.56 -25.15
N THR B 244 4.78 -17.66 -24.31
CA THR B 244 4.53 -16.22 -24.48
C THR B 244 5.00 -15.75 -25.87
N ARG B 245 6.17 -16.20 -26.27
CA ARG B 245 6.71 -15.91 -27.60
C ARG B 245 5.83 -16.41 -28.72
N ASP B 246 5.41 -17.65 -28.62
CA ASP B 246 4.60 -18.28 -29.65
C ASP B 246 3.24 -17.59 -29.84
N LEU B 247 2.55 -17.26 -28.71
CA LEU B 247 1.25 -16.61 -28.80
C LEU B 247 1.39 -15.24 -29.50
N TYR B 248 2.36 -14.42 -29.05
CA TYR B 248 2.57 -13.12 -29.63
C TYR B 248 2.85 -13.23 -31.11
N ASP B 249 3.75 -14.16 -31.43
CA ASP B 249 4.23 -14.30 -32.83
C ASP B 249 3.15 -14.78 -33.77
N ARG B 250 2.32 -15.74 -33.33
CA ARG B 250 1.13 -16.15 -34.14
C ARG B 250 0.27 -14.97 -34.51
N ILE B 251 -0.07 -14.19 -33.49
CA ILE B 251 -0.98 -13.10 -33.69
C ILE B 251 -0.30 -12.05 -34.57
N GLU B 252 1.00 -11.82 -34.36
CA GLU B 252 1.66 -10.72 -35.09
C GLU B 252 1.68 -11.08 -36.55
N LYS B 253 1.79 -12.37 -36.85
CA LYS B 253 1.88 -12.79 -38.26
C LYS B 253 0.53 -13.14 -38.89
N GLY B 254 -0.56 -13.00 -38.14
CA GLY B 254 -1.92 -13.16 -38.69
C GLY B 254 -2.45 -14.58 -38.58
N ASN B 255 -1.71 -15.43 -37.92
CA ASN B 255 -2.12 -16.81 -37.77
C ASN B 255 -2.90 -16.93 -36.46
N TYR B 256 -4.13 -16.44 -36.47
CA TYR B 256 -4.85 -16.26 -35.23
C TYR B 256 -5.27 -17.61 -34.66
N PRO B 257 -4.93 -17.90 -33.38
CA PRO B 257 -5.44 -19.14 -32.80
C PRO B 257 -6.90 -19.00 -32.38
N ALA B 258 -7.64 -20.11 -32.44
CA ALA B 258 -9.05 -20.09 -32.14
C ALA B 258 -9.45 -21.34 -31.33
N TRP B 259 -10.57 -21.22 -30.66
CA TRP B 259 -11.16 -22.31 -29.88
C TRP B 259 -12.64 -22.30 -30.09
N ASP B 260 -13.18 -23.50 -30.29
CA ASP B 260 -14.62 -23.68 -30.30
C ASP B 260 -15.11 -23.98 -28.90
N LEU B 261 -16.14 -23.26 -28.51
CA LEU B 261 -16.79 -23.44 -27.24
C LEU B 261 -17.90 -24.48 -27.34
N TYR B 262 -17.82 -25.48 -26.48
CA TYR B 262 -18.88 -26.48 -26.35
C TYR B 262 -19.39 -26.48 -24.91
N VAL B 263 -20.66 -26.89 -24.73
CA VAL B 263 -21.16 -27.11 -23.37
C VAL B 263 -21.74 -28.49 -23.23
N GLN B 264 -21.78 -28.95 -21.99
CA GLN B 264 -22.65 -30.10 -21.63
C GLN B 264 -23.72 -29.57 -20.72
N LEU B 265 -24.94 -30.13 -20.83
CA LEU B 265 -26.07 -29.70 -20.01
C LEU B 265 -26.67 -30.85 -19.26
N MET B 266 -26.94 -30.68 -17.98
CA MET B 266 -27.48 -31.77 -17.13
C MET B 266 -28.63 -31.22 -16.27
N PRO B 267 -29.72 -31.99 -16.13
CA PRO B 267 -30.79 -31.54 -15.25
C PRO B 267 -30.35 -31.56 -13.83
N LEU B 268 -30.81 -30.64 -13.02
CA LEU B 268 -30.57 -30.73 -11.59
C LEU B 268 -31.02 -32.08 -11.01
N SER B 269 -32.07 -32.63 -11.59
CA SER B 269 -32.67 -33.84 -11.03
C SER B 269 -31.83 -35.10 -11.31
N ASP B 270 -30.78 -35.00 -12.11
CA ASP B 270 -29.82 -36.12 -12.30
C ASP B 270 -28.88 -36.38 -11.13
N TYR B 271 -28.82 -35.51 -10.15
CA TYR B 271 -27.97 -35.78 -8.97
C TYR B 271 -28.14 -37.20 -8.47
N ASP B 272 -29.38 -37.66 -8.30
CA ASP B 272 -29.57 -38.98 -7.68
C ASP B 272 -29.32 -40.09 -8.68
N GLU B 273 -29.28 -39.75 -9.95
CA GLU B 273 -29.06 -40.76 -11.00
C GLU B 273 -27.60 -41.15 -11.09
N LEU B 274 -26.69 -40.40 -10.44
CA LEU B 274 -25.25 -40.61 -10.58
C LEU B 274 -24.58 -41.18 -9.34
N ASP B 275 -23.46 -41.86 -9.55
CA ASP B 275 -22.62 -42.36 -8.42
C ASP B 275 -21.48 -41.39 -8.01
N TYR B 276 -21.58 -40.14 -8.46
CA TYR B 276 -20.71 -39.08 -7.98
C TYR B 276 -21.58 -37.83 -7.90
N ASP B 277 -21.07 -36.82 -7.20
CA ASP B 277 -21.75 -35.54 -7.10
C ASP B 277 -21.39 -34.72 -8.35
N PRO B 278 -22.40 -34.35 -9.16
CA PRO B 278 -22.12 -33.62 -10.37
C PRO B 278 -21.44 -32.23 -10.15
N CYS B 279 -21.47 -31.69 -8.92
CA CYS B 279 -20.76 -30.44 -8.54
C CYS B 279 -19.47 -30.68 -7.76
N ASP B 280 -18.93 -31.92 -7.82
CA ASP B 280 -17.62 -32.22 -7.32
C ASP B 280 -16.63 -31.94 -8.45
N PRO B 281 -15.75 -30.95 -8.27
CA PRO B 281 -14.86 -30.58 -9.38
C PRO B 281 -13.65 -31.48 -9.60
N THR B 282 -13.58 -32.57 -8.83
CA THR B 282 -12.68 -33.65 -9.14
C THR B 282 -13.31 -34.68 -10.10
N LYS B 283 -14.49 -34.36 -10.62
CA LYS B 283 -15.24 -35.22 -11.51
C LYS B 283 -15.50 -34.57 -12.84
N THR B 284 -15.45 -35.34 -13.90
CA THR B 284 -16.03 -34.97 -15.20
C THR B 284 -17.39 -35.61 -15.42
N TRP B 285 -18.08 -35.12 -16.46
CA TRP B 285 -19.36 -35.77 -16.90
C TRP B 285 -19.12 -36.50 -18.20
N SER B 286 -19.69 -37.68 -18.30
CA SER B 286 -19.57 -38.49 -19.52
C SER B 286 -20.02 -37.71 -20.74
N GLU B 287 -19.21 -37.74 -21.81
CA GLU B 287 -19.59 -37.10 -23.09
C GLU B 287 -20.58 -37.95 -23.87
N GLU B 288 -20.69 -39.21 -23.48
CA GLU B 288 -21.71 -40.09 -24.05
C GLU B 288 -23.08 -39.77 -23.45
N ASP B 289 -23.15 -39.66 -22.14
CA ASP B 289 -24.41 -39.42 -21.44
C ASP B 289 -24.87 -37.95 -21.52
N TYR B 290 -23.91 -37.05 -21.64
CA TYR B 290 -24.13 -35.58 -21.68
C TYR B 290 -23.33 -35.02 -22.81
N PRO B 291 -23.87 -35.08 -24.03
CA PRO B 291 -23.05 -34.82 -25.21
C PRO B 291 -22.63 -33.36 -25.31
N LEU B 292 -21.50 -33.15 -25.94
CA LEU B 292 -21.01 -31.80 -26.19
C LEU B 292 -21.89 -31.12 -27.24
N GLN B 293 -22.28 -29.87 -26.95
CA GLN B 293 -23.15 -29.08 -27.79
C GLN B 293 -22.41 -27.79 -28.17
N LYS B 294 -22.28 -27.53 -29.47
CA LYS B 294 -21.45 -26.42 -29.94
C LYS B 294 -22.18 -25.11 -29.69
N VAL B 295 -21.42 -24.13 -29.19
CA VAL B 295 -21.95 -22.80 -28.92
C VAL B 295 -21.43 -21.78 -29.91
N GLY B 296 -20.14 -21.74 -30.11
CA GLY B 296 -19.55 -20.71 -30.93
C GLY B 296 -18.03 -20.77 -30.90
N ARG B 297 -17.40 -19.72 -31.42
CA ARG B 297 -15.93 -19.74 -31.60
C ARG B 297 -15.31 -18.42 -31.16
N MET B 298 -14.18 -18.56 -30.49
CA MET B 298 -13.35 -17.44 -30.04
C MET B 298 -12.05 -17.43 -30.84
N THR B 299 -11.73 -16.25 -31.39
CA THR B 299 -10.56 -16.08 -32.18
C THR B 299 -9.74 -14.95 -31.50
N LEU B 300 -8.47 -15.23 -31.26
CA LEU B 300 -7.58 -14.19 -30.68
C LEU B 300 -6.75 -13.54 -31.74
N ASN B 301 -6.90 -12.22 -31.91
CA ASN B 301 -6.39 -11.54 -33.11
C ASN B 301 -5.68 -10.22 -32.83
N ARG B 302 -5.40 -9.88 -31.57
CA ARG B 302 -4.72 -8.65 -31.26
C ARG B 302 -3.87 -8.78 -30.00
N ASN B 303 -2.61 -8.42 -30.13
CA ASN B 303 -1.75 -8.33 -28.95
C ASN B 303 -2.00 -7.03 -28.21
N PRO B 304 -1.70 -7.04 -26.89
CA PRO B 304 -1.84 -5.81 -26.15
C PRO B 304 -0.82 -4.76 -26.55
N GLU B 305 -1.16 -3.51 -26.25
CA GLU B 305 -0.18 -2.43 -26.49
C GLU B 305 0.91 -2.33 -25.43
N ASN B 306 0.57 -2.62 -24.19
CA ASN B 306 1.53 -2.56 -23.10
C ASN B 306 1.31 -3.80 -22.20
N PHE B 307 2.35 -4.57 -21.96
CA PHE B 307 2.17 -5.80 -21.20
C PHE B 307 1.77 -5.54 -19.71
N PHE B 308 2.48 -4.64 -19.06
CA PHE B 308 2.14 -4.37 -17.66
C PHE B 308 0.68 -3.88 -17.54
N ALA B 309 0.34 -2.87 -18.33
CA ALA B 309 -0.93 -2.19 -18.11
C ALA B 309 -2.17 -3.06 -18.38
N GLU B 310 -2.03 -3.94 -19.35
CA GLU B 310 -3.12 -4.76 -19.85
C GLU B 310 -2.99 -6.17 -19.33
N THR B 311 -1.88 -6.87 -19.55
CA THR B 311 -1.79 -8.28 -19.15
C THR B 311 -1.48 -8.41 -17.65
N GLU B 312 -0.47 -7.69 -17.16
CA GLU B 312 -0.12 -7.84 -15.75
C GLU B 312 -1.22 -7.33 -14.83
N GLN B 313 -1.87 -6.22 -15.20
CA GLN B 313 -2.97 -5.69 -14.36
C GLN B 313 -4.36 -6.26 -14.65
N ALA B 314 -4.51 -7.14 -15.60
CA ALA B 314 -5.80 -7.81 -15.77
C ALA B 314 -6.29 -8.58 -14.56
N ALA B 315 -7.58 -8.44 -14.27
CA ALA B 315 -8.23 -9.08 -13.13
C ALA B 315 -9.45 -9.85 -13.65
N PHE B 316 -9.48 -11.17 -13.39
CA PHE B 316 -10.58 -12.02 -13.70
C PHE B 316 -11.13 -12.59 -12.40
N THR B 317 -12.43 -12.83 -12.33
CA THR B 317 -13.04 -13.55 -11.19
C THR B 317 -14.18 -14.47 -11.59
N PRO B 318 -14.25 -15.72 -11.03
CA PRO B 318 -15.39 -16.58 -11.27
C PRO B 318 -16.71 -15.96 -10.84
N SER B 319 -16.67 -15.01 -9.89
CA SER B 319 -17.83 -14.27 -9.46
C SER B 319 -18.24 -13.16 -10.39
N ALA B 320 -17.53 -12.95 -11.50
CA ALA B 320 -18.01 -11.93 -12.51
C ALA B 320 -19.01 -12.64 -13.41
N LEU B 321 -20.20 -12.87 -12.87
CA LEU B 321 -21.28 -13.61 -13.56
C LEU B 321 -22.24 -12.63 -14.16
N VAL B 322 -22.97 -13.04 -15.20
CA VAL B 322 -23.94 -12.20 -15.85
C VAL B 322 -25.29 -12.84 -15.74
N PRO B 323 -26.35 -12.05 -15.94
CA PRO B 323 -27.71 -12.61 -15.80
C PRO B 323 -27.92 -13.80 -16.72
N GLY B 324 -28.41 -14.90 -16.10
CA GLY B 324 -28.55 -16.18 -16.75
C GLY B 324 -27.41 -17.19 -16.52
N ILE B 325 -26.31 -16.72 -15.92
CA ILE B 325 -25.18 -17.63 -15.54
C ILE B 325 -24.82 -17.42 -14.12
N GLU B 326 -24.92 -18.51 -13.32
CA GLU B 326 -24.81 -18.47 -11.87
C GLU B 326 -23.86 -19.57 -11.32
N ALA B 327 -23.36 -19.35 -10.10
CA ALA B 327 -22.49 -20.32 -9.48
C ALA B 327 -23.31 -21.58 -9.19
N SER B 328 -22.67 -22.71 -9.23
CA SER B 328 -23.22 -23.83 -8.55
C SER B 328 -22.70 -23.88 -7.12
N GLU B 329 -23.21 -24.89 -6.41
CA GLU B 329 -22.89 -25.14 -5.04
C GLU B 329 -21.49 -25.73 -4.79
N ASP B 330 -20.78 -26.07 -5.84
CA ASP B 330 -19.38 -26.57 -5.77
C ASP B 330 -18.55 -25.77 -4.74
N LYS B 331 -18.08 -26.42 -3.67
CA LYS B 331 -17.47 -25.70 -2.52
C LYS B 331 -16.10 -25.13 -2.87
N LEU B 332 -15.49 -25.62 -3.92
CA LEU B 332 -14.26 -25.06 -4.41
C LEU B 332 -14.57 -23.74 -5.11
N LEU B 333 -15.54 -23.78 -6.01
CA LEU B 333 -16.01 -22.55 -6.70
C LEU B 333 -16.48 -21.50 -5.70
N GLN B 334 -17.19 -21.89 -4.68
CA GLN B 334 -17.74 -20.90 -3.69
C GLN B 334 -16.64 -20.06 -3.06
N GLY B 335 -15.49 -20.63 -2.73
CA GLY B 335 -14.37 -19.86 -2.20
C GLY B 335 -13.71 -18.94 -3.23
N ARG B 336 -13.62 -19.39 -4.49
CA ARG B 336 -13.08 -18.60 -5.58
C ARG B 336 -13.90 -17.30 -5.74
N LEU B 337 -15.22 -17.40 -5.53
CA LEU B 337 -16.04 -16.21 -5.70
C LEU B 337 -15.53 -15.05 -4.85
N PHE B 338 -15.04 -15.39 -3.66
CA PHE B 338 -14.43 -14.43 -2.76
C PHE B 338 -12.99 -14.08 -3.10
N SER B 339 -12.15 -15.11 -3.34
CA SER B 339 -10.71 -14.94 -3.28
C SER B 339 -10.20 -13.99 -4.37
N TYR B 340 -10.85 -14.00 -5.55
CA TYR B 340 -10.24 -13.29 -6.68
C TYR B 340 -10.36 -11.76 -6.53
N PRO B 341 -11.56 -11.25 -6.22
CA PRO B 341 -11.64 -9.82 -6.05
C PRO B 341 -10.88 -9.42 -4.75
N ASP B 342 -10.82 -10.27 -3.75
CA ASP B 342 -10.08 -10.01 -2.51
C ASP B 342 -8.62 -9.84 -2.80
N THR B 343 -8.04 -10.74 -3.58
CA THR B 343 -6.59 -10.60 -3.86
C THR B 343 -6.37 -9.43 -4.79
N GLN B 344 -7.31 -9.19 -5.69
CA GLN B 344 -7.14 -8.09 -6.69
C GLN B 344 -7.16 -6.75 -6.03
N ARG B 345 -7.95 -6.61 -4.98
CA ARG B 345 -7.94 -5.29 -4.28
C ARG B 345 -6.59 -4.98 -3.68
N HIS B 346 -5.91 -5.98 -3.12
CA HIS B 346 -4.52 -5.87 -2.63
C HIS B 346 -3.53 -5.73 -3.78
N ARG B 347 -3.65 -6.53 -4.82
CA ARG B 347 -2.57 -6.60 -5.84
C ARG B 347 -2.59 -5.30 -6.65
N LEU B 348 -3.80 -4.80 -6.91
CA LEU B 348 -4.04 -3.76 -7.96
C LEU B 348 -4.61 -2.46 -7.44
N GLY B 349 -5.18 -2.49 -6.24
CA GLY B 349 -5.83 -1.34 -5.66
C GLY B 349 -7.33 -1.56 -5.53
N ALA B 350 -7.95 -0.87 -4.54
CA ALA B 350 -9.40 -0.76 -4.44
C ALA B 350 -10.15 -0.40 -5.72
N ASN B 351 -9.57 0.51 -6.50
CA ASN B 351 -10.11 0.93 -7.81
C ASN B 351 -9.66 0.14 -9.02
N TYR B 352 -9.30 -1.16 -8.82
CA TYR B 352 -8.72 -1.91 -9.95
C TYR B 352 -9.69 -2.07 -11.12
N MET B 353 -10.99 -1.99 -10.83
CA MET B 353 -12.03 -2.11 -11.87
C MET B 353 -12.13 -0.92 -12.84
N ARG B 354 -11.39 0.14 -12.53
CA ARG B 354 -11.19 1.27 -13.45
C ARG B 354 -9.98 1.16 -14.39
N ILE B 355 -9.11 0.16 -14.16
CA ILE B 355 -7.94 0.00 -15.03
C ILE B 355 -8.56 -0.40 -16.38
N PRO B 356 -8.14 0.23 -17.48
CA PRO B 356 -8.85 -0.02 -18.78
C PRO B 356 -9.21 -1.46 -19.15
N VAL B 357 -8.28 -2.42 -19.09
CA VAL B 357 -8.58 -3.80 -19.45
C VAL B 357 -9.68 -4.43 -18.61
N ASN B 358 -9.85 -3.89 -17.39
CA ASN B 358 -10.90 -4.42 -16.48
C ASN B 358 -12.26 -3.73 -16.58
N CYS B 359 -12.30 -2.58 -17.25
CA CYS B 359 -13.52 -1.82 -17.41
C CYS B 359 -14.57 -2.57 -18.25
N PRO B 360 -15.83 -2.59 -17.76
CA PRO B 360 -16.90 -3.04 -18.61
C PRO B 360 -17.17 -2.18 -19.81
N TYR B 361 -17.77 -2.79 -20.85
CA TYR B 361 -18.42 -2.01 -21.93
C TYR B 361 -19.82 -1.49 -21.53
N ALA B 362 -20.52 -2.26 -20.73
CA ALA B 362 -21.78 -1.85 -20.16
C ALA B 362 -21.62 -0.66 -19.20
N PRO B 363 -22.67 0.15 -19.03
CA PRO B 363 -22.61 1.26 -18.12
C PRO B 363 -22.35 0.84 -16.68
N VAL B 364 -21.57 1.65 -15.96
CA VAL B 364 -21.40 1.48 -14.52
C VAL B 364 -21.96 2.73 -13.84
N HIS B 365 -22.92 2.50 -12.93
CA HIS B 365 -23.49 3.58 -12.10
C HIS B 365 -23.78 3.02 -10.73
N ASN B 366 -23.07 3.54 -9.72
CA ASN B 366 -23.36 3.16 -8.34
C ASN B 366 -22.86 4.22 -7.33
N ASN B 367 -23.11 3.97 -6.08
CA ASN B 367 -22.85 4.89 -5.02
C ASN B 367 -21.54 4.68 -4.32
N GLN B 368 -20.67 3.84 -4.89
CA GLN B 368 -19.34 3.62 -4.32
C GLN B 368 -18.54 4.90 -4.55
N GLN B 369 -17.54 5.12 -3.73
CA GLN B 369 -16.71 6.32 -3.90
C GLN B 369 -15.30 6.13 -3.37
N ASP B 370 -14.43 6.98 -3.84
CA ASP B 370 -13.16 7.31 -3.21
C ASP B 370 -12.23 6.10 -3.41
N GLY B 371 -11.32 5.92 -2.45
CA GLY B 371 -10.29 4.87 -2.61
C GLY B 371 -9.06 5.37 -3.31
N PHE B 372 -7.94 4.70 -3.06
CA PHE B 372 -6.66 5.13 -3.64
CA PHE B 372 -6.65 5.00 -3.69
C PHE B 372 -6.81 5.27 -5.16
N MET B 373 -6.20 6.34 -5.68
CA MET B 373 -6.12 6.57 -7.09
C MET B 373 -7.44 6.69 -7.75
N THR B 374 -8.23 7.65 -7.24
CA THR B 374 -9.51 8.02 -7.86
C THR B 374 -9.22 8.94 -9.06
N THR B 375 -9.39 8.36 -10.25
CA THR B 375 -9.01 9.04 -11.50
C THR B 375 -10.21 9.40 -12.38
N THR B 376 -11.42 9.07 -11.96
CA THR B 376 -12.66 9.09 -12.80
C THR B 376 -13.52 10.36 -12.79
N ARG B 377 -13.04 11.44 -12.20
CA ARG B 377 -13.82 12.70 -12.16
C ARG B 377 -15.27 12.58 -11.66
N PRO B 378 -15.45 12.08 -10.43
CA PRO B 378 -16.77 11.97 -9.84
C PRO B 378 -17.43 13.34 -9.62
N SER B 379 -18.77 13.35 -9.59
CA SER B 379 -19.54 14.53 -9.37
C SER B 379 -20.85 14.13 -8.71
N GLY B 380 -21.52 15.11 -8.14
CA GLY B 380 -22.84 14.97 -7.60
C GLY B 380 -22.88 14.89 -6.09
N HIS B 381 -24.04 15.17 -5.52
CA HIS B 381 -24.25 15.17 -4.06
C HIS B 381 -24.74 13.87 -3.48
N ILE B 382 -25.27 13.01 -4.35
CA ILE B 382 -26.06 11.82 -3.94
C ILE B 382 -25.28 10.53 -4.13
N ASN B 383 -24.88 9.95 -3.00
CA ASN B 383 -24.04 8.79 -3.00
C ASN B 383 -24.63 7.67 -2.08
N TYR B 384 -25.96 7.75 -1.92
CA TYR B 384 -26.68 6.88 -1.02
C TYR B 384 -28.01 6.51 -1.71
N GLU B 385 -28.50 5.32 -1.42
CA GLU B 385 -29.79 4.87 -1.87
C GLU B 385 -30.38 4.03 -0.73
N PRO B 386 -31.71 4.19 -0.42
CA PRO B 386 -32.69 4.94 -1.18
C PRO B 386 -32.52 6.45 -1.06
N ASN B 387 -32.97 7.15 -2.08
CA ASN B 387 -32.98 8.60 -2.12
C ASN B 387 -34.25 9.10 -2.85
N ARG B 388 -34.44 10.43 -2.81
CA ARG B 388 -35.72 10.99 -3.25
C ARG B 388 -35.70 11.30 -4.75
N TYR B 389 -34.62 10.97 -5.44
CA TYR B 389 -34.33 11.52 -6.75
C TYR B 389 -34.53 10.46 -7.82
N ASP B 390 -35.45 10.72 -8.72
CA ASP B 390 -35.88 9.66 -9.65
C ASP B 390 -34.79 9.32 -10.70
N ASP B 391 -33.95 10.30 -10.95
CA ASP B 391 -32.89 10.24 -11.96
C ASP B 391 -31.63 9.53 -11.44
N GLN B 392 -31.52 9.32 -10.12
CA GLN B 392 -30.38 8.61 -9.57
C GLN B 392 -30.51 7.11 -9.84
N PRO B 393 -29.39 6.41 -9.80
CA PRO B 393 -29.51 4.98 -10.11
C PRO B 393 -30.36 4.20 -9.13
N LYS B 394 -31.16 3.31 -9.66
CA LYS B 394 -32.05 2.47 -8.90
C LYS B 394 -31.85 0.99 -9.26
N GLU B 395 -32.16 0.15 -8.32
CA GLU B 395 -32.21 -1.30 -8.57
C GLU B 395 -33.25 -1.61 -9.67
N ASN B 396 -33.05 -2.74 -10.33
CA ASN B 396 -33.88 -3.14 -11.42
C ASN B 396 -34.22 -4.61 -11.18
N PRO B 397 -35.41 -4.87 -10.67
CA PRO B 397 -35.74 -6.27 -10.38
C PRO B 397 -35.78 -7.25 -11.55
N HIS B 398 -35.81 -6.76 -12.78
CA HIS B 398 -35.67 -7.66 -13.90
C HIS B 398 -34.36 -8.47 -13.80
N TYR B 399 -33.39 -7.97 -13.03
CA TYR B 399 -32.07 -8.54 -13.02
C TYR B 399 -31.76 -9.32 -11.78
N LYS B 400 -32.82 -9.76 -11.07
CA LYS B 400 -32.61 -10.62 -9.93
C LYS B 400 -32.09 -11.97 -10.37
N GLU B 401 -31.27 -12.56 -9.54
CA GLU B 401 -30.79 -13.91 -9.79
C GLU B 401 -31.85 -14.91 -9.33
N SER B 402 -31.60 -16.17 -9.67
CA SER B 402 -32.43 -17.27 -9.21
C SER B 402 -32.34 -17.48 -7.69
N GLU B 403 -33.23 -18.33 -7.19
CA GLU B 403 -33.32 -18.75 -5.79
C GLU B 403 -33.06 -20.25 -5.59
N PRO B 404 -31.81 -20.68 -5.65
CA PRO B 404 -31.55 -22.17 -5.57
C PRO B 404 -32.09 -22.80 -4.32
N VAL B 405 -32.66 -24.00 -4.48
CA VAL B 405 -33.15 -24.76 -3.37
C VAL B 405 -32.00 -25.29 -2.53
N LEU B 406 -32.18 -25.16 -1.23
CA LEU B 406 -31.22 -25.72 -0.28
C LEU B 406 -31.77 -27.08 0.18
N HIS B 407 -30.92 -28.04 0.21
CA HIS B 407 -31.30 -29.36 0.66
C HIS B 407 -30.92 -29.59 2.12
N GLY B 408 -29.96 -28.83 2.63
CA GLY B 408 -29.60 -28.91 4.03
C GLY B 408 -30.47 -28.13 4.99
N ASP B 409 -30.57 -28.64 6.20
CA ASP B 409 -31.36 -28.04 7.28
C ASP B 409 -30.50 -27.42 8.42
N ARG B 410 -29.17 -27.49 8.28
CA ARG B 410 -28.25 -26.98 9.29
C ARG B 410 -27.01 -26.40 8.62
N MET B 411 -26.36 -25.49 9.34
CA MET B 411 -25.03 -25.02 8.96
C MET B 411 -24.03 -26.07 9.39
N VAL B 412 -23.34 -26.67 8.42
CA VAL B 412 -22.43 -27.79 8.73
C VAL B 412 -21.08 -27.59 8.07
N ARG B 413 -20.08 -28.22 8.66
CA ARG B 413 -18.80 -28.49 8.00
C ARG B 413 -18.69 -30.05 7.85
N GLN B 414 -18.96 -30.51 6.64
CA GLN B 414 -19.04 -31.90 6.35
C GLN B 414 -18.73 -32.19 4.89
N LYS B 415 -17.96 -33.27 4.64
CA LYS B 415 -17.62 -33.65 3.26
C LYS B 415 -18.89 -34.01 2.49
N ILE B 416 -18.91 -33.75 1.21
CA ILE B 416 -20.02 -34.24 0.37
C ILE B 416 -20.21 -35.74 0.48
N GLU B 417 -21.43 -36.17 0.23
CA GLU B 417 -21.69 -37.61 0.05
C GLU B 417 -21.11 -38.06 -1.30
N LYS B 418 -20.93 -39.37 -1.45
CA LYS B 418 -20.39 -39.97 -2.66
C LYS B 418 -19.15 -39.23 -3.22
N PRO B 419 -18.15 -39.02 -2.35
CA PRO B 419 -16.89 -38.50 -2.87
C PRO B 419 -16.26 -39.34 -3.97
N ASN B 420 -16.36 -40.70 -3.88
CA ASN B 420 -15.97 -41.56 -4.99
C ASN B 420 -14.59 -41.18 -5.60
N ASP B 421 -13.55 -41.25 -4.78
CA ASP B 421 -12.26 -40.57 -5.10
C ASP B 421 -11.46 -41.31 -6.20
N PHE B 422 -11.77 -42.59 -6.45
CA PHE B 422 -10.87 -43.42 -7.29
C PHE B 422 -11.44 -43.82 -8.65
N LYS B 423 -12.74 -43.81 -8.82
CA LYS B 423 -13.35 -44.44 -9.97
C LYS B 423 -13.01 -43.79 -11.28
N GLN B 424 -13.17 -42.47 -11.35
CA GLN B 424 -12.90 -41.76 -12.58
C GLN B 424 -11.44 -41.79 -12.94
N ALA B 425 -10.55 -41.76 -11.93
CA ALA B 425 -9.12 -41.90 -12.19
C ALA B 425 -8.81 -43.20 -12.91
N GLY B 426 -9.48 -44.25 -12.50
CA GLY B 426 -9.28 -45.57 -13.14
C GLY B 426 -9.82 -45.52 -14.56
N GLU B 427 -10.99 -44.92 -14.74
CA GLU B 427 -11.55 -44.75 -16.09
C GLU B 427 -10.64 -43.97 -17.00
N LYS B 428 -10.03 -42.90 -16.49
CA LYS B 428 -9.09 -42.14 -17.29
C LYS B 428 -7.87 -42.97 -17.65
N TYR B 429 -7.28 -43.63 -16.65
CA TYR B 429 -6.14 -44.53 -16.86
C TYR B 429 -6.44 -45.51 -18.00
N ARG B 430 -7.60 -46.15 -17.90
CA ARG B 430 -7.93 -47.18 -18.88
C ARG B 430 -8.19 -46.61 -20.24
N SER B 431 -8.52 -45.32 -20.32
CA SER B 431 -8.79 -44.65 -21.60
C SER B 431 -7.50 -44.29 -22.36
N TYR B 432 -6.37 -44.32 -21.66
CA TYR B 432 -5.10 -44.00 -22.29
C TYR B 432 -4.67 -45.12 -23.23
N SER B 433 -4.05 -44.75 -24.33
CA SER B 433 -3.29 -45.71 -25.15
C SER B 433 -2.17 -46.33 -24.34
N GLU B 434 -1.60 -47.43 -24.85
CA GLU B 434 -0.46 -48.00 -24.17
C GLU B 434 0.72 -47.03 -24.08
N GLU B 435 0.98 -46.25 -25.14
CA GLU B 435 2.06 -45.27 -25.17
C GLU B 435 1.80 -44.22 -24.08
N GLU B 436 0.57 -43.75 -24.01
CA GLU B 436 0.17 -42.74 -22.99
C GLU B 436 0.28 -43.30 -21.59
N LYS B 437 -0.11 -44.56 -21.38
CA LYS B 437 0.07 -45.16 -20.07
C LYS B 437 1.52 -45.22 -19.74
N GLN B 438 2.35 -45.60 -20.70
CA GLN B 438 3.79 -45.68 -20.41
C GLN B 438 4.33 -44.29 -20.00
N ALA B 439 3.87 -43.27 -20.68
CA ALA B 439 4.35 -41.86 -20.41
C ALA B 439 3.91 -41.42 -19.02
N LEU B 440 2.67 -41.75 -18.67
CA LEU B 440 2.13 -41.46 -17.32
C LEU B 440 3.00 -42.13 -16.26
N ILE B 441 3.29 -43.42 -16.44
CA ILE B 441 4.06 -44.18 -15.42
C ILE B 441 5.47 -43.63 -15.34
N LYS B 442 6.07 -43.33 -16.47
CA LYS B 442 7.39 -42.69 -16.56
C LYS B 442 7.46 -41.35 -15.81
N ASN B 443 6.45 -40.51 -16.05
CA ASN B 443 6.42 -39.19 -15.43
C ASN B 443 6.19 -39.29 -13.93
N LEU B 444 5.25 -40.15 -13.52
CA LEU B 444 5.01 -40.35 -12.09
C LEU B 444 6.26 -40.87 -11.41
N THR B 445 6.90 -41.86 -12.03
CA THR B 445 8.08 -42.49 -11.42
C THR B 445 9.21 -41.49 -11.19
N ALA B 446 9.48 -40.69 -12.21
CA ALA B 446 10.50 -39.64 -12.05
C ALA B 446 10.19 -38.69 -10.88
N ASP B 447 8.92 -38.42 -10.66
CA ASP B 447 8.49 -37.52 -9.60
C ASP B 447 8.47 -38.09 -8.22
N LEU B 448 8.17 -39.40 -8.12
CA LEU B 448 7.96 -40.11 -6.85
C LEU B 448 9.22 -40.84 -6.34
N LYS B 449 10.17 -41.08 -7.22
CA LYS B 449 11.32 -41.93 -6.85
C LYS B 449 12.13 -41.43 -5.64
N GLY B 450 12.19 -40.12 -5.42
CA GLY B 450 12.91 -39.53 -4.27
C GLY B 450 12.10 -39.18 -3.04
N VAL B 451 10.82 -39.49 -3.01
CA VAL B 451 9.98 -39.08 -1.88
C VAL B 451 10.03 -40.10 -0.76
N ASN B 452 9.66 -39.66 0.44
CA ASN B 452 9.49 -40.49 1.65
C ASN B 452 8.81 -41.82 1.33
N GLU B 453 9.36 -42.93 1.84
CA GLU B 453 8.87 -44.25 1.44
C GLU B 453 7.39 -44.46 1.81
N LYS B 454 6.97 -44.01 2.97
CA LYS B 454 5.55 -44.21 3.37
C LYS B 454 4.65 -43.43 2.42
N THR B 455 5.05 -42.19 2.10
CA THR B 455 4.29 -41.42 1.11
C THR B 455 4.24 -42.07 -0.25
N LYS B 456 5.39 -42.60 -0.68
CA LYS B 456 5.47 -43.26 -1.96
C LYS B 456 4.50 -44.49 -2.02
N LEU B 457 4.47 -45.27 -0.93
CA LEU B 457 3.53 -46.43 -0.81
C LEU B 457 2.06 -45.96 -0.87
N LEU B 458 1.74 -44.85 -0.19
CA LEU B 458 0.38 -44.32 -0.20
C LEU B 458 -0.01 -43.85 -1.58
N ALA B 459 0.91 -43.26 -2.34
CA ALA B 459 0.64 -42.87 -3.71
C ALA B 459 0.33 -44.05 -4.59
N ILE B 460 1.16 -45.07 -4.46
CA ILE B 460 0.92 -46.34 -5.18
C ILE B 460 -0.45 -46.93 -4.84
N CYS B 461 -0.78 -46.96 -3.56
CA CYS B 461 -2.07 -47.47 -3.11
C CYS B 461 -3.25 -46.68 -3.65
N ASN B 462 -3.14 -45.35 -3.69
CA ASN B 462 -4.21 -44.55 -4.28
C ASN B 462 -4.39 -44.85 -5.76
N PHE B 463 -3.31 -44.97 -6.55
CA PHE B 463 -3.44 -45.29 -7.96
C PHE B 463 -3.87 -46.77 -8.17
N TYR B 464 -3.45 -47.64 -7.29
CA TYR B 464 -3.96 -49.05 -7.28
C TYR B 464 -5.49 -49.07 -7.13
N ARG B 465 -6.02 -48.28 -6.20
CA ARG B 465 -7.47 -48.25 -5.98
C ARG B 465 -8.19 -47.69 -7.20
N ALA B 466 -7.53 -46.81 -7.92
CA ALA B 466 -8.05 -46.35 -9.21
C ALA B 466 -8.11 -47.51 -10.18
N ASP B 467 -6.97 -48.17 -10.36
CA ASP B 467 -6.91 -49.34 -11.27
C ASP B 467 -5.74 -50.22 -10.86
N GLU B 468 -5.99 -51.53 -10.68
CA GLU B 468 -4.94 -52.39 -10.20
C GLU B 468 -3.71 -52.46 -11.08
N ASP B 469 -3.88 -52.40 -12.42
CA ASP B 469 -2.78 -52.37 -13.37
C ASP B 469 -1.96 -51.11 -13.22
N TYR B 470 -2.67 -49.98 -13.11
CA TYR B 470 -2.02 -48.68 -12.91
C TYR B 470 -1.10 -48.74 -11.70
N GLY B 471 -1.66 -49.12 -10.55
CA GLY B 471 -0.94 -49.19 -9.30
C GLY B 471 0.24 -50.16 -9.40
N GLN B 472 -0.01 -51.35 -9.95
CA GLN B 472 1.03 -52.39 -10.04
C GLN B 472 2.19 -52.01 -10.95
N ARG B 473 1.89 -51.39 -12.10
CA ARG B 473 2.90 -50.84 -12.99
C ARG B 473 3.72 -49.78 -12.29
N LEU B 474 3.08 -48.91 -11.52
CA LEU B 474 3.84 -47.84 -10.88
C LEU B 474 4.73 -48.46 -9.77
N ALA B 475 4.18 -49.44 -9.03
CA ALA B 475 4.94 -50.09 -7.97
C ALA B 475 6.20 -50.79 -8.60
N ASP B 476 6.00 -51.42 -9.74
CA ASP B 476 7.07 -52.13 -10.45
C ASP B 476 8.16 -51.14 -10.83
N SER B 477 7.73 -50.00 -11.37
CA SER B 477 8.67 -49.00 -11.91
C SER B 477 9.47 -48.34 -10.77
N LEU B 478 8.84 -48.19 -9.61
CA LEU B 478 9.46 -47.64 -8.44
C LEU B 478 10.21 -48.65 -7.58
N GLY B 479 10.13 -49.93 -7.92
CA GLY B 479 10.83 -50.98 -7.19
C GLY B 479 10.21 -51.27 -5.85
N VAL B 480 8.90 -51.03 -5.72
CA VAL B 480 8.18 -51.24 -4.48
C VAL B 480 7.36 -52.50 -4.58
N ASP B 481 7.58 -53.38 -3.63
CA ASP B 481 6.89 -54.66 -3.68
C ASP B 481 5.58 -54.51 -2.92
N ILE B 482 4.46 -54.71 -3.59
CA ILE B 482 3.19 -54.55 -2.92
C ILE B 482 2.50 -55.90 -2.71
N ARG B 483 3.18 -56.99 -3.03
CA ARG B 483 2.64 -58.35 -2.78
C ARG B 483 2.06 -58.58 -1.40
N SER B 484 2.82 -58.27 -0.35
CA SER B 484 2.30 -58.38 1.04
C SER B 484 0.89 -57.78 1.26
N TYR B 485 0.54 -56.73 0.53
CA TYR B 485 -0.83 -56.21 0.46
C TYR B 485 -1.48 -56.63 -0.85
N HIS C 6 2.62 -31.97 20.33
CA HIS C 6 1.33 -31.69 19.58
C HIS C 6 0.81 -30.26 19.81
N LYS C 7 0.24 -29.68 18.77
CA LYS C 7 -0.17 -28.29 18.79
C LYS C 7 -1.49 -28.24 18.09
N ASN C 8 -2.40 -27.36 18.59
CA ASN C 8 -3.57 -27.02 17.83
C ASN C 8 -3.23 -26.11 16.67
N LEU C 9 -3.82 -26.40 15.53
CA LEU C 9 -4.02 -25.39 14.51
CA LEU C 9 -4.02 -25.42 14.50
C LEU C 9 -5.00 -24.35 15.01
N THR C 10 -4.66 -23.05 14.84
CA THR C 10 -5.50 -22.03 15.39
C THR C 10 -5.77 -20.95 14.32
N THR C 11 -6.79 -20.12 14.54
CA THR C 11 -6.92 -18.85 13.79
C THR C 11 -5.86 -17.86 14.30
N ASN C 12 -5.74 -16.73 13.62
CA ASN C 12 -4.88 -15.65 14.12
C ASN C 12 -5.36 -14.96 15.39
N GLN C 13 -6.59 -15.24 15.78
CA GLN C 13 -7.10 -14.84 17.07
C GLN C 13 -6.70 -15.80 18.20
N GLY C 14 -6.07 -16.91 17.86
CA GLY C 14 -5.68 -17.91 18.87
C GLY C 14 -6.79 -18.90 19.22
N VAL C 15 -7.87 -18.94 18.44
CA VAL C 15 -8.91 -19.93 18.65
C VAL C 15 -8.56 -21.24 17.93
N PRO C 16 -8.55 -22.39 18.65
CA PRO C 16 -8.30 -23.63 17.95
C PRO C 16 -9.34 -23.94 16.88
N VAL C 17 -8.87 -24.48 15.74
CA VAL C 17 -9.71 -24.75 14.60
C VAL C 17 -10.31 -26.16 14.70
N GLY C 18 -11.64 -26.23 14.70
CA GLY C 18 -12.32 -27.51 14.79
C GLY C 18 -12.24 -28.37 13.53
N ASP C 19 -12.21 -27.71 12.37
CA ASP C 19 -12.20 -28.38 11.09
C ASP C 19 -11.42 -27.53 10.11
N ASN C 20 -10.26 -28.03 9.68
CA ASN C 20 -9.46 -27.42 8.64
C ASN C 20 -9.66 -28.01 7.28
N GLN C 21 -10.71 -28.85 7.10
CA GLN C 21 -10.96 -29.53 5.81
C GLN C 21 -12.15 -29.00 5.06
N ASN C 22 -13.22 -28.65 5.80
CA ASN C 22 -14.52 -28.36 5.19
C ASN C 22 -14.95 -26.97 5.50
N SER C 23 -15.34 -26.29 4.45
CA SER C 23 -16.04 -24.97 4.56
C SER C 23 -17.41 -25.18 5.21
N ARG C 24 -17.97 -24.12 5.73
CA ARG C 24 -19.26 -24.12 6.35
C ARG C 24 -20.35 -23.84 5.31
N THR C 25 -21.32 -24.77 5.23
CA THR C 25 -22.24 -24.82 4.11
C THR C 25 -23.65 -25.16 4.57
N ALA C 26 -24.60 -24.91 3.68
CA ALA C 26 -26.00 -25.28 3.89
C ALA C 26 -26.21 -26.78 3.60
N GLY C 27 -26.04 -27.59 4.63
CA GLY C 27 -25.96 -29.06 4.48
C GLY C 27 -24.67 -29.49 3.79
N HIS C 28 -24.51 -30.80 3.64
CA HIS C 28 -23.23 -31.33 3.21
C HIS C 28 -22.89 -30.95 1.77
N ARG C 29 -23.87 -30.55 0.94
CA ARG C 29 -23.54 -30.13 -0.43
C ARG C 29 -24.03 -28.76 -0.87
N GLY C 30 -24.37 -27.89 0.07
CA GLY C 30 -25.04 -26.65 -0.31
C GLY C 30 -23.99 -25.57 -0.45
N PRO C 31 -24.45 -24.34 -0.81
CA PRO C 31 -23.57 -23.22 -0.90
C PRO C 31 -22.95 -22.80 0.45
N SER C 32 -21.94 -21.93 0.36
CA SER C 32 -21.10 -21.62 1.47
C SER C 32 -21.61 -20.39 2.23
N PHE C 33 -21.41 -20.41 3.53
CA PHE C 33 -21.84 -19.32 4.35
C PHE C 33 -20.72 -18.25 4.55
N LEU C 34 -21.18 -17.03 4.70
CA LEU C 34 -20.29 -15.89 5.00
C LEU C 34 -19.70 -16.01 6.39
N ASP C 35 -20.51 -16.53 7.33
CA ASP C 35 -20.03 -16.75 8.73
C ASP C 35 -19.10 -17.97 8.82
N ASP C 36 -17.92 -17.83 8.25
CA ASP C 36 -16.86 -18.86 8.27
C ASP C 36 -15.54 -18.14 8.46
N TYR C 37 -15.26 -17.73 9.70
CA TYR C 37 -14.15 -16.78 9.96
C TYR C 37 -12.84 -17.48 9.52
N HIS C 38 -12.69 -18.77 9.83
CA HIS C 38 -11.46 -19.47 9.48
C HIS C 38 -11.21 -19.50 7.99
N LEU C 39 -12.21 -19.81 7.21
CA LEU C 39 -12.07 -19.84 5.73
C LEU C 39 -11.66 -18.46 5.21
N ILE C 40 -12.39 -17.44 5.67
CA ILE C 40 -12.12 -16.15 5.17
C ILE C 40 -10.75 -15.66 5.63
N GLU C 41 -10.41 -15.83 6.91
CA GLU C 41 -9.13 -15.37 7.42
C GLU C 41 -7.96 -16.02 6.66
N LYS C 42 -8.09 -17.31 6.46
CA LYS C 42 -7.07 -18.14 5.78
C LYS C 42 -6.96 -17.78 4.28
N LEU C 43 -8.05 -17.65 3.57
CA LEU C 43 -8.03 -17.20 2.17
C LEU C 43 -7.53 -15.75 2.01
N ALA C 44 -7.96 -14.87 2.91
CA ALA C 44 -7.56 -13.53 2.83
C ALA C 44 -6.05 -13.35 3.06
N HIS C 45 -5.49 -14.06 4.00
CA HIS C 45 -4.02 -13.95 4.16
C HIS C 45 -3.30 -14.55 2.99
N PHE C 46 -3.70 -15.75 2.55
CA PHE C 46 -3.17 -16.34 1.28
C PHE C 46 -3.18 -15.28 0.18
N ASP C 47 -4.30 -14.56 0.07
CA ASP C 47 -4.55 -13.54 -0.99
C ASP C 47 -3.55 -12.36 -0.96
N ARG C 48 -2.89 -12.20 0.18
CA ARG C 48 -2.00 -11.09 0.44
C ARG C 48 -0.55 -11.52 0.70
N GLU C 49 -0.15 -12.77 0.37
CA GLU C 49 1.19 -13.20 0.65
C GLU C 49 2.30 -12.41 -0.13
N ARG C 50 2.00 -11.95 -1.34
CA ARG C 50 3.05 -11.47 -2.23
C ARG C 50 3.23 -9.99 -2.00
N ILE C 51 4.51 -9.60 -2.08
CA ILE C 51 4.91 -8.19 -2.12
C ILE C 51 5.65 -7.95 -3.43
N PRO C 52 5.79 -6.66 -3.83
CA PRO C 52 6.49 -6.43 -5.10
C PRO C 52 7.89 -6.97 -5.10
N GLU C 53 8.33 -7.49 -6.24
CA GLU C 53 9.72 -8.02 -6.30
C GLU C 53 10.64 -6.79 -6.45
N ARG C 54 11.93 -7.02 -6.21
CA ARG C 54 12.90 -5.93 -6.44
C ARG C 54 12.88 -5.47 -7.90
N VAL C 55 13.01 -4.15 -8.10
CA VAL C 55 12.88 -3.64 -9.49
C VAL C 55 13.97 -4.13 -10.41
N VAL C 56 15.15 -4.28 -9.87
CA VAL C 56 16.19 -5.11 -10.46
C VAL C 56 16.78 -6.09 -9.39
N HIS C 57 17.50 -7.05 -9.87
CA HIS C 57 18.04 -8.18 -8.98
C HIS C 57 16.95 -8.91 -8.25
N ALA C 58 15.80 -9.05 -8.93
CA ALA C 58 14.64 -9.78 -8.34
C ALA C 58 14.93 -11.26 -7.96
N ARG C 59 15.71 -11.96 -8.80
CA ARG C 59 16.14 -13.38 -8.57
C ARG C 59 17.42 -13.44 -7.76
N GLY C 60 17.38 -14.06 -6.60
CA GLY C 60 18.55 -14.20 -5.79
C GLY C 60 18.43 -15.13 -4.64
N ALA C 61 19.52 -15.25 -3.88
CA ALA C 61 19.62 -16.24 -2.78
C ALA C 61 20.51 -15.64 -1.72
N GLY C 62 20.20 -15.96 -0.48
CA GLY C 62 20.87 -15.39 0.65
C GLY C 62 21.49 -16.41 1.62
N ALA C 63 22.47 -15.96 2.37
CA ALA C 63 23.09 -16.79 3.44
C ALA C 63 23.74 -15.87 4.49
N TYR C 64 23.87 -16.40 5.70
CA TYR C 64 24.60 -15.69 6.75
C TYR C 64 25.99 -16.25 6.89
N GLY C 65 26.85 -15.42 7.46
CA GLY C 65 28.20 -15.85 7.77
C GLY C 65 28.95 -14.92 8.68
N VAL C 66 30.26 -14.99 8.60
CA VAL C 66 31.14 -14.17 9.44
C VAL C 66 32.26 -13.63 8.61
N PHE C 67 32.62 -12.35 8.82
CA PHE C 67 33.82 -11.73 8.30
C PHE C 67 34.86 -11.59 9.41
N GLU C 68 36.06 -12.07 9.14
CA GLU C 68 37.19 -11.91 10.08
C GLU C 68 38.32 -11.11 9.51
N VAL C 69 38.77 -10.10 10.26
CA VAL C 69 39.88 -9.24 9.87
C VAL C 69 41.19 -10.05 10.02
N GLU C 70 42.01 -10.02 8.96
CA GLU C 70 43.37 -10.51 9.03
C GLU C 70 44.36 -9.34 9.28
N ASN C 71 44.19 -8.21 8.59
CA ASN C 71 45.06 -7.05 8.73
C ASN C 71 44.23 -5.85 9.12
N SER C 72 44.50 -5.27 10.31
CA SER C 72 43.77 -4.05 10.72
C SER C 72 43.98 -2.97 9.67
N MET C 73 42.95 -2.18 9.44
CA MET C 73 42.99 -1.15 8.44
C MET C 73 43.04 0.25 9.09
N GLU C 74 43.42 0.33 10.38
CA GLU C 74 43.41 1.61 11.06
C GLU C 74 44.33 2.75 10.52
N LYS C 75 45.36 2.43 9.76
CA LYS C 75 46.16 3.49 9.14
C LYS C 75 45.30 4.29 8.17
N HIS C 76 44.29 3.63 7.60
CA HIS C 76 43.56 4.22 6.47
C HIS C 76 42.09 4.47 6.74
N THR C 77 41.48 3.75 7.68
CA THR C 77 40.06 3.96 8.04
C THR C 77 39.89 3.73 9.53
N ARG C 78 39.03 4.57 10.16
CA ARG C 78 38.62 4.35 11.51
CA ARG C 78 38.60 4.40 11.53
C ARG C 78 37.43 3.41 11.65
N ALA C 79 37.00 2.76 10.56
CA ALA C 79 35.88 1.78 10.67
C ALA C 79 36.07 0.75 11.74
N ALA C 80 35.09 0.68 12.63
CA ALA C 80 35.25 -0.18 13.82
C ALA C 80 35.42 -1.65 13.48
N PHE C 81 34.63 -2.14 12.48
CA PHE C 81 34.71 -3.55 12.13
C PHE C 81 36.03 -3.98 11.49
N LEU C 82 36.84 -3.00 11.09
CA LEU C 82 38.15 -3.31 10.47
C LEU C 82 39.35 -2.97 11.40
N SER C 83 39.08 -2.73 12.67
CA SER C 83 40.05 -2.05 13.50
C SER C 83 41.16 -2.97 14.05
N GLU C 84 40.90 -4.26 14.15
CA GLU C 84 41.82 -5.18 14.84
C GLU C 84 41.90 -6.53 14.15
N GLU C 85 43.09 -7.10 14.12
CA GLU C 85 43.31 -8.45 13.66
C GLU C 85 42.48 -9.40 14.46
N GLY C 86 41.81 -10.32 13.79
CA GLY C 86 40.96 -11.25 14.44
C GLY C 86 39.52 -10.83 14.68
N LYS C 87 39.20 -9.56 14.50
CA LYS C 87 37.86 -9.08 14.84
C LYS C 87 36.82 -9.71 13.88
N GLN C 88 35.77 -10.32 14.45
CA GLN C 88 34.74 -11.03 13.70
C GLN C 88 33.44 -10.21 13.71
N THR C 89 32.81 -10.10 12.54
CA THR C 89 31.58 -9.41 12.39
C THR C 89 30.67 -10.37 11.63
N ASP C 90 29.49 -10.54 12.15
CA ASP C 90 28.43 -11.24 11.44
C ASP C 90 28.01 -10.53 10.13
N VAL C 91 27.67 -11.33 9.11
CA VAL C 91 27.13 -10.77 7.86
C VAL C 91 25.91 -11.52 7.41
N PHE C 92 25.10 -10.84 6.62
CA PHE C 92 24.13 -11.44 5.75
C PHE C 92 24.45 -11.04 4.32
N VAL C 93 24.36 -11.99 3.39
CA VAL C 93 24.74 -11.75 1.98
C VAL C 93 23.62 -12.22 1.09
N ARG C 94 23.26 -11.44 0.08
CA ARG C 94 22.42 -11.91 -0.99
C ARG C 94 23.14 -11.78 -2.32
N PHE C 95 23.08 -12.85 -3.12
CA PHE C 95 23.59 -12.92 -4.47
C PHE C 95 22.40 -12.90 -5.39
N SER C 96 22.58 -12.46 -6.61
CA SER C 96 21.42 -12.27 -7.51
C SER C 96 21.86 -12.20 -8.97
N THR C 97 20.89 -12.34 -9.88
CA THR C 97 21.03 -11.84 -11.22
C THR C 97 20.50 -10.41 -11.27
N VAL C 98 20.30 -9.85 -12.43
CA VAL C 98 19.91 -8.43 -12.52
C VAL C 98 18.58 -8.15 -13.17
N ILE C 99 18.41 -8.62 -14.41
CA ILE C 99 17.31 -8.11 -15.23
C ILE C 99 15.96 -8.84 -15.10
N HIS C 100 15.97 -10.18 -15.13
CA HIS C 100 14.69 -10.89 -15.23
C HIS C 100 14.00 -11.03 -13.90
N PRO C 101 12.72 -11.48 -13.89
CA PRO C 101 11.95 -11.43 -12.61
C PRO C 101 12.35 -12.57 -11.66
N LYS C 102 11.64 -12.65 -10.54
N LYS C 102 11.71 -12.59 -10.51
CA LYS C 102 11.63 -13.85 -9.68
CA LYS C 102 11.99 -13.54 -9.43
C LYS C 102 11.27 -15.04 -10.54
C LYS C 102 12.22 -14.97 -9.81
N GLY C 103 11.89 -16.16 -10.23
N GLY C 103 11.43 -15.50 -10.76
CA GLY C 103 11.55 -17.31 -10.98
CA GLY C 103 11.45 -16.94 -11.04
C GLY C 103 12.40 -17.45 -12.21
C GLY C 103 12.34 -17.36 -12.20
N SER C 104 13.14 -16.41 -12.63
CA SER C 104 13.83 -16.50 -13.89
C SER C 104 15.06 -17.40 -13.72
N PRO C 105 15.59 -17.93 -14.83
CA PRO C 105 16.78 -18.76 -14.71
C PRO C 105 18.08 -18.07 -14.27
N GLU C 106 18.91 -18.82 -13.57
CA GLU C 106 20.23 -18.35 -13.13
C GLU C 106 21.37 -18.64 -14.13
N THR C 107 20.97 -19.00 -15.35
CA THR C 107 21.87 -19.35 -16.48
C THR C 107 21.95 -18.27 -17.55
N LEU C 108 21.31 -17.13 -17.30
CA LEU C 108 21.31 -16.04 -18.22
C LEU C 108 22.55 -15.19 -18.10
N ARG C 109 22.90 -14.49 -19.19
CA ARG C 109 23.98 -13.50 -19.17
C ARG C 109 23.56 -12.27 -18.40
N ASP C 110 24.36 -11.83 -17.44
CA ASP C 110 23.99 -10.72 -16.56
C ASP C 110 25.19 -10.49 -15.64
N PRO C 111 25.42 -9.24 -15.19
CA PRO C 111 26.15 -9.16 -13.91
C PRO C 111 25.46 -9.99 -12.86
N ARG C 112 26.17 -10.33 -11.79
CA ARG C 112 25.58 -10.78 -10.62
C ARG C 112 25.78 -9.91 -9.43
N GLY C 113 24.75 -9.77 -8.62
CA GLY C 113 24.84 -9.06 -7.41
C GLY C 113 25.53 -9.81 -6.32
N PHE C 114 26.20 -9.04 -5.48
CA PHE C 114 27.03 -9.54 -4.39
C PHE C 114 26.88 -8.46 -3.29
N ALA C 115 25.81 -8.58 -2.48
CA ALA C 115 25.42 -7.60 -1.50
C ALA C 115 25.74 -8.14 -0.11
N VAL C 116 26.59 -7.44 0.60
CA VAL C 116 27.01 -7.82 1.93
C VAL C 116 26.60 -6.81 2.99
N LYS C 117 25.88 -7.28 4.01
CA LYS C 117 25.50 -6.49 5.17
C LYS C 117 26.37 -6.93 6.34
N PHE C 118 27.18 -5.99 6.84
CA PHE C 118 28.03 -6.26 8.04
C PHE C 118 27.32 -5.64 9.26
N TYR C 119 27.01 -6.45 10.27
CA TYR C 119 26.34 -6.02 11.49
C TYR C 119 27.33 -5.44 12.53
N THR C 120 27.79 -4.23 12.29
CA THR C 120 28.94 -3.74 13.05
C THR C 120 28.51 -3.13 14.34
N GLU C 121 29.50 -2.89 15.21
CA GLU C 121 29.20 -2.27 16.53
C GLU C 121 28.83 -0.82 16.41
N GLU C 122 29.12 -0.20 15.28
CA GLU C 122 28.74 1.19 15.01
C GLU C 122 27.68 1.38 13.95
N GLY C 123 26.92 0.32 13.72
CA GLY C 123 25.79 0.38 12.78
C GLY C 123 26.01 -0.63 11.64
N ASN C 124 24.94 -0.85 10.88
CA ASN C 124 25.00 -1.77 9.73
C ASN C 124 25.74 -1.05 8.57
N TYR C 125 26.69 -1.74 8.00
CA TYR C 125 27.43 -1.32 6.83
C TYR C 125 27.12 -2.23 5.67
N ASP C 126 26.53 -1.68 4.63
CA ASP C 126 26.17 -2.43 3.43
C ASP C 126 27.18 -2.14 2.30
N LEU C 127 27.80 -3.17 1.73
CA LEU C 127 28.66 -3.05 0.58
C LEU C 127 27.94 -3.82 -0.55
N VAL C 128 27.31 -3.06 -1.38
CA VAL C 128 26.30 -3.53 -2.32
C VAL C 128 27.00 -3.62 -3.67
N GLY C 129 27.70 -4.72 -3.84
CA GLY C 129 28.53 -4.96 -5.02
C GLY C 129 27.93 -5.80 -6.13
N ASN C 130 28.71 -5.98 -7.18
CA ASN C 130 28.44 -6.90 -8.23
C ASN C 130 29.70 -7.72 -8.48
N ASN C 131 29.60 -8.82 -9.23
CA ASN C 131 30.82 -9.56 -9.60
C ASN C 131 31.76 -8.71 -10.46
N LEU C 132 31.24 -8.04 -11.53
CA LEU C 132 32.08 -7.30 -12.43
C LEU C 132 32.43 -6.00 -11.80
N PRO C 133 33.67 -5.48 -12.07
CA PRO C 133 34.20 -4.38 -11.24
C PRO C 133 33.90 -2.97 -11.74
N ILE C 134 33.20 -2.89 -12.88
CA ILE C 134 32.79 -1.60 -13.49
CA ILE C 134 32.79 -1.62 -13.48
C ILE C 134 31.32 -1.65 -13.84
N PHE C 135 30.82 -0.55 -14.36
CA PHE C 135 29.44 -0.46 -14.76
C PHE C 135 29.26 0.06 -16.14
N PHE C 136 28.04 -0.02 -16.64
CA PHE C 136 27.67 0.45 -17.99
C PHE C 136 27.64 1.97 -18.19
N ILE C 137 27.32 2.66 -17.13
CA ILE C 137 26.94 4.06 -17.15
C ILE C 137 27.67 4.70 -15.93
N ARG C 138 27.75 6.02 -15.91
CA ARG C 138 28.47 6.76 -14.88
C ARG C 138 27.62 7.87 -14.22
N ASP C 139 26.32 7.92 -14.51
CA ASP C 139 25.42 8.87 -13.88
C ASP C 139 24.11 8.16 -13.61
N ALA C 140 23.65 8.27 -12.37
CA ALA C 140 22.36 7.72 -11.99
C ALA C 140 21.16 8.12 -12.82
N LEU C 141 21.21 9.28 -13.42
CA LEU C 141 20.08 9.80 -14.19
C LEU C 141 19.79 8.85 -15.33
N LYS C 142 20.76 8.04 -15.76
CA LYS C 142 20.58 7.14 -16.89
C LYS C 142 20.13 5.77 -16.49
N PHE C 143 20.08 5.51 -15.19
CA PHE C 143 19.81 4.13 -14.78
C PHE C 143 18.45 3.62 -15.24
N PRO C 144 17.38 4.43 -15.13
CA PRO C 144 16.09 3.82 -15.55
C PRO C 144 16.11 3.54 -17.08
N ASP C 145 16.79 4.40 -17.85
CA ASP C 145 16.92 4.20 -19.29
C ASP C 145 17.66 2.92 -19.59
N MET C 146 18.81 2.71 -18.90
CA MET C 146 19.62 1.54 -19.11
C MET C 146 18.84 0.26 -18.81
N VAL C 147 18.22 0.26 -17.64
CA VAL C 147 17.40 -0.85 -17.22
C VAL C 147 16.23 -1.13 -18.14
N HIS C 148 15.51 -0.08 -18.56
CA HIS C 148 14.39 -0.27 -19.47
C HIS C 148 14.81 -0.81 -20.82
N SER C 149 15.99 -0.45 -21.24
CA SER C 149 16.52 -1.04 -22.51
C SER C 149 16.86 -2.51 -22.44
N LEU C 150 17.38 -2.90 -21.28
CA LEU C 150 17.79 -4.32 -21.02
C LEU C 150 16.61 -5.21 -20.66
N LYS C 151 15.63 -4.66 -19.94
CA LYS C 151 14.44 -5.39 -19.54
C LYS C 151 13.66 -5.93 -20.74
N PRO C 152 12.91 -7.01 -20.53
CA PRO C 152 11.92 -7.38 -21.50
C PRO C 152 11.18 -6.19 -22.13
N ASP C 153 11.00 -6.25 -23.43
CA ASP C 153 10.28 -5.22 -24.19
C ASP C 153 8.91 -5.02 -23.54
N PRO C 154 8.50 -3.75 -23.37
CA PRO C 154 7.29 -3.44 -22.64
C PRO C 154 6.01 -3.86 -23.40
N VAL C 155 6.15 -4.25 -24.68
CA VAL C 155 5.06 -4.85 -25.40
C VAL C 155 5.03 -6.36 -25.36
N THR C 156 6.14 -6.99 -25.70
CA THR C 156 6.24 -8.42 -25.92
C THR C 156 6.55 -9.19 -24.65
N ASN C 157 7.02 -8.53 -23.61
CA ASN C 157 7.60 -9.24 -22.41
C ASN C 157 8.74 -10.16 -22.71
N ILE C 158 9.52 -9.87 -23.74
CA ILE C 158 10.72 -10.66 -24.10
C ILE C 158 11.91 -9.73 -24.28
N GLN C 159 13.06 -10.06 -23.68
CA GLN C 159 14.25 -9.25 -23.84
C GLN C 159 14.65 -9.20 -25.30
N ASP C 160 15.04 -7.98 -25.77
CA ASP C 160 15.36 -7.76 -27.16
C ASP C 160 16.74 -7.06 -27.28
N PRO C 161 17.79 -7.78 -27.78
CA PRO C 161 19.11 -7.10 -28.00
C PRO C 161 19.07 -5.85 -28.80
N ASP C 162 18.13 -5.75 -29.75
CA ASP C 162 18.03 -4.52 -30.56
C ASP C 162 17.74 -3.30 -29.69
N ARG C 163 17.03 -3.50 -28.59
CA ARG C 163 16.72 -2.41 -27.67
C ARG C 163 17.93 -1.99 -26.84
N TYR C 164 18.57 -2.94 -26.17
CA TYR C 164 19.65 -2.57 -25.28
C TYR C 164 20.92 -2.22 -26.03
N TRP C 165 21.15 -2.82 -27.18
CA TRP C 165 22.25 -2.37 -28.03
C TRP C 165 22.01 -0.98 -28.55
N ASP C 166 20.77 -0.61 -28.82
CA ASP C 166 20.46 0.80 -29.19
C ASP C 166 20.96 1.71 -28.11
N PHE C 167 20.43 1.54 -26.91
CA PHE C 167 20.90 2.33 -25.77
C PHE C 167 22.42 2.26 -25.61
N MET C 168 23.00 1.07 -25.58
CA MET C 168 24.44 0.97 -25.25
C MET C 168 25.31 1.61 -26.27
N THR C 169 25.04 1.38 -27.55
CA THR C 169 25.87 2.05 -28.60
C THR C 169 25.87 3.54 -28.56
N LEU C 170 24.76 4.14 -28.16
CA LEU C 170 24.59 5.59 -28.00
C LEU C 170 25.10 6.11 -26.62
N THR C 171 25.61 5.19 -25.82
CA THR C 171 26.11 5.41 -24.46
C THR C 171 27.52 4.76 -24.43
N PRO C 172 28.48 5.31 -25.21
CA PRO C 172 29.77 4.69 -25.45
C PRO C 172 30.63 4.48 -24.20
N GLU C 173 30.29 5.09 -23.09
CA GLU C 173 30.93 4.79 -21.84
C GLU C 173 30.67 3.31 -21.39
N SER C 174 29.69 2.68 -22.01
CA SER C 174 29.40 1.29 -21.73
C SER C 174 30.42 0.29 -22.30
N THR C 175 31.36 0.74 -23.13
CA THR C 175 32.16 -0.14 -23.96
C THR C 175 33.03 -1.06 -23.04
N HIS C 176 33.65 -0.49 -21.99
CA HIS C 176 34.43 -1.28 -21.08
C HIS C 176 33.57 -2.38 -20.41
N MET C 177 32.44 -1.99 -19.89
CA MET C 177 31.54 -3.02 -19.27
C MET C 177 31.20 -4.15 -20.21
N LEU C 178 30.83 -3.81 -21.43
CA LEU C 178 30.40 -4.85 -22.36
C LEU C 178 31.56 -5.81 -22.68
N THR C 179 32.78 -5.29 -22.61
CA THR C 179 33.95 -6.08 -22.91
C THR C 179 34.22 -7.10 -21.80
N TRP C 180 33.76 -6.82 -20.59
CA TRP C 180 33.69 -7.84 -19.55
C TRP C 180 32.42 -8.75 -19.66
N LEU C 181 31.25 -8.15 -19.78
CA LEU C 181 29.95 -8.89 -19.75
C LEU C 181 29.85 -9.92 -20.83
N PHE C 182 30.45 -9.67 -22.00
CA PHE C 182 30.43 -10.61 -23.09
C PHE C 182 31.63 -11.59 -23.14
N SER C 183 32.55 -11.51 -22.19
CA SER C 183 33.43 -12.63 -21.87
C SER C 183 32.54 -13.72 -21.26
N ASP C 184 33.08 -14.90 -21.03
CA ASP C 184 32.23 -15.87 -20.39
C ASP C 184 31.93 -15.53 -18.95
N GLU C 185 32.63 -14.57 -18.40
CA GLU C 185 32.32 -14.16 -17.01
C GLU C 185 30.91 -13.52 -16.91
N GLY C 186 30.33 -13.19 -18.07
CA GLY C 186 28.90 -12.83 -18.12
C GLY C 186 27.94 -13.88 -17.60
N ILE C 187 28.42 -15.12 -17.50
CA ILE C 187 27.61 -16.23 -16.95
C ILE C 187 28.43 -17.00 -15.97
N PRO C 188 28.53 -16.50 -14.75
CA PRO C 188 29.22 -17.32 -13.68
C PRO C 188 28.60 -18.68 -13.49
N ALA C 189 29.41 -19.67 -13.09
CA ALA C 189 28.93 -21.06 -12.96
C ALA C 189 27.92 -21.20 -11.84
N ASN C 190 28.11 -20.40 -10.80
CA ASN C 190 27.23 -20.32 -9.68
C ASN C 190 27.65 -19.13 -8.83
N TYR C 191 27.05 -18.96 -7.66
CA TYR C 191 27.40 -17.80 -6.82
C TYR C 191 28.67 -17.95 -6.03
N ALA C 192 29.16 -19.16 -5.83
CA ALA C 192 30.34 -19.41 -4.99
C ALA C 192 31.63 -19.23 -5.81
N GLU C 193 31.58 -19.60 -7.09
CA GLU C 193 32.81 -19.62 -7.94
C GLU C 193 32.82 -18.31 -8.77
N MET C 194 32.80 -17.24 -8.04
CA MET C 194 32.43 -15.91 -8.62
C MET C 194 33.23 -14.84 -7.92
N ARG C 195 33.64 -13.84 -8.66
CA ARG C 195 34.26 -12.63 -8.18
C ARG C 195 33.24 -11.77 -7.42
N GLY C 196 33.73 -10.87 -6.56
CA GLY C 196 32.93 -9.73 -6.06
C GLY C 196 33.71 -8.43 -6.13
N SER C 197 32.98 -7.31 -6.30
CA SER C 197 33.58 -5.99 -6.46
C SER C 197 32.70 -4.93 -5.84
N GLY C 198 33.30 -3.87 -5.25
CA GLY C 198 32.47 -2.73 -4.79
C GLY C 198 32.07 -1.83 -5.91
N VAL C 199 32.81 -1.93 -7.02
CA VAL C 199 32.63 -1.14 -8.25
C VAL C 199 33.04 0.30 -8.03
N HIS C 200 32.30 1.06 -7.20
CA HIS C 200 32.72 2.43 -6.97
C HIS C 200 33.97 2.56 -6.12
N THR C 201 34.65 3.66 -6.37
CA THR C 201 35.51 4.26 -5.41
C THR C 201 34.73 4.75 -4.25
N PHE C 202 35.20 4.47 -3.05
CA PHE C 202 34.70 5.09 -1.86
C PHE C 202 35.80 5.93 -1.22
N ARG C 203 35.44 6.60 -0.13
CA ARG C 203 36.41 7.35 0.71
C ARG C 203 36.59 6.67 2.07
N TRP C 204 37.84 6.43 2.42
CA TRP C 204 38.21 5.89 3.75
C TRP C 204 38.85 7.01 4.49
N VAL C 205 38.35 7.24 5.69
CA VAL C 205 38.75 8.40 6.52
C VAL C 205 39.30 7.79 7.82
N ASN C 206 40.55 8.13 8.15
CA ASN C 206 41.17 7.62 9.34
C ASN C 206 40.99 8.49 10.59
N LYS C 207 41.65 8.07 11.69
CA LYS C 207 41.42 8.75 12.98
C LYS C 207 41.95 10.18 12.98
N TYR C 208 42.81 10.51 12.04
CA TYR C 208 43.34 11.88 11.88
C TYR C 208 42.49 12.75 10.95
N GLY C 209 41.45 12.18 10.33
CA GLY C 209 40.64 12.92 9.39
C GLY C 209 41.18 12.86 7.97
N GLU C 210 42.23 12.10 7.72
CA GLU C 210 42.85 11.99 6.42
C GLU C 210 42.05 11.00 5.60
N THR C 211 41.94 11.30 4.31
CA THR C 211 41.12 10.52 3.40
C THR C 211 41.99 9.84 2.32
N LYS C 212 41.65 8.60 1.98
CA LYS C 212 42.09 7.94 0.76
C LYS C 212 40.90 7.43 -0.01
N TYR C 213 41.07 7.31 -1.29
CA TYR C 213 40.20 6.57 -2.11
C TYR C 213 40.42 5.08 -1.99
N VAL C 214 39.34 4.30 -2.03
CA VAL C 214 39.44 2.86 -1.90
C VAL C 214 38.55 2.19 -2.93
N LYS C 215 39.03 1.02 -3.36
CA LYS C 215 38.23 0.02 -4.08
C LYS C 215 38.26 -1.31 -3.36
N TYR C 216 37.12 -1.99 -3.35
CA TYR C 216 36.99 -3.33 -2.75
C TYR C 216 36.88 -4.48 -3.77
N HIS C 217 37.52 -5.60 -3.42
CA HIS C 217 37.54 -6.78 -4.30
C HIS C 217 37.32 -8.01 -3.46
N TRP C 218 36.41 -8.88 -3.86
CA TRP C 218 36.25 -10.20 -3.19
C TRP C 218 36.79 -11.30 -4.08
N ARG C 219 37.67 -12.15 -3.54
CA ARG C 219 38.27 -13.25 -4.27
C ARG C 219 37.78 -14.59 -3.70
N PRO C 220 37.11 -15.36 -4.53
CA PRO C 220 36.54 -16.62 -4.09
C PRO C 220 37.56 -17.67 -3.73
N SER C 221 37.38 -18.28 -2.56
CA SER C 221 38.23 -19.41 -2.15
C SER C 221 38.00 -20.56 -3.15
N GLU C 222 36.81 -20.63 -3.75
CA GLU C 222 36.46 -21.67 -4.69
C GLU C 222 36.96 -21.41 -6.10
N GLY C 223 37.68 -20.29 -6.33
CA GLY C 223 38.12 -19.90 -7.67
C GLY C 223 36.97 -19.36 -8.52
N ILE C 224 37.29 -18.64 -9.57
CA ILE C 224 36.32 -18.09 -10.50
C ILE C 224 36.06 -19.15 -11.58
N ARG C 225 34.81 -19.53 -11.81
CA ARG C 225 34.49 -20.33 -12.96
C ARG C 225 33.27 -19.82 -13.69
N ASN C 226 33.31 -19.94 -15.02
CA ASN C 226 32.28 -19.38 -15.91
C ASN C 226 31.70 -20.40 -16.81
N LEU C 227 30.57 -20.08 -17.42
CA LEU C 227 29.89 -20.95 -18.37
C LEU C 227 29.94 -20.37 -19.74
N SER C 228 30.30 -21.20 -20.70
CA SER C 228 30.04 -20.90 -22.07
C SER C 228 28.53 -20.84 -22.33
N MET C 229 28.14 -20.29 -23.47
CA MET C 229 26.74 -20.28 -23.86
C MET C 229 26.20 -21.69 -23.93
N GLU C 230 27.00 -22.62 -24.48
CA GLU C 230 26.54 -24.01 -24.56
C GLU C 230 26.45 -24.68 -23.19
N GLU C 231 27.35 -24.38 -22.28
CA GLU C 231 27.28 -24.97 -20.93
C GLU C 231 26.04 -24.39 -20.20
N ALA C 232 25.80 -23.09 -20.38
CA ALA C 232 24.67 -22.46 -19.73
C ALA C 232 23.35 -23.10 -20.22
N ALA C 233 23.22 -23.32 -21.51
CA ALA C 233 21.99 -23.97 -22.09
C ALA C 233 21.79 -25.36 -21.56
N GLU C 234 22.87 -26.08 -21.41
CA GLU C 234 22.79 -27.45 -20.82
C GLU C 234 22.28 -27.42 -19.40
N ILE C 235 22.77 -26.51 -18.56
CA ILE C 235 22.24 -26.38 -17.21
C ILE C 235 20.77 -25.91 -17.25
N GLN C 236 20.44 -24.93 -18.11
CA GLN C 236 19.09 -24.36 -18.16
C GLN C 236 18.04 -25.42 -18.48
N ALA C 237 18.41 -26.39 -19.29
CA ALA C 237 17.52 -27.49 -19.64
C ALA C 237 16.98 -28.21 -18.41
N ASN C 238 17.80 -28.38 -17.39
CA ASN C 238 17.45 -29.29 -16.29
C ASN C 238 17.18 -28.52 -15.03
N ASP C 239 17.60 -27.24 -14.95
CA ASP C 239 17.44 -26.52 -13.69
C ASP C 239 17.48 -24.99 -13.92
N PHE C 240 16.43 -24.32 -13.50
CA PHE C 240 16.36 -22.86 -13.72
C PHE C 240 16.78 -22.12 -12.42
N GLN C 241 17.22 -22.88 -11.40
CA GLN C 241 17.59 -22.28 -10.14
C GLN C 241 18.87 -22.90 -9.58
N HIS C 242 19.80 -23.17 -10.47
CA HIS C 242 20.93 -24.01 -10.11
C HIS C 242 21.88 -23.33 -9.15
N ALA C 243 21.95 -22.00 -9.21
CA ALA C 243 22.80 -21.27 -8.33
C ALA C 243 22.21 -21.14 -6.96
N THR C 244 20.91 -20.90 -6.83
CA THR C 244 20.28 -20.90 -5.56
C THR C 244 20.46 -22.30 -4.91
N ARG C 245 20.28 -23.30 -5.71
CA ARG C 245 20.38 -24.70 -5.22
C ARG C 245 21.79 -24.98 -4.67
N ASP C 246 22.78 -24.63 -5.48
CA ASP C 246 24.18 -24.88 -5.19
C ASP C 246 24.60 -24.21 -3.90
N LEU C 247 24.21 -22.92 -3.74
CA LEU C 247 24.59 -22.19 -2.51
C LEU C 247 24.03 -22.84 -1.26
N TYR C 248 22.72 -23.18 -1.31
CA TYR C 248 22.08 -23.83 -0.19
C TYR C 248 22.76 -25.15 0.15
N ASP C 249 22.96 -25.91 -0.88
CA ASP C 249 23.50 -27.28 -0.76
C ASP C 249 24.94 -27.29 -0.22
N ARG C 250 25.80 -26.36 -0.66
CA ARG C 250 27.15 -26.21 -0.12
C ARG C 250 27.09 -26.00 1.36
N ILE C 251 26.24 -25.09 1.78
CA ILE C 251 26.16 -24.75 3.20
C ILE C 251 25.57 -25.94 3.99
N GLU C 252 24.54 -26.54 3.45
CA GLU C 252 23.85 -27.60 4.18
C GLU C 252 24.81 -28.73 4.41
N LYS C 253 25.70 -28.96 3.47
CA LYS C 253 26.65 -30.07 3.64
C LYS C 253 27.94 -29.71 4.36
N GLY C 254 28.10 -28.45 4.75
CA GLY C 254 29.24 -27.99 5.50
C GLY C 254 30.42 -27.57 4.64
N ASN C 255 30.21 -27.41 3.34
CA ASN C 255 31.26 -26.97 2.41
C ASN C 255 31.13 -25.45 2.24
N TYR C 256 31.49 -24.72 3.29
CA TYR C 256 31.19 -23.27 3.33
C TYR C 256 32.01 -22.51 2.30
N PRO C 257 31.36 -21.75 1.40
CA PRO C 257 32.13 -20.89 0.50
C PRO C 257 32.66 -19.65 1.19
N ALA C 258 33.82 -19.19 0.72
CA ALA C 258 34.50 -18.06 1.35
C ALA C 258 35.09 -17.16 0.29
N TRP C 259 35.26 -15.92 0.67
CA TRP C 259 35.92 -14.91 -0.15
C TRP C 259 36.92 -14.13 0.70
N ASP C 260 38.09 -13.88 0.14
CA ASP C 260 39.01 -12.94 0.72
C ASP C 260 38.66 -11.56 0.24
N LEU C 261 38.68 -10.63 1.16
CA LEU C 261 38.54 -9.24 0.85
C LEU C 261 39.89 -8.55 0.65
N TYR C 262 40.07 -7.87 -0.49
CA TYR C 262 41.23 -7.04 -0.78
C TYR C 262 40.77 -5.64 -1.07
N VAL C 263 41.64 -4.71 -0.77
CA VAL C 263 41.42 -3.31 -1.22
C VAL C 263 42.55 -2.75 -2.04
N GLN C 264 42.22 -1.74 -2.89
CA GLN C 264 43.24 -0.88 -3.48
C GLN C 264 43.04 0.49 -2.83
N LEU C 265 44.17 1.20 -2.62
CA LEU C 265 44.13 2.51 -2.01
C LEU C 265 44.85 3.52 -2.90
N MET C 266 44.23 4.67 -3.08
CA MET C 266 44.75 5.77 -3.92
C MET C 266 44.68 7.08 -3.15
N PRO C 267 45.75 7.88 -3.21
CA PRO C 267 45.66 9.25 -2.73
C PRO C 267 44.70 10.12 -3.48
N LEU C 268 43.98 10.99 -2.80
CA LEU C 268 43.11 11.93 -3.49
C LEU C 268 43.88 12.70 -4.55
N SER C 269 45.14 12.98 -4.27
CA SER C 269 45.90 13.84 -5.15
C SER C 269 46.22 13.19 -6.50
N ASP C 270 46.00 11.88 -6.60
CA ASP C 270 46.32 11.18 -7.86
C ASP C 270 45.32 11.48 -8.94
N TYR C 271 44.17 12.07 -8.61
CA TYR C 271 43.19 12.46 -9.61
C TYR C 271 43.87 13.15 -10.76
N ASP C 272 44.66 14.15 -10.42
CA ASP C 272 44.96 15.19 -11.40
C ASP C 272 45.94 14.74 -12.42
N GLU C 273 46.68 13.68 -12.08
CA GLU C 273 47.73 13.08 -12.89
C GLU C 273 47.28 11.91 -13.79
N LEU C 274 46.11 11.29 -13.53
CA LEU C 274 45.62 10.15 -14.28
C LEU C 274 44.92 10.66 -15.55
N ASP C 275 44.85 9.82 -16.58
CA ASP C 275 44.12 10.16 -17.80
C ASP C 275 42.63 9.72 -17.81
N TYR C 276 42.13 9.37 -16.62
CA TYR C 276 40.72 9.12 -16.42
C TYR C 276 40.39 9.67 -15.06
N ASP C 277 39.09 9.78 -14.77
CA ASP C 277 38.61 10.18 -13.46
C ASP C 277 38.55 8.91 -12.56
N PRO C 278 39.24 8.91 -11.40
CA PRO C 278 39.26 7.72 -10.62
C PRO C 278 37.91 7.41 -9.95
N CYS C 279 36.98 8.36 -9.97
CA CYS C 279 35.58 8.14 -9.53
C CYS C 279 34.56 7.87 -10.66
N ASP C 280 35.07 7.57 -11.88
CA ASP C 280 34.26 7.13 -12.99
C ASP C 280 34.09 5.61 -12.84
N PRO C 281 32.86 5.16 -12.59
CA PRO C 281 32.69 3.75 -12.33
C PRO C 281 32.74 2.85 -13.58
N THR C 282 33.02 3.43 -14.73
CA THR C 282 33.34 2.67 -15.94
C THR C 282 34.81 2.27 -15.99
N LYS C 283 35.57 2.69 -14.97
CA LYS C 283 37.02 2.56 -14.93
C LYS C 283 37.42 1.66 -13.83
N THR C 284 38.47 0.88 -14.04
CA THR C 284 39.23 0.22 -12.97
C THR C 284 40.52 0.95 -12.68
N TRP C 285 41.17 0.57 -11.56
CA TRP C 285 42.51 1.05 -11.24
C TRP C 285 43.52 -0.06 -11.47
N SER C 286 44.64 0.32 -12.05
CA SER C 286 45.68 -0.67 -12.39
C SER C 286 46.10 -1.38 -11.08
N GLU C 287 46.16 -2.71 -11.10
CA GLU C 287 46.64 -3.50 -9.93
C GLU C 287 48.16 -3.51 -9.81
N GLU C 288 48.83 -3.07 -10.87
CA GLU C 288 50.26 -2.77 -10.81
C GLU C 288 50.54 -1.47 -10.06
N ASP C 289 49.82 -0.42 -10.40
CA ASP C 289 50.04 0.90 -9.81
C ASP C 289 49.41 1.04 -8.42
N TYR C 290 48.34 0.29 -8.17
CA TYR C 290 47.61 0.32 -6.91
C TYR C 290 47.37 -1.11 -6.50
N PRO C 291 48.35 -1.73 -5.85
CA PRO C 291 48.30 -3.16 -5.60
C PRO C 291 47.20 -3.57 -4.62
N LEU C 292 46.75 -4.80 -4.76
CA LEU C 292 45.73 -5.35 -3.87
C LEU C 292 46.33 -5.61 -2.51
N GLN C 293 45.62 -5.22 -1.47
CA GLN C 293 46.09 -5.36 -0.08
C GLN C 293 45.06 -6.16 0.70
N LYS C 294 45.47 -7.24 1.35
CA LYS C 294 44.51 -8.17 1.95
C LYS C 294 43.96 -7.61 3.23
N VAL C 295 42.62 -7.75 3.40
CA VAL C 295 41.94 -7.26 4.60
C VAL C 295 41.51 -8.37 5.50
N GLY C 296 40.86 -9.37 4.93
CA GLY C 296 40.25 -10.39 5.74
C GLY C 296 39.51 -11.37 4.91
N ARG C 297 38.70 -12.19 5.58
CA ARG C 297 37.98 -13.27 4.91
C ARG C 297 36.54 -13.40 5.44
N MET C 298 35.63 -13.63 4.50
CA MET C 298 34.23 -13.87 4.76
C MET C 298 33.89 -15.32 4.45
N THR C 299 33.26 -15.96 5.39
CA THR C 299 32.79 -17.33 5.24
C THR C 299 31.30 -17.34 5.43
N LEU C 300 30.61 -17.95 4.49
CA LEU C 300 29.16 -18.10 4.58
C LEU C 300 28.81 -19.51 5.07
N ASN C 301 28.12 -19.59 6.20
CA ASN C 301 27.98 -20.88 6.93
C ASN C 301 26.63 -21.20 7.45
N ARG C 302 25.60 -20.44 7.06
CA ARG C 302 24.28 -20.68 7.61
C ARG C 302 23.20 -20.24 6.62
N ASN C 303 22.29 -21.17 6.26
CA ASN C 303 21.13 -20.82 5.48
C ASN C 303 20.09 -20.13 6.30
N PRO C 304 19.25 -19.28 5.68
CA PRO C 304 18.16 -18.68 6.43
C PRO C 304 17.13 -19.69 6.87
N GLU C 305 16.39 -19.32 7.89
CA GLU C 305 15.26 -20.20 8.32
C GLU C 305 14.01 -20.03 7.46
N ASN C 306 13.83 -18.85 6.86
CA ASN C 306 12.64 -18.61 5.99
C ASN C 306 13.06 -17.73 4.84
N PHE C 307 12.87 -18.21 3.63
CA PHE C 307 13.37 -17.44 2.48
C PHE C 307 12.67 -16.10 2.35
N PHE C 308 11.36 -16.09 2.48
CA PHE C 308 10.63 -14.85 2.33
C PHE C 308 11.05 -13.81 3.36
N ALA C 309 11.03 -14.21 4.64
CA ALA C 309 11.18 -13.25 5.68
C ALA C 309 12.58 -12.68 5.73
N GLU C 310 13.58 -13.48 5.31
CA GLU C 310 15.01 -13.12 5.44
C GLU C 310 15.62 -12.73 4.11
N THR C 311 15.54 -13.57 3.11
CA THR C 311 16.15 -13.20 1.81
C THR C 311 15.26 -12.26 1.01
N GLU C 312 13.97 -12.60 0.87
CA GLU C 312 13.13 -11.74 -0.01
C GLU C 312 12.99 -10.35 0.60
N GLN C 313 12.84 -10.25 1.93
CA GLN C 313 12.64 -8.96 2.57
C GLN C 313 13.97 -8.20 2.88
N ALA C 314 15.12 -8.81 2.60
CA ALA C 314 16.42 -8.16 2.89
C ALA C 314 16.57 -6.84 2.11
N ALA C 315 17.08 -5.85 2.81
CA ALA C 315 17.22 -4.49 2.24
C ALA C 315 18.67 -4.05 2.44
N PHE C 316 19.36 -3.78 1.36
CA PHE C 316 20.72 -3.26 1.37
C PHE C 316 20.72 -1.87 0.77
N THR C 317 21.60 -1.00 1.24
CA THR C 317 21.81 0.25 0.57
C THR C 317 23.24 0.74 0.57
N PRO C 318 23.74 1.29 -0.55
CA PRO C 318 25.14 1.87 -0.52
C PRO C 318 25.27 3.03 0.44
N SER C 319 24.15 3.68 0.80
CA SER C 319 24.15 4.73 1.83
C SER C 319 24.17 4.23 3.26
N ALA C 320 24.19 2.92 3.51
CA ALA C 320 24.38 2.38 4.85
C ALA C 320 25.89 2.33 5.15
N LEU C 321 26.44 3.52 5.35
CA LEU C 321 27.82 3.68 5.61
C LEU C 321 28.05 3.72 7.10
N VAL C 322 29.27 3.47 7.50
CA VAL C 322 29.67 3.56 8.93
C VAL C 322 30.82 4.56 9.08
N PRO C 323 31.07 5.00 10.33
CA PRO C 323 32.12 5.95 10.50
C PRO C 323 33.47 5.44 10.00
N GLY C 324 34.14 6.26 9.20
CA GLY C 324 35.39 5.94 8.53
C GLY C 324 35.24 5.51 7.07
N ILE C 325 33.98 5.33 6.63
CA ILE C 325 33.71 4.91 5.26
C ILE C 325 32.64 5.81 4.70
N GLU C 326 32.97 6.48 3.62
CA GLU C 326 32.11 7.52 3.07
C GLU C 326 31.92 7.32 1.54
N ALA C 327 30.85 7.90 1.00
CA ALA C 327 30.66 7.97 -0.45
C ALA C 327 31.80 8.77 -1.10
N SER C 328 32.11 8.43 -2.33
CA SER C 328 32.82 9.36 -3.15
C SER C 328 31.83 10.15 -3.99
N GLU C 329 32.38 11.08 -4.74
CA GLU C 329 31.65 11.95 -5.66
C GLU C 329 31.10 11.26 -6.93
N ASP C 330 31.39 9.98 -7.10
CA ASP C 330 30.92 9.19 -8.25
C ASP C 330 29.41 9.42 -8.45
N LYS C 331 29.01 9.95 -9.62
CA LYS C 331 27.62 10.40 -9.84
C LYS C 331 26.64 9.23 -9.97
N LEU C 332 27.11 8.05 -10.25
CA LEU C 332 26.33 6.84 -10.25
C LEU C 332 26.03 6.42 -8.81
N LEU C 333 27.06 6.37 -8.00
CA LEU C 333 26.92 6.11 -6.55
C LEU C 333 25.98 7.10 -5.91
N GLN C 334 26.11 8.38 -6.25
CA GLN C 334 25.32 9.39 -5.57
C GLN C 334 23.83 9.11 -5.68
N GLY C 335 23.38 8.67 -6.85
CA GLY C 335 21.97 8.38 -7.02
C GLY C 335 21.51 7.11 -6.33
N ARG C 336 22.40 6.12 -6.19
CA ARG C 336 22.12 4.91 -5.43
C ARG C 336 21.84 5.25 -3.98
N LEU C 337 22.53 6.21 -3.44
CA LEU C 337 22.35 6.58 -2.00
C LEU C 337 20.91 6.87 -1.69
N PHE C 338 20.20 7.48 -2.67
CA PHE C 338 18.78 7.75 -2.65
C PHE C 338 17.90 6.54 -3.00
N SER C 339 18.19 5.90 -4.12
CA SER C 339 17.27 5.01 -4.76
C SER C 339 16.99 3.81 -3.88
N TYR C 340 17.96 3.33 -3.08
CA TYR C 340 17.71 2.03 -2.43
C TYR C 340 16.73 2.16 -1.29
N PRO C 341 17.03 3.00 -0.30
CA PRO C 341 15.98 3.20 0.73
C PRO C 341 14.62 3.68 0.19
N ASP C 342 14.66 4.50 -0.87
CA ASP C 342 13.44 4.96 -1.53
C ASP C 342 12.60 3.71 -2.00
N THR C 343 13.22 2.79 -2.76
CA THR C 343 12.45 1.65 -3.27
C THR C 343 12.00 0.75 -2.15
N GLN C 344 12.83 0.64 -1.11
CA GLN C 344 12.56 -0.23 0.00
C GLN C 344 11.40 0.18 0.82
N ARG C 345 11.22 1.45 0.97
CA ARG C 345 10.04 2.00 1.68
C ARG C 345 8.74 1.59 0.94
N HIS C 346 8.76 1.56 -0.39
CA HIS C 346 7.69 1.03 -1.25
C HIS C 346 7.55 -0.47 -1.22
N ARG C 347 8.68 -1.17 -1.43
CA ARG C 347 8.65 -2.63 -1.57
C ARG C 347 8.30 -3.29 -0.23
N LEU C 348 8.78 -2.72 0.87
CA LEU C 348 8.74 -3.37 2.19
C LEU C 348 7.92 -2.68 3.28
N GLY C 349 7.68 -1.38 3.13
CA GLY C 349 7.01 -0.58 4.12
C GLY C 349 7.91 0.44 4.75
N ALA C 350 7.32 1.51 5.25
CA ALA C 350 8.06 2.59 5.90
C ALA C 350 8.99 2.10 7.03
N ASN C 351 8.53 1.01 7.72
CA ASN C 351 9.24 0.42 8.86
C ASN C 351 10.09 -0.80 8.49
N TYR C 352 10.54 -0.86 7.24
CA TYR C 352 11.30 -2.01 6.76
C TYR C 352 12.58 -2.26 7.57
N MET C 353 13.11 -1.23 8.20
CA MET C 353 14.32 -1.38 9.01
C MET C 353 14.12 -2.14 10.34
N ARG C 354 12.87 -2.47 10.67
CA ARG C 354 12.50 -3.28 11.81
C ARG C 354 12.29 -4.74 11.48
N ILE C 355 12.35 -5.06 10.20
CA ILE C 355 12.27 -6.44 9.78
C ILE C 355 13.59 -7.09 10.26
N PRO C 356 13.53 -8.27 10.90
CA PRO C 356 14.78 -8.74 11.65
C PRO C 356 16.09 -8.83 10.88
N VAL C 357 16.09 -9.30 9.63
CA VAL C 357 17.33 -9.32 8.88
C VAL C 357 17.94 -7.95 8.65
N ASN C 358 17.09 -6.95 8.66
CA ASN C 358 17.55 -5.58 8.39
C ASN C 358 17.94 -4.82 9.65
N CYS C 359 17.61 -5.37 10.81
CA CYS C 359 17.90 -4.69 12.08
C CYS C 359 19.43 -4.63 12.36
N PRO C 360 19.93 -3.49 12.84
CA PRO C 360 21.29 -3.43 13.36
C PRO C 360 21.46 -4.26 14.62
N TYR C 361 22.68 -4.66 14.88
CA TYR C 361 23.08 -5.14 16.21
C TYR C 361 23.28 -3.96 17.18
N ALA C 362 23.78 -2.84 16.66
CA ALA C 362 24.01 -1.63 17.42
C ALA C 362 22.65 -1.02 17.83
N PRO C 363 22.62 -0.37 18.96
CA PRO C 363 21.37 0.20 19.46
C PRO C 363 20.80 1.27 18.51
N VAL C 364 19.48 1.31 18.41
CA VAL C 364 18.78 2.32 17.64
C VAL C 364 17.95 3.16 18.64
N HIS C 365 18.18 4.49 18.63
CA HIS C 365 17.40 5.40 19.47
C HIS C 365 17.19 6.63 18.66
N ASN C 366 15.95 6.94 18.34
CA ASN C 366 15.69 8.20 17.68
C ASN C 366 14.27 8.68 17.86
N ASN C 367 13.91 9.78 17.25
CA ASN C 367 12.60 10.43 17.42
C ASN C 367 11.64 10.19 16.25
N GLN C 368 11.97 9.21 15.41
CA GLN C 368 11.04 8.76 14.39
C GLN C 368 9.88 8.02 15.03
N GLN C 369 8.74 7.97 14.36
CA GLN C 369 7.59 7.26 14.92
C GLN C 369 6.58 6.82 13.89
N ASP C 370 5.73 5.89 14.31
CA ASP C 370 4.52 5.51 13.58
C ASP C 370 4.88 4.89 12.22
N GLY C 371 4.01 5.02 11.27
CA GLY C 371 4.15 4.32 10.02
C GLY C 371 3.44 2.96 10.02
N PHE C 372 3.07 2.48 8.84
N PHE C 372 3.08 2.50 8.82
CA PHE C 372 2.40 1.16 8.74
CA PHE C 372 2.56 1.09 8.57
C PHE C 372 3.16 0.08 9.52
C PHE C 372 3.19 0.05 9.48
N MET C 373 2.39 -0.77 10.17
CA MET C 373 2.93 -1.90 10.88
C MET C 373 3.97 -1.54 11.91
N THR C 374 3.53 -0.73 12.88
CA THR C 374 4.35 -0.38 14.05
C THR C 374 4.24 -1.51 15.05
N THR C 375 5.30 -2.30 15.17
CA THR C 375 5.34 -3.53 15.98
C THR C 375 6.26 -3.44 17.19
N THR C 376 6.96 -2.33 17.38
CA THR C 376 8.09 -2.20 18.31
C THR C 376 7.76 -1.72 19.76
N ARG C 377 6.49 -1.65 20.11
CA ARG C 377 6.10 -1.22 21.47
C ARG C 377 6.70 0.14 21.91
N PRO C 378 6.43 1.17 21.16
CA PRO C 378 6.96 2.48 21.52
C PRO C 378 6.32 3.02 22.79
N SER C 379 7.07 3.86 23.48
CA SER C 379 6.61 4.48 24.71
C SER C 379 7.30 5.84 24.82
N GLY C 380 6.76 6.66 25.72
CA GLY C 380 7.38 7.91 26.15
C GLY C 380 6.70 9.11 25.49
N HIS C 381 6.90 10.29 26.11
CA HIS C 381 6.24 11.51 25.70
C HIS C 381 7.10 12.37 24.74
N ILE C 382 8.38 12.06 24.61
CA ILE C 382 9.37 12.93 23.98
C ILE C 382 9.86 12.33 22.68
N ASN C 383 9.37 12.91 21.60
CA ASN C 383 9.71 12.48 20.23
C ASN C 383 10.24 13.68 19.38
N TYR C 384 10.90 14.59 20.05
CA TYR C 384 11.43 15.83 19.44
C TYR C 384 12.75 16.18 20.08
N GLU C 385 13.63 16.81 19.31
CA GLU C 385 14.95 17.28 19.79
C GLU C 385 15.21 18.61 19.03
N PRO C 386 15.76 19.62 19.69
CA PRO C 386 16.16 19.64 21.10
C PRO C 386 15.04 19.60 22.09
N ASN C 387 15.37 19.04 23.24
CA ASN C 387 14.46 18.92 24.37
C ASN C 387 15.26 19.10 25.66
N ARG C 388 14.53 19.20 26.78
CA ARG C 388 15.18 19.56 28.06
C ARG C 388 15.69 18.37 28.84
N TYR C 389 15.60 17.17 28.26
CA TYR C 389 15.79 15.95 29.04
C TYR C 389 17.13 15.32 28.72
N ASP C 390 17.97 15.20 29.74
CA ASP C 390 19.35 14.85 29.51
C ASP C 390 19.52 13.41 29.10
N ASP C 391 18.56 12.61 29.51
CA ASP C 391 18.53 11.16 29.28
C ASP C 391 18.01 10.81 27.89
N GLN C 392 17.39 11.77 27.21
CA GLN C 392 16.85 11.46 25.86
C GLN C 392 18.00 11.42 24.89
N PRO C 393 17.81 10.78 23.75
CA PRO C 393 18.96 10.71 22.82
C PRO C 393 19.43 12.07 22.27
N LYS C 394 20.76 12.25 22.16
CA LYS C 394 21.38 13.45 21.71
C LYS C 394 22.37 13.14 20.64
N GLU C 395 22.63 14.11 19.80
CA GLU C 395 23.71 13.98 18.80
C GLU C 395 25.07 13.86 19.48
N ASN C 396 26.00 13.24 18.74
CA ASN C 396 27.28 12.92 19.27
C ASN C 396 28.34 13.36 18.28
N PRO C 397 28.98 14.51 18.52
CA PRO C 397 29.85 15.04 17.46
C PRO C 397 31.12 14.21 17.18
N HIS C 398 31.46 13.27 18.05
CA HIS C 398 32.50 12.31 17.69
C HIS C 398 32.18 11.56 16.38
N TYR C 399 30.92 11.50 16.03
CA TYR C 399 30.53 10.70 14.86
C TYR C 399 30.20 11.52 13.62
N LYS C 400 30.67 12.78 13.56
CA LYS C 400 30.52 13.57 12.35
C LYS C 400 31.33 13.00 11.20
N GLU C 401 30.79 13.10 10.00
CA GLU C 401 31.48 12.67 8.82
C GLU C 401 32.48 13.73 8.40
N SER C 402 33.34 13.35 7.49
CA SER C 402 34.31 14.31 6.88
C SER C 402 33.64 15.40 6.08
N GLU C 403 34.45 16.40 5.70
CA GLU C 403 34.05 17.55 4.88
C GLU C 403 34.81 17.60 3.53
N PRO C 404 34.39 16.78 2.55
CA PRO C 404 35.10 16.74 1.29
C PRO C 404 35.21 18.11 0.59
N VAL C 405 36.40 18.38 0.02
CA VAL C 405 36.59 19.59 -0.72
C VAL C 405 35.83 19.51 -2.08
N LEU C 406 35.24 20.63 -2.45
CA LEU C 406 34.52 20.73 -3.70
C LEU C 406 35.45 21.47 -4.67
N HIS C 407 35.54 20.96 -5.86
CA HIS C 407 36.37 21.59 -6.88
C HIS C 407 35.55 22.47 -7.80
N GLY C 408 34.25 22.24 -7.85
CA GLY C 408 33.34 23.11 -8.61
C GLY C 408 32.92 24.44 -7.95
N ASP C 409 32.65 25.41 -8.82
CA ASP C 409 32.27 26.83 -8.62
C ASP C 409 30.75 27.06 -8.63
N ARG C 410 30.03 26.12 -9.25
CA ARG C 410 28.66 26.34 -9.71
C ARG C 410 27.88 24.97 -9.70
N MET C 411 26.55 25.08 -9.55
CA MET C 411 25.67 23.91 -9.74
C MET C 411 25.51 23.70 -11.23
N VAL C 412 25.99 22.56 -11.72
CA VAL C 412 26.04 22.31 -13.14
C VAL C 412 25.46 20.93 -13.48
N ARG C 413 24.96 20.81 -14.70
CA ARG C 413 24.72 19.50 -15.32
C ARG C 413 25.70 19.36 -16.48
N GLN C 414 26.76 18.61 -16.24
CA GLN C 414 27.88 18.54 -17.17
C GLN C 414 28.61 17.19 -16.94
N LYS C 415 28.95 16.52 -18.04
CA LYS C 415 29.76 15.31 -17.99
C LYS C 415 31.09 15.54 -17.31
N ILE C 416 31.54 14.54 -16.56
CA ILE C 416 32.93 14.57 -16.05
C ILE C 416 33.95 14.86 -17.16
N GLU C 417 35.03 15.46 -16.73
CA GLU C 417 36.21 15.52 -17.60
C GLU C 417 36.88 14.17 -17.73
N LYS C 418 37.70 14.04 -18.73
CA LYS C 418 38.48 12.83 -19.05
C LYS C 418 37.59 11.59 -19.09
N PRO C 419 36.51 11.66 -19.86
CA PRO C 419 35.63 10.44 -19.85
C PRO C 419 36.34 9.22 -20.43
N ASN C 420 37.16 9.41 -21.46
CA ASN C 420 38.07 8.34 -21.93
C ASN C 420 37.35 7.00 -22.11
N ASP C 421 36.33 6.98 -22.99
CA ASP C 421 35.35 5.88 -23.00
C ASP C 421 35.95 4.55 -23.52
N PHE C 422 37.07 4.60 -24.24
CA PHE C 422 37.53 3.44 -25.00
C PHE C 422 38.82 2.82 -24.56
N LYS C 423 39.65 3.58 -23.86
CA LYS C 423 41.03 3.09 -23.58
C LYS C 423 41.04 1.82 -22.76
N GLN C 424 40.34 1.83 -21.62
CA GLN C 424 40.39 0.64 -20.77
C GLN C 424 39.72 -0.60 -21.38
N ALA C 425 38.67 -0.41 -22.18
CA ALA C 425 38.11 -1.48 -22.94
C ALA C 425 39.15 -2.17 -23.82
N GLY C 426 39.98 -1.34 -24.47
CA GLY C 426 41.07 -1.90 -25.30
C GLY C 426 42.09 -2.65 -24.46
N GLU C 427 42.45 -2.10 -23.31
CA GLU C 427 43.38 -2.76 -22.42
C GLU C 427 42.83 -4.06 -21.97
N LYS C 428 41.54 -4.09 -21.65
CA LYS C 428 40.94 -5.39 -21.21
C LYS C 428 40.97 -6.38 -22.34
N TYR C 429 40.55 -5.97 -23.50
CA TYR C 429 40.59 -6.82 -24.68
C TYR C 429 42.00 -7.45 -24.81
N ARG C 430 43.00 -6.61 -24.79
CA ARG C 430 44.36 -7.09 -25.05
C ARG C 430 44.89 -7.98 -23.96
N SER C 431 44.33 -7.89 -22.75
CA SER C 431 44.70 -8.76 -21.62
C SER C 431 44.08 -10.17 -21.70
N TYR C 432 43.07 -10.34 -22.54
CA TYR C 432 42.46 -11.65 -22.73
C TYR C 432 43.42 -12.60 -23.47
N SER C 433 43.38 -13.89 -23.06
CA SER C 433 44.01 -14.92 -23.82
C SER C 433 43.36 -15.00 -25.18
N GLU C 434 43.99 -15.68 -26.11
CA GLU C 434 43.38 -15.86 -27.41
C GLU C 434 42.04 -16.61 -27.34
N GLU C 435 41.93 -17.60 -26.44
CA GLU C 435 40.70 -18.33 -26.24
C GLU C 435 39.61 -17.40 -25.74
N GLU C 436 39.98 -16.58 -24.77
CA GLU C 436 39.06 -15.61 -24.21
C GLU C 436 38.65 -14.57 -25.23
N LYS C 437 39.55 -14.11 -26.09
CA LYS C 437 39.14 -13.20 -27.17
C LYS C 437 38.18 -13.91 -28.10
N GLN C 438 38.43 -15.19 -28.40
CA GLN C 438 37.51 -15.92 -29.29
C GLN C 438 36.10 -16.03 -28.67
N ALA C 439 36.05 -16.26 -27.36
CA ALA C 439 34.79 -16.42 -26.66
C ALA C 439 34.01 -15.06 -26.64
N LEU C 440 34.76 -14.00 -26.40
CA LEU C 440 34.18 -12.64 -26.42
C LEU C 440 33.54 -12.38 -27.78
N ILE C 441 34.30 -12.63 -28.83
CA ILE C 441 33.79 -12.28 -30.15
C ILE C 441 32.57 -13.17 -30.48
N LYS C 442 32.68 -14.45 -30.16
CA LYS C 442 31.57 -15.39 -30.35
C LYS C 442 30.31 -14.88 -29.65
N ASN C 443 30.45 -14.49 -28.41
CA ASN C 443 29.29 -14.09 -27.60
C ASN C 443 28.65 -12.79 -28.08
N LEU C 444 29.52 -11.83 -28.45
CA LEU C 444 29.08 -10.60 -29.05
C LEU C 444 28.35 -10.83 -30.38
N THR C 445 28.94 -11.70 -31.20
CA THR C 445 28.38 -11.96 -32.51
C THR C 445 26.98 -12.60 -32.39
N ALA C 446 26.82 -13.54 -31.48
CA ALA C 446 25.53 -14.18 -31.32
C ALA C 446 24.47 -13.15 -30.87
N ASP C 447 24.90 -12.15 -30.09
CA ASP C 447 23.98 -11.10 -29.61
C ASP C 447 23.63 -10.02 -30.61
N LEU C 448 24.59 -9.68 -31.49
CA LEU C 448 24.47 -8.53 -32.35
C LEU C 448 23.90 -8.91 -33.73
N LYS C 449 24.03 -10.17 -34.07
CA LYS C 449 23.78 -10.58 -35.48
C LYS C 449 22.36 -10.21 -35.98
N GLY C 450 21.36 -10.14 -35.11
CA GLY C 450 19.99 -9.78 -35.54
C GLY C 450 19.56 -8.33 -35.26
N VAL C 451 20.48 -7.47 -34.82
CA VAL C 451 20.21 -6.11 -34.40
C VAL C 451 20.18 -5.26 -35.69
N ASN C 452 19.43 -4.16 -35.64
CA ASN C 452 19.41 -3.12 -36.64
C ASN C 452 20.80 -2.80 -37.20
N GLU C 453 20.93 -2.70 -38.53
CA GLU C 453 22.25 -2.56 -39.14
C GLU C 453 22.99 -1.35 -38.63
N LYS C 454 22.31 -0.22 -38.49
CA LYS C 454 22.99 1.05 -38.06
C LYS C 454 23.53 0.92 -36.61
N THR C 455 22.73 0.27 -35.77
CA THR C 455 23.17 -0.01 -34.42
C THR C 455 24.37 -0.96 -34.41
N LYS C 456 24.25 -2.04 -35.19
CA LYS C 456 25.34 -3.01 -35.30
C LYS C 456 26.68 -2.38 -35.73
N LEU C 457 26.61 -1.47 -36.70
CA LEU C 457 27.80 -0.72 -37.18
C LEU C 457 28.37 0.19 -36.08
N LEU C 458 27.51 0.85 -35.33
CA LEU C 458 27.96 1.68 -34.24
C LEU C 458 28.62 0.86 -33.16
N ALA C 459 28.08 -0.32 -32.83
CA ALA C 459 28.71 -1.17 -31.87
C ALA C 459 30.09 -1.54 -32.30
N ILE C 460 30.19 -1.97 -33.58
CA ILE C 460 31.51 -2.34 -34.13
C ILE C 460 32.50 -1.17 -34.03
N CYS C 461 32.02 0.01 -34.37
CA CYS C 461 32.87 1.18 -34.30
C CYS C 461 33.33 1.44 -32.87
N ASN C 462 32.45 1.26 -31.90
CA ASN C 462 32.86 1.50 -30.53
C ASN C 462 33.96 0.54 -30.10
N PHE C 463 33.81 -0.73 -30.40
CA PHE C 463 34.83 -1.70 -30.06
C PHE C 463 36.12 -1.46 -30.89
N TYR C 464 35.99 -1.00 -32.12
CA TYR C 464 37.17 -0.66 -32.95
C TYR C 464 37.99 0.45 -32.33
N ARG C 465 37.30 1.43 -31.74
CA ARG C 465 37.99 2.52 -31.04
C ARG C 465 38.69 2.05 -29.78
N ALA C 466 38.11 1.05 -29.13
CA ALA C 466 38.78 0.34 -28.01
C ALA C 466 40.08 -0.35 -28.47
N ASP C 467 39.96 -1.10 -29.54
CA ASP C 467 41.14 -1.79 -30.10
C ASP C 467 40.79 -2.18 -31.53
N GLU C 468 41.65 -1.79 -32.47
CA GLU C 468 41.37 -2.12 -33.87
C GLU C 468 41.16 -3.61 -34.16
N ASP C 469 41.95 -4.47 -33.56
CA ASP C 469 41.82 -5.92 -33.75
C ASP C 469 40.47 -6.42 -33.25
N TYR C 470 40.09 -5.93 -32.07
CA TYR C 470 38.78 -6.23 -31.45
C TYR C 470 37.64 -5.87 -32.38
N GLY C 471 37.64 -4.65 -32.86
CA GLY C 471 36.60 -4.18 -33.77
C GLY C 471 36.60 -4.92 -35.08
N GLN C 472 37.80 -5.07 -35.66
CA GLN C 472 37.89 -5.78 -36.93
C GLN C 472 37.44 -7.27 -36.81
N ARG C 473 37.83 -7.97 -35.74
CA ARG C 473 37.40 -9.38 -35.50
C ARG C 473 35.91 -9.48 -35.37
N LEU C 474 35.32 -8.49 -34.67
CA LEU C 474 33.86 -8.49 -34.54
C LEU C 474 33.18 -8.27 -35.88
N ALA C 475 33.69 -7.28 -36.64
CA ALA C 475 33.15 -6.98 -37.95
C ALA C 475 33.25 -8.22 -38.88
N ASP C 476 34.39 -8.91 -38.83
CA ASP C 476 34.62 -10.12 -39.64
C ASP C 476 33.63 -11.23 -39.27
N SER C 477 33.43 -11.44 -37.99
CA SER C 477 32.50 -12.42 -37.49
C SER C 477 31.01 -12.07 -37.83
N LEU C 478 30.69 -10.79 -37.88
CA LEU C 478 29.34 -10.33 -38.26
C LEU C 478 29.15 -10.16 -39.78
N GLY C 479 30.23 -10.32 -40.55
CA GLY C 479 30.17 -10.19 -41.98
C GLY C 479 29.97 -8.76 -42.42
N VAL C 480 30.47 -7.79 -41.63
CA VAL C 480 30.35 -6.37 -41.90
C VAL C 480 31.70 -5.90 -42.42
N ASP C 481 31.71 -5.29 -43.58
CA ASP C 481 32.92 -4.71 -44.17
C ASP C 481 33.08 -3.29 -43.64
N ILE C 482 34.09 -3.03 -42.85
CA ILE C 482 34.29 -1.69 -42.31
C ILE C 482 35.46 -0.95 -42.96
N ARG C 483 36.02 -1.50 -44.03
CA ARG C 483 37.05 -0.79 -44.79
C ARG C 483 36.71 0.66 -45.15
N SER C 484 35.55 0.89 -45.76
CA SER C 484 35.14 2.27 -46.14
C SER C 484 35.33 3.34 -45.02
N TYR C 485 35.20 2.92 -43.74
CA TYR C 485 35.56 3.74 -42.56
C TYR C 485 36.87 3.26 -41.97
N HIS D 6 -33.42 8.18 -16.25
CA HIS D 6 -33.32 6.96 -15.37
C HIS D 6 -32.09 6.09 -15.69
N LYS D 7 -31.49 5.52 -14.65
CA LYS D 7 -30.27 4.71 -14.80
C LYS D 7 -30.36 3.51 -13.90
N ASN D 8 -29.80 2.36 -14.32
CA ASN D 8 -29.66 1.25 -13.38
C ASN D 8 -28.52 1.50 -12.40
N LEU D 9 -28.76 1.15 -11.15
CA LEU D 9 -27.69 0.79 -10.24
C LEU D 9 -27.00 -0.49 -10.73
N THR D 10 -25.67 -0.50 -10.79
CA THR D 10 -24.92 -1.62 -11.29
C THR D 10 -23.80 -2.01 -10.34
N THR D 11 -23.27 -3.20 -10.51
CA THR D 11 -22.00 -3.55 -9.92
C THR D 11 -20.86 -2.90 -10.71
N ASN D 12 -19.62 -3.02 -10.23
CA ASN D 12 -18.50 -2.46 -11.00
C ASN D 12 -18.16 -3.26 -12.28
N GLN D 13 -18.76 -4.44 -12.37
CA GLN D 13 -18.69 -5.22 -13.58
C GLN D 13 -19.67 -4.72 -14.64
N GLY D 14 -20.56 -3.78 -14.26
CA GLY D 14 -21.63 -3.31 -15.19
C GLY D 14 -22.89 -4.15 -15.22
N VAL D 15 -23.03 -5.08 -14.28
CA VAL D 15 -24.27 -5.84 -14.14
C VAL D 15 -25.30 -5.08 -13.35
N PRO D 16 -26.53 -4.94 -13.87
CA PRO D 16 -27.55 -4.26 -13.05
C PRO D 16 -27.88 -4.96 -11.81
N VAL D 17 -28.12 -4.18 -10.75
CA VAL D 17 -28.39 -4.77 -9.45
C VAL D 17 -29.91 -5.03 -9.24
N GLY D 18 -30.29 -6.28 -8.97
CA GLY D 18 -31.71 -6.59 -8.81
C GLY D 18 -32.31 -6.15 -7.51
N ASP D 19 -31.48 -6.12 -6.48
CA ASP D 19 -31.91 -5.78 -5.14
C ASP D 19 -30.77 -5.15 -4.40
N ASN D 20 -30.89 -3.82 -4.13
CA ASN D 20 -29.94 -3.11 -3.35
C ASN D 20 -30.33 -2.96 -1.87
N GLN D 21 -31.33 -3.73 -1.41
CA GLN D 21 -31.85 -3.67 -0.03
C GLN D 21 -31.50 -4.88 0.83
N ASN D 22 -31.50 -6.05 0.23
CA ASN D 22 -31.36 -7.29 1.00
C ASN D 22 -30.14 -8.08 0.57
N SER D 23 -29.40 -8.54 1.57
CA SER D 23 -28.36 -9.56 1.41
C SER D 23 -29.02 -10.90 1.00
N ARG D 24 -28.22 -11.79 0.41
CA ARG D 24 -28.67 -13.11 0.06
C ARG D 24 -28.47 -14.10 1.24
N THR D 25 -29.56 -14.79 1.63
CA THR D 25 -29.62 -15.44 2.92
C THR D 25 -30.38 -16.77 2.78
N ALA D 26 -30.21 -17.60 3.80
CA ALA D 26 -30.94 -18.88 3.84
C ALA D 26 -32.35 -18.62 4.33
N GLY D 27 -33.27 -18.42 3.39
CA GLY D 27 -34.61 -17.90 3.68
C GLY D 27 -34.59 -16.42 4.13
N HIS D 28 -35.77 -15.88 4.38
CA HIS D 28 -35.89 -14.48 4.75
C HIS D 28 -35.29 -14.11 6.11
N ARG D 29 -35.03 -15.07 6.99
CA ARG D 29 -34.43 -14.73 8.27
C ARG D 29 -33.18 -15.47 8.63
N GLY D 30 -32.48 -16.00 7.63
CA GLY D 30 -31.39 -16.96 7.95
C GLY D 30 -30.09 -16.23 7.78
N PRO D 31 -28.98 -16.90 8.09
CA PRO D 31 -27.65 -16.34 7.84
C PRO D 31 -27.30 -16.14 6.37
N SER D 32 -26.24 -15.37 6.13
CA SER D 32 -25.91 -14.81 4.83
C SER D 32 -24.97 -15.69 4.06
N PHE D 33 -25.14 -15.68 2.73
CA PHE D 33 -24.32 -16.49 1.89
C PHE D 33 -23.11 -15.73 1.34
N LEU D 34 -22.04 -16.49 1.11
CA LEU D 34 -20.79 -16.00 0.56
C LEU D 34 -21.01 -15.57 -0.90
N ASP D 35 -21.82 -16.32 -1.64
CA ASP D 35 -22.17 -15.97 -3.04
C ASP D 35 -23.17 -14.79 -3.11
N ASP D 36 -22.68 -13.61 -2.73
CA ASP D 36 -23.40 -12.38 -2.86
C ASP D 36 -22.39 -11.35 -3.33
N TYR D 37 -22.14 -11.33 -4.66
CA TYR D 37 -21.03 -10.53 -5.19
C TYR D 37 -21.33 -9.09 -4.88
N HIS D 38 -22.58 -8.65 -5.05
CA HIS D 38 -22.95 -7.24 -4.83
C HIS D 38 -22.64 -6.76 -3.44
N LEU D 39 -23.02 -7.59 -2.45
CA LEU D 39 -22.76 -7.24 -1.06
C LEU D 39 -21.25 -7.11 -0.80
N ILE D 40 -20.49 -8.14 -1.23
CA ILE D 40 -19.08 -8.19 -0.96
C ILE D 40 -18.37 -6.99 -1.68
N GLU D 41 -18.70 -6.78 -2.96
CA GLU D 41 -18.05 -5.74 -3.70
C GLU D 41 -18.33 -4.40 -3.05
N LYS D 42 -19.60 -4.15 -2.67
CA LYS D 42 -20.02 -2.89 -2.12
C LYS D 42 -19.39 -2.65 -0.75
N LEU D 43 -19.38 -3.68 0.12
CA LEU D 43 -18.72 -3.54 1.42
C LEU D 43 -17.20 -3.36 1.27
N ALA D 44 -16.61 -4.10 0.33
CA ALA D 44 -15.17 -4.16 0.26
C ALA D 44 -14.70 -2.78 -0.22
N HIS D 45 -15.43 -2.19 -1.16
CA HIS D 45 -15.03 -0.88 -1.63
C HIS D 45 -15.22 0.18 -0.55
N PHE D 46 -16.36 0.16 0.11
CA PHE D 46 -16.58 0.98 1.30
C PHE D 46 -15.43 0.87 2.29
N ASP D 47 -14.99 -0.35 2.53
CA ASP D 47 -13.90 -0.70 3.50
C ASP D 47 -12.55 -0.08 3.14
N ARG D 48 -12.41 0.34 1.89
CA ARG D 48 -11.18 0.85 1.33
C ARG D 48 -11.29 2.34 0.87
N GLU D 49 -12.33 3.08 1.31
CA GLU D 49 -12.45 4.48 0.89
C GLU D 49 -11.34 5.37 1.30
N ARG D 50 -10.78 5.16 2.49
CA ARG D 50 -9.91 6.11 3.13
C ARG D 50 -8.46 5.88 2.72
N ILE D 51 -7.79 7.02 2.50
CA ILE D 51 -6.33 7.07 2.31
C ILE D 51 -5.70 7.92 3.46
N PRO D 52 -4.38 7.83 3.68
CA PRO D 52 -3.77 8.55 4.78
C PRO D 52 -4.01 10.03 4.56
N GLU D 53 -4.27 10.76 5.67
CA GLU D 53 -4.36 12.19 5.63
C GLU D 53 -2.95 12.76 5.48
N ARG D 54 -2.90 14.00 5.02
CA ARG D 54 -1.64 14.69 4.94
C ARG D 54 -0.97 14.75 6.33
N VAL D 55 0.36 14.54 6.35
CA VAL D 55 1.09 14.53 7.65
C VAL D 55 1.07 15.84 8.42
N VAL D 56 0.99 16.94 7.71
CA VAL D 56 0.57 18.24 8.21
C VAL D 56 -0.41 18.86 7.19
N HIS D 57 -1.14 19.88 7.63
CA HIS D 57 -2.16 20.55 6.88
C HIS D 57 -3.28 19.59 6.43
N ALA D 58 -3.60 18.65 7.30
CA ALA D 58 -4.62 17.65 6.99
C ALA D 58 -6.02 18.27 6.73
N ARG D 59 -6.35 19.29 7.49
CA ARG D 59 -7.64 20.01 7.42
C ARG D 59 -7.55 21.11 6.42
N GLY D 60 -8.37 21.09 5.39
CA GLY D 60 -8.36 22.20 4.41
C GLY D 60 -9.50 22.17 3.45
N ALA D 61 -9.48 23.12 2.52
CA ALA D 61 -10.54 23.32 1.55
C ALA D 61 -9.99 23.91 0.27
N GLY D 62 -10.58 23.48 -0.88
CA GLY D 62 -10.04 23.85 -2.17
C GLY D 62 -11.04 24.57 -3.09
N ALA D 63 -10.49 25.30 -4.05
CA ALA D 63 -11.29 26.00 -5.08
C ALA D 63 -10.47 26.28 -6.27
N TYR D 64 -11.11 26.29 -7.43
CA TYR D 64 -10.44 26.67 -8.68
C TYR D 64 -10.67 28.14 -9.00
N GLY D 65 -9.79 28.66 -9.84
CA GLY D 65 -9.93 30.03 -10.29
C GLY D 65 -9.03 30.39 -11.43
N VAL D 66 -8.80 31.74 -11.59
CA VAL D 66 -7.99 32.21 -12.65
C VAL D 66 -6.99 33.27 -12.09
N PHE D 67 -5.76 33.21 -12.55
CA PHE D 67 -4.77 34.31 -12.33
C PHE D 67 -4.58 35.10 -13.62
N GLU D 68 -4.68 36.45 -13.53
CA GLU D 68 -4.48 37.34 -14.65
C GLU D 68 -3.35 38.34 -14.41
N VAL D 69 -2.41 38.38 -15.35
CA VAL D 69 -1.26 39.28 -15.25
C VAL D 69 -1.75 40.69 -15.52
N GLU D 70 -1.38 41.58 -14.63
CA GLU D 70 -1.48 43.03 -14.86
C GLU D 70 -0.19 43.64 -15.42
N ASN D 71 0.93 43.33 -14.82
CA ASN D 71 2.23 43.83 -15.28
C ASN D 71 3.15 42.69 -15.65
N SER D 72 3.57 42.66 -16.91
CA SER D 72 4.40 41.54 -17.34
CA SER D 72 4.50 41.67 -17.47
C SER D 72 5.75 41.63 -16.60
N MET D 73 6.31 40.47 -16.30
CA MET D 73 7.52 40.37 -15.47
C MET D 73 8.73 39.90 -16.28
N GLU D 74 8.63 39.94 -17.60
CA GLU D 74 9.70 39.38 -18.46
C GLU D 74 11.08 40.05 -18.31
N LYS D 75 11.13 41.27 -17.82
CA LYS D 75 12.44 41.86 -17.52
C LYS D 75 13.17 41.07 -16.37
N HIS D 76 12.41 40.34 -15.51
CA HIS D 76 13.01 39.68 -14.35
C HIS D 76 12.91 38.18 -14.36
N THR D 77 11.94 37.65 -15.08
CA THR D 77 11.77 36.19 -15.15
C THR D 77 11.23 35.80 -16.53
N ARG D 78 11.76 34.69 -17.06
CA ARG D 78 11.27 34.12 -18.32
C ARG D 78 10.02 33.28 -18.13
N ALA D 79 9.44 33.29 -16.94
CA ALA D 79 8.25 32.43 -16.67
C ALA D 79 7.14 32.75 -17.66
N ALA D 80 6.71 31.72 -18.38
CA ALA D 80 5.74 31.94 -19.44
C ALA D 80 4.42 32.57 -18.91
N PHE D 81 3.91 32.05 -17.77
CA PHE D 81 2.62 32.58 -17.30
C PHE D 81 2.62 34.04 -16.87
N LEU D 82 3.81 34.62 -16.70
CA LEU D 82 3.95 36.04 -16.30
C LEU D 82 4.37 36.93 -17.47
N SER D 83 4.31 36.45 -18.71
CA SER D 83 5.07 37.08 -19.81
C SER D 83 4.37 38.24 -20.47
N GLU D 84 3.06 38.33 -20.28
CA GLU D 84 2.28 39.32 -21.02
C GLU D 84 1.13 39.84 -20.17
N GLU D 85 0.88 41.14 -20.26
CA GLU D 85 -0.31 41.73 -19.63
C GLU D 85 -1.53 41.07 -20.16
N GLY D 86 -2.47 40.78 -19.27
CA GLY D 86 -3.70 40.18 -19.66
C GLY D 86 -3.69 38.63 -19.67
N LYS D 87 -2.50 38.03 -19.60
CA LYS D 87 -2.39 36.60 -19.75
C LYS D 87 -3.07 35.90 -18.55
N GLN D 88 -3.96 34.97 -18.86
CA GLN D 88 -4.73 34.26 -17.84
C GLN D 88 -4.26 32.81 -17.74
N THR D 89 -4.13 32.35 -16.51
CA THR D 89 -3.73 30.98 -16.20
C THR D 89 -4.71 30.44 -15.17
N ASP D 90 -5.22 29.24 -15.43
CA ASP D 90 -6.08 28.54 -14.48
C ASP D 90 -5.29 28.19 -13.24
N VAL D 91 -5.94 28.26 -12.08
CA VAL D 91 -5.36 27.76 -10.83
C VAL D 91 -6.29 26.82 -10.07
N PHE D 92 -5.67 25.97 -9.27
CA PHE D 92 -6.32 25.32 -8.14
C PHE D 92 -5.61 25.68 -6.85
N VAL D 93 -6.37 25.96 -5.78
CA VAL D 93 -5.84 26.45 -4.51
C VAL D 93 -6.40 25.65 -3.39
N ARG D 94 -5.54 25.22 -2.47
CA ARG D 94 -5.99 24.64 -1.25
C ARG D 94 -5.50 25.47 -0.07
N PHE D 95 -6.44 25.76 0.84
CA PHE D 95 -6.19 26.50 2.09
C PHE D 95 -6.31 25.49 3.19
N SER D 96 -5.66 25.72 4.31
CA SER D 96 -5.61 24.68 5.35
C SER D 96 -5.20 25.26 6.68
N THR D 97 -5.45 24.53 7.77
CA THR D 97 -4.68 24.67 8.99
C THR D 97 -3.45 23.74 8.94
N VAL D 98 -2.76 23.52 10.08
CA VAL D 98 -1.48 22.82 10.05
C VAL D 98 -1.44 21.56 10.88
N ILE D 99 -1.69 21.71 12.19
CA ILE D 99 -1.25 20.66 13.12
C ILE D 99 -2.27 19.55 13.30
N HIS D 100 -3.54 19.89 13.50
CA HIS D 100 -4.49 18.84 13.91
C HIS D 100 -5.05 18.08 12.73
N PRO D 101 -5.71 16.91 13.02
CA PRO D 101 -6.13 16.03 11.89
C PRO D 101 -7.26 16.57 11.03
N LYS D 102 -7.62 15.81 9.99
N LYS D 102 -7.62 15.80 10.00
CA LYS D 102 -8.63 16.18 9.01
CA LYS D 102 -8.96 15.91 9.43
C LYS D 102 -9.91 16.82 9.49
C LYS D 102 -10.01 15.92 10.48
N GLY D 103 -10.46 16.32 10.61
N GLY D 103 -11.04 16.71 10.25
CA GLY D 103 -11.79 16.75 11.10
CA GLY D 103 -12.08 16.74 11.21
C GLY D 103 -11.75 17.83 12.16
C GLY D 103 -11.83 17.90 12.18
N SER D 104 -10.59 18.43 12.30
CA SER D 104 -10.29 19.30 13.44
C SER D 104 -10.85 20.70 13.17
N PRO D 105 -11.07 21.47 14.23
CA PRO D 105 -11.70 22.78 14.01
C PRO D 105 -10.84 23.78 13.27
N GLU D 106 -11.50 24.69 12.55
CA GLU D 106 -10.78 25.77 11.84
C GLU D 106 -10.61 27.07 12.67
N THR D 107 -10.89 26.96 13.98
CA THR D 107 -10.80 28.04 14.95
C THR D 107 -9.56 27.96 15.82
N LEU D 108 -8.67 27.01 15.52
CA LEU D 108 -7.49 26.83 16.30
C LEU D 108 -6.41 27.81 15.87
N ARG D 109 -5.47 28.10 16.75
CA ARG D 109 -4.28 28.87 16.43
C ARG D 109 -3.34 28.03 15.59
N ASP D 110 -2.88 28.60 14.48
CA ASP D 110 -1.99 27.87 13.53
C ASP D 110 -1.68 28.85 12.39
N PRO D 111 -0.49 28.75 11.77
CA PRO D 111 -0.46 29.20 10.39
C PRO D 111 -1.57 28.61 9.55
N ARG D 112 -1.90 29.28 8.47
CA ARG D 112 -2.76 28.71 7.48
C ARG D 112 -2.01 28.47 6.22
N GLY D 113 -2.20 27.33 5.62
CA GLY D 113 -1.69 27.07 4.29
C GLY D 113 -2.42 27.84 3.20
N PHE D 114 -1.68 28.08 2.11
CA PHE D 114 -2.12 28.89 0.97
C PHE D 114 -1.35 28.40 -0.22
N ALA D 115 -1.83 27.29 -0.76
CA ALA D 115 -1.14 26.50 -1.78
C ALA D 115 -1.79 26.73 -3.14
N VAL D 116 -1.04 27.38 -4.08
CA VAL D 116 -1.55 27.66 -5.42
C VAL D 116 -0.87 26.83 -6.50
N LYS D 117 -1.67 26.12 -7.32
CA LYS D 117 -1.18 25.37 -8.51
C LYS D 117 -1.62 26.12 -9.75
N PHE D 118 -0.63 26.70 -10.48
CA PHE D 118 -0.87 27.36 -11.72
C PHE D 118 -0.63 26.37 -12.87
N TYR D 119 -1.62 26.25 -13.72
CA TYR D 119 -1.58 25.29 -14.86
C TYR D 119 -0.99 25.94 -16.11
N THR D 120 0.33 26.12 -16.12
CA THR D 120 0.93 26.97 -17.13
C THR D 120 1.22 26.22 -18.41
N GLU D 121 1.47 27.00 -19.47
CA GLU D 121 1.79 26.37 -20.75
C GLU D 121 3.16 25.68 -20.78
N GLU D 122 4.03 25.90 -19.79
CA GLU D 122 5.33 25.23 -19.68
C GLU D 122 5.44 24.32 -18.46
N GLY D 123 4.27 23.90 -17.94
CA GLY D 123 4.19 22.95 -16.83
C GLY D 123 3.43 23.56 -15.64
N ASN D 124 3.10 22.70 -14.68
CA ASN D 124 2.45 23.14 -13.46
C ASN D 124 3.48 23.84 -12.56
N TYR D 125 3.12 25.03 -12.07
CA TYR D 125 3.92 25.77 -11.12
C TYR D 125 3.17 25.81 -9.78
N ASP D 126 3.77 25.23 -8.73
CA ASP D 126 3.15 25.23 -7.41
C ASP D 126 3.89 26.27 -6.58
N LEU D 127 3.12 27.22 -6.06
CA LEU D 127 3.59 28.08 -5.02
C LEU D 127 2.91 27.79 -3.72
N VAL D 128 3.67 27.13 -2.85
CA VAL D 128 3.14 26.43 -1.67
C VAL D 128 3.45 27.34 -0.51
N GLY D 129 2.55 28.32 -0.32
CA GLY D 129 2.67 29.29 0.73
C GLY D 129 1.91 29.06 2.01
N ASN D 130 2.14 30.00 2.93
CA ASN D 130 1.28 30.13 4.14
C ASN D 130 0.80 31.53 4.25
N ASN D 131 -0.11 31.82 5.15
CA ASN D 131 -0.45 33.21 5.41
C ASN D 131 0.70 34.02 6.02
N LEU D 132 1.32 33.51 7.10
CA LEU D 132 2.42 34.22 7.74
C LEU D 132 3.65 34.13 6.86
N PRO D 133 4.48 35.21 6.83
CA PRO D 133 5.53 35.32 5.82
C PRO D 133 6.91 34.74 6.20
N ILE D 134 7.01 34.19 7.42
CA ILE D 134 8.24 33.58 7.90
CA ILE D 134 8.26 33.57 7.89
C ILE D 134 7.95 32.22 8.51
N PHE D 135 8.98 31.58 9.00
CA PHE D 135 8.77 30.22 9.60
C PHE D 135 9.47 30.14 10.93
N PHE D 136 9.20 29.06 11.63
CA PHE D 136 9.78 28.78 12.95
C PHE D 136 11.28 28.44 12.91
N ILE D 137 11.72 27.85 11.81
CA ILE D 137 13.02 27.13 11.75
C ILE D 137 13.58 27.49 10.42
N ARG D 138 14.85 27.20 10.20
CA ARG D 138 15.51 27.53 8.94
C ARG D 138 16.25 26.34 8.28
N ASP D 139 16.11 25.12 8.81
CA ASP D 139 16.72 23.96 8.24
C ASP D 139 15.72 22.79 8.31
N ALA D 140 15.50 22.13 7.16
CA ALA D 140 14.53 21.04 7.07
C ALA D 140 14.81 19.90 7.99
N LEU D 141 16.06 19.75 8.44
CA LEU D 141 16.42 18.61 9.33
C LEU D 141 15.61 18.72 10.60
N LYS D 142 15.19 19.94 10.97
CA LYS D 142 14.43 20.13 12.22
C LYS D 142 12.91 19.94 12.06
N PHE D 143 12.40 19.80 10.85
CA PHE D 143 10.96 19.87 10.66
C PHE D 143 10.24 18.77 11.39
N PRO D 144 10.69 17.51 11.27
CA PRO D 144 9.97 16.46 12.06
C PRO D 144 9.96 16.75 13.61
N ASP D 145 11.05 17.30 14.10
CA ASP D 145 11.11 17.64 15.53
C ASP D 145 10.12 18.72 15.89
N MET D 146 10.13 19.79 15.09
CA MET D 146 9.21 20.87 15.30
C MET D 146 7.74 20.34 15.31
N VAL D 147 7.42 19.63 14.25
CA VAL D 147 6.09 19.10 14.09
C VAL D 147 5.71 18.22 15.23
N HIS D 148 6.61 17.31 15.61
CA HIS D 148 6.29 16.35 16.71
C HIS D 148 6.07 17.08 17.99
N SER D 149 6.79 18.18 18.17
CA SER D 149 6.57 18.96 19.43
C SER D 149 5.19 19.65 19.46
N LEU D 150 4.71 20.09 18.29
CA LEU D 150 3.43 20.84 18.15
C LEU D 150 2.23 19.93 18.12
N LYS D 151 2.46 18.73 17.55
CA LYS D 151 1.42 17.72 17.40
C LYS D 151 0.94 17.24 18.77
N PRO D 152 -0.30 16.72 18.83
CA PRO D 152 -0.75 16.04 20.03
C PRO D 152 0.34 15.12 20.57
N ASP D 153 0.48 15.15 21.88
CA ASP D 153 1.36 14.24 22.62
C ASP D 153 1.13 12.82 22.19
N PRO D 154 2.23 12.07 21.95
CA PRO D 154 2.10 10.70 21.43
C PRO D 154 1.55 9.68 22.42
N VAL D 155 1.47 10.05 23.70
CA VAL D 155 0.74 9.22 24.68
C VAL D 155 -0.73 9.61 24.72
N THR D 156 -1.04 10.92 24.87
CA THR D 156 -2.36 11.36 25.27
C THR D 156 -3.28 11.72 24.13
N ASN D 157 -2.71 11.93 22.93
CA ASN D 157 -3.44 12.52 21.80
C ASN D 157 -4.02 13.86 22.08
N ILE D 158 -3.38 14.65 22.94
CA ILE D 158 -3.72 16.04 23.15
C ILE D 158 -2.50 16.99 23.05
N GLN D 159 -2.66 18.10 22.33
CA GLN D 159 -1.57 19.02 22.17
C GLN D 159 -1.20 19.55 23.57
N ASP D 160 0.11 19.71 23.79
CA ASP D 160 0.64 20.15 25.09
C ASP D 160 1.62 21.28 24.85
N PRO D 161 1.23 22.51 25.23
CA PRO D 161 2.18 23.65 25.14
C PRO D 161 3.54 23.47 25.82
N ASP D 162 3.59 22.68 26.87
CA ASP D 162 4.86 22.39 27.49
C ASP D 162 5.85 21.72 26.49
N ARG D 163 5.33 20.91 25.61
CA ARG D 163 6.14 20.19 24.64
C ARG D 163 6.67 21.15 23.56
N TYR D 164 5.78 21.91 22.93
CA TYR D 164 6.25 22.76 21.84
C TYR D 164 7.03 23.96 22.35
N TRP D 165 6.65 24.48 23.50
CA TRP D 165 7.47 25.52 24.09
C TRP D 165 8.87 25.01 24.49
N ASP D 166 9.00 23.73 24.90
CA ASP D 166 10.31 23.12 25.10
C ASP D 166 11.15 23.25 23.83
N PHE D 167 10.65 22.67 22.73
CA PHE D 167 11.34 22.74 21.46
C PHE D 167 11.62 24.19 21.03
N MET D 168 10.59 25.04 21.09
CA MET D 168 10.73 26.44 20.53
C MET D 168 11.72 27.29 21.31
N THR D 169 11.66 27.20 22.63
CA THR D 169 12.61 28.00 23.46
C THR D 169 14.08 27.62 23.16
N LEU D 170 14.32 26.34 22.88
CA LEU D 170 15.63 25.80 22.61
C LEU D 170 16.04 25.98 21.12
N THR D 171 15.17 26.66 20.36
CA THR D 171 15.28 26.90 18.93
C THR D 171 14.96 28.36 18.73
N PRO D 172 15.79 29.23 19.30
CA PRO D 172 15.50 30.67 19.38
C PRO D 172 15.31 31.40 18.04
N GLU D 173 15.76 30.81 16.93
CA GLU D 173 15.34 31.32 15.63
C GLU D 173 13.81 31.38 15.42
N SER D 174 13.06 30.66 16.25
CA SER D 174 11.60 30.66 16.22
C SER D 174 10.95 31.96 16.72
N THR D 175 11.75 32.87 17.31
CA THR D 175 11.22 33.97 18.10
C THR D 175 10.40 34.92 17.21
N HIS D 176 10.91 35.28 16.03
CA HIS D 176 10.15 36.05 15.06
C HIS D 176 8.80 35.43 14.65
N MET D 177 8.83 34.17 14.23
CA MET D 177 7.57 33.50 13.94
C MET D 177 6.56 33.52 15.08
N LEU D 178 6.99 33.25 16.29
CA LEU D 178 6.06 33.18 17.40
C LEU D 178 5.41 34.55 17.67
N THR D 179 6.17 35.58 17.35
CA THR D 179 5.70 36.92 17.57
C THR D 179 4.55 37.27 16.62
N TRP D 180 4.52 36.63 15.45
CA TRP D 180 3.36 36.72 14.53
C TRP D 180 2.26 35.73 14.90
N LEU D 181 2.61 34.50 15.20
CA LEU D 181 1.64 33.42 15.45
C LEU D 181 0.77 33.71 16.72
N PHE D 182 1.34 34.39 17.72
CA PHE D 182 0.57 34.71 18.90
C PHE D 182 -0.03 36.12 18.91
N SER D 183 0.10 36.85 17.82
CA SER D 183 -0.83 37.95 17.54
C SER D 183 -2.17 37.31 17.20
N ASP D 184 -3.22 38.12 17.06
CA ASP D 184 -4.46 37.49 16.65
C ASP D 184 -4.44 37.01 15.21
N GLU D 185 -3.40 37.31 14.45
CA GLU D 185 -3.31 36.72 13.07
C GLU D 185 -3.01 35.22 13.12
N GLY D 186 -2.66 34.74 14.29
CA GLY D 186 -2.65 33.28 14.53
C GLY D 186 -3.98 32.58 14.30
N ILE D 187 -5.10 33.32 14.32
CA ILE D 187 -6.39 32.77 13.99
C ILE D 187 -7.11 33.67 12.99
N PRO D 188 -6.83 33.48 11.70
CA PRO D 188 -7.61 34.18 10.67
C PRO D 188 -9.10 33.93 10.76
N ALA D 189 -9.92 34.94 10.39
CA ALA D 189 -11.36 34.81 10.53
C ALA D 189 -11.95 33.72 9.61
N ASN D 190 -11.27 33.55 8.48
CA ASN D 190 -11.62 32.56 7.50
C ASN D 190 -10.50 32.55 6.44
N TYR D 191 -10.64 31.78 5.37
CA TYR D 191 -9.58 31.66 4.36
C TYR D 191 -9.56 32.89 3.42
N ALA D 192 -10.67 33.63 3.30
CA ALA D 192 -10.78 34.73 2.31
C ALA D 192 -10.17 35.99 2.88
N GLU D 193 -10.33 36.20 4.17
CA GLU D 193 -9.89 37.48 4.80
C GLU D 193 -8.52 37.28 5.43
N MET D 194 -7.58 36.91 4.59
CA MET D 194 -6.31 36.29 5.04
C MET D 194 -5.21 36.63 4.05
N ARG D 195 -4.04 36.90 4.58
CA ARG D 195 -2.82 37.15 3.84
C ARG D 195 -2.41 35.85 3.14
N GLY D 196 -1.62 35.98 2.10
CA GLY D 196 -0.73 34.85 1.63
C GLY D 196 0.73 35.26 1.36
N SER D 197 1.63 34.30 1.54
CA SER D 197 3.08 34.61 1.48
C SER D 197 3.77 33.38 0.82
N GLY D 198 4.74 33.58 -0.06
CA GLY D 198 5.62 32.47 -0.47
C GLY D 198 6.55 32.01 0.63
N VAL D 199 6.80 32.90 1.61
CA VAL D 199 7.74 32.69 2.74
C VAL D 199 9.19 32.69 2.29
N HIS D 200 9.64 31.68 1.52
CA HIS D 200 10.99 31.68 1.08
C HIS D 200 11.28 32.74 0.04
N THR D 201 12.54 33.09 0.02
CA THR D 201 13.17 33.68 -1.15
C THR D 201 13.31 32.65 -2.24
N PHE D 202 12.92 33.01 -3.45
CA PHE D 202 13.19 32.21 -4.63
C PHE D 202 14.12 32.94 -5.54
N ARG D 203 14.52 32.28 -6.63
CA ARG D 203 15.31 32.94 -7.69
C ARG D 203 14.49 33.11 -8.95
N TRP D 204 14.45 34.32 -9.49
CA TRP D 204 13.87 34.56 -10.78
C TRP D 204 15.02 34.74 -11.76
N VAL D 205 14.90 34.09 -12.91
CA VAL D 205 15.96 34.09 -13.91
C VAL D 205 15.31 34.51 -15.22
N ASN D 206 15.84 35.58 -15.82
CA ASN D 206 15.26 36.08 -17.08
C ASN D 206 15.90 35.43 -18.34
N LYS D 207 15.47 35.85 -19.52
CA LYS D 207 15.95 35.21 -20.74
C LYS D 207 17.45 35.43 -20.97
N TYR D 208 18.04 36.41 -20.30
CA TYR D 208 19.47 36.63 -20.40
C TYR D 208 20.29 35.90 -19.39
N GLY D 209 19.63 35.16 -18.50
CA GLY D 209 20.34 34.41 -17.51
C GLY D 209 20.62 35.18 -16.26
N GLU D 210 20.08 36.41 -16.17
CA GLU D 210 20.27 37.26 -14.99
C GLU D 210 19.30 36.83 -13.91
N THR D 211 19.79 36.78 -12.66
CA THR D 211 19.06 36.28 -11.51
C THR D 211 18.80 37.40 -10.51
N LYS D 212 17.57 37.45 -10.01
CA LYS D 212 17.21 38.20 -8.84
C LYS D 212 16.62 37.27 -7.81
N TYR D 213 16.78 37.66 -6.55
CA TYR D 213 15.96 37.09 -5.48
C TYR D 213 14.57 37.68 -5.47
N VAL D 214 13.57 36.85 -5.20
CA VAL D 214 12.17 37.28 -5.19
C VAL D 214 11.43 36.74 -3.96
N LYS D 215 10.51 37.55 -3.44
CA LYS D 215 9.53 37.15 -2.44
C LYS D 215 8.15 37.44 -2.99
N TYR D 216 7.20 36.56 -2.69
CA TYR D 216 5.82 36.66 -3.14
C TYR D 216 4.87 37.00 -1.97
N HIS D 217 3.90 37.84 -2.26
CA HIS D 217 2.91 38.27 -1.29
C HIS D 217 1.51 38.30 -1.90
N TRP D 218 0.51 37.70 -1.23
CA TRP D 218 -0.89 37.76 -1.69
C TRP D 218 -1.72 38.68 -0.76
N ARG D 219 -2.40 39.67 -1.35
CA ARG D 219 -3.15 40.67 -0.59
C ARG D 219 -4.65 40.51 -0.89
N PRO D 220 -5.44 40.17 0.14
CA PRO D 220 -6.83 39.80 -0.06
C PRO D 220 -7.73 41.00 -0.45
N SER D 221 -8.55 40.81 -1.48
CA SER D 221 -9.55 41.83 -1.88
C SER D 221 -10.54 42.00 -0.73
N GLU D 222 -10.73 40.94 0.08
CA GLU D 222 -11.63 41.01 1.22
C GLU D 222 -11.01 41.60 2.51
N GLY D 223 -9.76 42.05 2.48
CA GLY D 223 -9.05 42.59 3.66
C GLY D 223 -8.62 41.45 4.59
N ILE D 224 -7.64 41.73 5.45
CA ILE D 224 -7.20 40.82 6.49
C ILE D 224 -8.07 40.99 7.70
N ARG D 225 -8.69 39.91 8.20
CA ARG D 225 -9.39 39.93 9.49
C ARG D 225 -9.06 38.73 10.36
N ASN D 226 -8.88 38.97 11.68
CA ASN D 226 -8.43 37.97 12.65
C ASN D 226 -9.42 37.83 13.79
N LEU D 227 -9.28 36.74 14.53
CA LEU D 227 -10.11 36.45 15.66
C LEU D 227 -9.30 36.46 16.93
N SER D 228 -9.87 37.09 17.96
CA SER D 228 -9.40 36.90 19.33
C SER D 228 -9.63 35.48 19.80
N MET D 229 -9.01 35.12 20.92
CA MET D 229 -9.31 33.80 21.51
C MET D 229 -10.78 33.66 21.81
N GLU D 230 -11.37 34.69 22.41
CA GLU D 230 -12.81 34.62 22.71
C GLU D 230 -13.72 34.60 21.46
N GLU D 231 -13.40 35.33 20.40
CA GLU D 231 -14.15 35.23 19.15
C GLU D 231 -14.03 33.84 18.53
N ALA D 232 -12.81 33.30 18.52
CA ALA D 232 -12.60 31.93 18.02
C ALA D 232 -13.41 30.86 18.79
N ALA D 233 -13.44 30.93 20.11
CA ALA D 233 -14.19 30.04 20.94
C ALA D 233 -15.67 30.11 20.67
N GLU D 234 -16.18 31.32 20.48
CA GLU D 234 -17.59 31.51 20.24
C GLU D 234 -17.99 30.88 18.87
N ILE D 235 -17.13 30.96 17.87
CA ILE D 235 -17.40 30.30 16.56
C ILE D 235 -17.28 28.80 16.75
N GLN D 236 -16.25 28.37 17.47
CA GLN D 236 -15.99 26.93 17.65
C GLN D 236 -17.20 26.22 18.30
N ALA D 237 -17.89 26.93 19.22
CA ALA D 237 -19.04 26.37 19.90
C ALA D 237 -20.07 25.81 18.96
N ASN D 238 -20.24 26.44 17.81
CA ASN D 238 -21.31 26.06 16.89
C ASN D 238 -20.87 25.59 15.51
N ASP D 239 -19.59 25.73 15.16
CA ASP D 239 -19.15 25.27 13.86
C ASP D 239 -17.64 24.98 13.90
N PHE D 240 -17.27 23.74 13.62
CA PHE D 240 -15.89 23.33 13.62
C PHE D 240 -15.32 23.29 12.17
N GLN D 241 -16.11 23.74 11.19
CA GLN D 241 -15.62 23.81 9.81
C GLN D 241 -16.03 25.17 9.18
N HIS D 242 -15.96 26.22 9.94
CA HIS D 242 -16.54 27.47 9.46
C HIS D 242 -15.83 28.11 8.26
N ALA D 243 -14.52 27.90 8.16
CA ALA D 243 -13.71 28.48 7.09
C ALA D 243 -13.99 27.64 5.80
N THR D 244 -14.12 26.29 5.92
CA THR D 244 -14.48 25.51 4.72
C THR D 244 -15.85 25.96 4.22
N ARG D 245 -16.75 26.17 5.15
CA ARG D 245 -18.13 26.61 4.86
C ARG D 245 -18.13 27.93 4.14
N ASP D 246 -17.40 28.83 4.73
CA ASP D 246 -17.36 30.23 4.24
C ASP D 246 -16.83 30.30 2.81
N LEU D 247 -15.76 29.57 2.53
CA LEU D 247 -15.20 29.56 1.18
C LEU D 247 -16.18 29.03 0.15
N TYR D 248 -16.81 27.87 0.45
CA TYR D 248 -17.73 27.23 -0.47
C TYR D 248 -18.90 28.19 -0.75
N ASP D 249 -19.39 28.74 0.31
CA ASP D 249 -20.55 29.62 0.26
C ASP D 249 -20.33 30.90 -0.50
N ARG D 250 -19.17 31.54 -0.34
CA ARG D 250 -18.84 32.75 -1.11
C ARG D 250 -18.94 32.44 -2.58
N ILE D 251 -18.30 31.35 -2.97
CA ILE D 251 -18.21 30.98 -4.36
C ILE D 251 -19.59 30.59 -4.89
N GLU D 252 -20.34 29.85 -4.10
CA GLU D 252 -21.66 29.38 -4.53
C GLU D 252 -22.56 30.59 -4.77
N LYS D 253 -22.40 31.64 -3.97
CA LYS D 253 -23.19 32.83 -4.10
C LYS D 253 -22.71 33.75 -5.25
N GLY D 254 -21.52 33.54 -5.80
CA GLY D 254 -20.97 34.43 -6.78
C GLY D 254 -20.17 35.58 -6.19
N ASN D 255 -19.87 35.52 -4.90
CA ASN D 255 -19.06 36.55 -4.23
C ASN D 255 -17.60 36.09 -4.20
N TYR D 256 -16.95 36.11 -5.36
CA TYR D 256 -15.65 35.43 -5.53
C TYR D 256 -14.53 36.11 -4.78
N PRO D 257 -13.82 35.41 -3.86
CA PRO D 257 -12.68 36.03 -3.21
C PRO D 257 -11.49 36.19 -4.17
N ALA D 258 -10.72 37.27 -4.01
CA ALA D 258 -9.56 37.49 -4.83
C ALA D 258 -8.37 37.93 -3.97
N TRP D 259 -7.21 37.75 -4.54
CA TRP D 259 -5.94 38.29 -4.01
C TRP D 259 -5.10 38.88 -5.11
N ASP D 260 -4.52 40.05 -4.81
CA ASP D 260 -3.49 40.61 -5.66
C ASP D 260 -2.12 40.04 -5.30
N LEU D 261 -1.40 39.64 -6.33
CA LEU D 261 -0.07 39.16 -6.19
C LEU D 261 0.91 40.35 -6.31
N TYR D 262 1.78 40.48 -5.31
CA TYR D 262 2.91 41.39 -5.31
C TYR D 262 4.22 40.67 -5.11
N VAL D 263 5.30 41.17 -5.71
CA VAL D 263 6.62 40.65 -5.41
C VAL D 263 7.58 41.70 -4.89
N GLN D 264 8.58 41.25 -4.14
CA GLN D 264 9.74 42.08 -3.87
C GLN D 264 10.90 41.46 -4.64
N LEU D 265 11.82 42.31 -5.12
CA LEU D 265 12.98 41.86 -5.89
C LEU D 265 14.25 42.44 -5.30
N MET D 266 15.24 41.59 -5.09
CA MET D 266 16.52 41.95 -4.43
C MET D 266 17.67 41.41 -5.26
N PRO D 267 18.69 42.22 -5.50
CA PRO D 267 19.89 41.69 -6.16
C PRO D 267 20.64 40.68 -5.34
N LEU D 268 21.23 39.68 -5.98
CA LEU D 268 22.04 38.69 -5.23
C LEU D 268 23.16 39.41 -4.43
N SER D 269 23.64 40.51 -5.01
CA SER D 269 24.78 41.19 -4.43
C SER D 269 24.42 41.99 -3.16
N ASP D 270 23.13 42.09 -2.79
CA ASP D 270 22.74 42.70 -1.50
C ASP D 270 23.06 41.85 -0.28
N TYR D 271 23.42 40.57 -0.46
CA TYR D 271 23.74 39.75 0.73
C TYR D 271 24.65 40.47 1.72
N ASP D 272 25.72 41.11 1.24
CA ASP D 272 26.69 41.70 2.16
C ASP D 272 26.20 43.04 2.68
N GLU D 273 25.18 43.62 2.04
CA GLU D 273 24.62 44.91 2.46
C GLU D 273 23.70 44.74 3.66
N LEU D 274 23.30 43.50 4.03
CA LEU D 274 22.35 43.23 5.09
C LEU D 274 22.92 42.61 6.38
N ASP D 275 22.23 42.84 7.50
CA ASP D 275 22.59 42.19 8.77
C ASP D 275 21.88 40.87 9.08
N TYR D 276 21.24 40.30 8.04
CA TYR D 276 20.68 38.96 8.12
C TYR D 276 20.95 38.33 6.77
N ASP D 277 20.74 37.02 6.69
CA ASP D 277 20.81 36.27 5.44
C ASP D 277 19.47 36.42 4.70
N PRO D 278 19.45 37.00 3.46
CA PRO D 278 18.21 37.17 2.76
C PRO D 278 17.48 35.85 2.48
N CYS D 279 18.17 34.72 2.55
CA CYS D 279 17.53 33.37 2.33
C CYS D 279 17.28 32.64 3.61
N ASP D 280 17.30 33.37 4.75
CA ASP D 280 16.86 32.79 6.02
C ASP D 280 15.35 32.97 6.11
N PRO D 281 14.57 31.88 6.12
CA PRO D 281 13.13 32.04 6.15
C PRO D 281 12.51 32.45 7.48
N THR D 282 13.33 32.73 8.49
CA THR D 282 12.86 33.39 9.69
C THR D 282 12.83 34.94 9.55
N LYS D 283 13.21 35.45 8.36
CA LYS D 283 13.39 36.82 8.08
C LYS D 283 12.43 37.30 7.01
N THR D 284 11.94 38.55 7.18
CA THR D 284 11.33 39.33 6.09
C THR D 284 12.28 40.37 5.51
N TRP D 285 11.92 40.87 4.33
CA TRP D 285 12.63 41.97 3.71
C TRP D 285 11.84 43.23 3.90
N SER D 286 12.55 44.32 4.22
CA SER D 286 11.89 45.62 4.36
C SER D 286 11.10 46.04 3.14
N GLU D 287 9.84 46.43 3.32
CA GLU D 287 9.00 46.92 2.20
C GLU D 287 9.38 48.34 1.78
N GLU D 288 10.11 49.02 2.62
CA GLU D 288 10.65 50.34 2.29
C GLU D 288 11.85 50.18 1.38
N ASP D 289 12.77 49.26 1.74
CA ASP D 289 13.98 49.06 0.94
C ASP D 289 13.76 48.25 -0.32
N TYR D 290 12.76 47.36 -0.25
CA TYR D 290 12.44 46.44 -1.38
C TYR D 290 10.94 46.50 -1.60
N PRO D 291 10.51 47.46 -2.42
CA PRO D 291 9.07 47.78 -2.39
C PRO D 291 8.25 46.71 -3.07
N LEU D 292 7.00 46.65 -2.71
CA LEU D 292 6.11 45.67 -3.32
C LEU D 292 5.75 46.12 -4.70
N GLN D 293 5.79 45.22 -5.65
CA GLN D 293 5.55 45.51 -7.05
C GLN D 293 4.40 44.63 -7.49
N LYS D 294 3.38 45.20 -8.06
CA LYS D 294 2.20 44.44 -8.41
C LYS D 294 2.43 43.56 -9.63
N VAL D 295 1.94 42.32 -9.57
CA VAL D 295 2.01 41.43 -10.71
C VAL D 295 0.69 41.17 -11.37
N GLY D 296 -0.30 40.87 -10.56
CA GLY D 296 -1.60 40.46 -11.11
C GLY D 296 -2.58 40.09 -10.03
N ARG D 297 -3.67 39.45 -10.43
CA ARG D 297 -4.75 39.11 -9.51
C ARG D 297 -5.27 37.71 -9.77
N MET D 298 -5.49 37.00 -8.66
CA MET D 298 -6.08 35.69 -8.67
C MET D 298 -7.50 35.78 -8.11
N THR D 299 -8.46 35.21 -8.85
CA THR D 299 -9.85 35.15 -8.43
C THR D 299 -10.30 33.69 -8.35
N LEU D 300 -10.86 33.31 -7.21
CA LEU D 300 -11.36 31.93 -7.04
C LEU D 300 -12.87 31.89 -7.26
N ASN D 301 -13.29 31.12 -8.24
CA ASN D 301 -14.63 31.27 -8.80
C ASN D 301 -15.34 29.97 -9.04
N ARG D 302 -14.79 28.84 -8.57
CA ARG D 302 -15.42 27.55 -8.83
C ARG D 302 -15.09 26.53 -7.74
N ASN D 303 -16.10 25.95 -7.12
CA ASN D 303 -15.94 24.90 -6.19
C ASN D 303 -15.68 23.59 -6.94
N PRO D 304 -14.96 22.65 -6.32
CA PRO D 304 -14.78 21.36 -6.93
C PRO D 304 -16.05 20.58 -7.09
N GLU D 305 -15.99 19.61 -7.98
CA GLU D 305 -17.13 18.69 -8.12
C GLU D 305 -17.15 17.60 -7.05
N ASN D 306 -15.97 17.20 -6.55
CA ASN D 306 -15.90 16.10 -5.57
C ASN D 306 -14.71 16.35 -4.63
N PHE D 307 -15.00 16.45 -3.35
CA PHE D 307 -14.04 16.93 -2.41
C PHE D 307 -12.86 15.95 -2.33
N PHE D 308 -13.19 14.64 -2.23
CA PHE D 308 -12.11 13.68 -2.15
C PHE D 308 -11.22 13.72 -3.36
N ALA D 309 -11.82 13.63 -4.53
CA ALA D 309 -11.05 13.38 -5.74
C ALA D 309 -10.15 14.54 -6.05
N GLU D 310 -10.62 15.76 -5.74
CA GLU D 310 -9.96 17.02 -6.13
C GLU D 310 -9.22 17.62 -4.94
N THR D 311 -9.88 17.93 -3.84
CA THR D 311 -9.22 18.61 -2.74
C THR D 311 -8.35 17.59 -1.96
N GLU D 312 -8.93 16.45 -1.56
CA GLU D 312 -8.18 15.63 -0.67
C GLU D 312 -6.99 15.03 -1.40
N GLN D 313 -7.15 14.69 -2.69
CA GLN D 313 -6.04 14.10 -3.45
C GLN D 313 -5.13 15.17 -4.12
N ALA D 314 -5.39 16.46 -3.97
CA ALA D 314 -4.50 17.43 -4.52
C ALA D 314 -3.08 17.35 -3.95
N ALA D 315 -2.07 17.47 -4.85
CA ALA D 315 -0.63 17.38 -4.48
C ALA D 315 0.12 18.61 -4.98
N PHE D 316 0.69 19.34 -4.05
CA PHE D 316 1.46 20.51 -4.37
C PHE D 316 2.87 20.31 -3.91
N THR D 317 3.87 20.80 -4.65
CA THR D 317 5.24 20.77 -4.18
C THR D 317 5.99 22.10 -4.49
N PRO D 318 6.77 22.62 -3.53
CA PRO D 318 7.67 23.75 -3.85
C PRO D 318 8.64 23.42 -4.99
N SER D 319 8.95 22.13 -5.23
CA SER D 319 9.80 21.74 -6.37
C SER D 319 9.10 21.66 -7.73
N ALA D 320 7.82 22.00 -7.82
CA ALA D 320 7.12 22.08 -9.09
C ALA D 320 7.41 23.52 -9.58
N LEU D 321 8.61 23.70 -10.08
CA LEU D 321 9.07 24.99 -10.59
C LEU D 321 8.97 24.99 -12.12
N VAL D 322 8.93 26.18 -12.70
CA VAL D 322 8.78 26.33 -14.15
C VAL D 322 9.93 27.22 -14.63
N PRO D 323 10.27 27.14 -15.91
CA PRO D 323 11.46 27.83 -16.36
C PRO D 323 11.36 29.31 -16.07
N GLY D 324 12.45 29.83 -15.49
CA GLY D 324 12.51 31.19 -15.02
C GLY D 324 12.25 31.36 -13.53
N ILE D 325 11.80 30.31 -12.87
CA ILE D 325 11.60 30.33 -11.43
C ILE D 325 12.30 29.17 -10.80
N GLU D 326 13.21 29.46 -9.89
CA GLU D 326 14.10 28.49 -9.34
C GLU D 326 14.14 28.55 -7.79
N ALA D 327 14.58 27.46 -7.15
CA ALA D 327 14.77 27.46 -5.70
C ALA D 327 15.89 28.40 -5.33
N SER D 328 15.83 28.96 -4.12
CA SER D 328 17.03 29.52 -3.55
C SER D 328 17.71 28.52 -2.70
N GLU D 329 18.87 28.92 -2.18
CA GLU D 329 19.68 28.10 -1.29
C GLU D 329 19.11 27.90 0.16
N ASP D 330 17.97 28.53 0.46
CA ASP D 330 17.30 28.39 1.76
C ASP D 330 17.18 26.93 2.17
N LYS D 331 17.77 26.56 3.31
CA LYS D 331 17.93 25.16 3.69
C LYS D 331 16.62 24.52 4.10
N LEU D 332 15.66 25.32 4.46
CA LEU D 332 14.35 24.86 4.75
C LEU D 332 13.66 24.49 3.46
N LEU D 333 13.70 25.39 2.50
CA LEU D 333 13.15 25.13 1.17
C LEU D 333 13.79 23.89 0.55
N GLN D 334 15.08 23.75 0.70
CA GLN D 334 15.78 22.63 0.05
C GLN D 334 15.19 21.31 0.45
N GLY D 335 14.88 21.13 1.74
CA GLY D 335 14.28 19.87 2.19
C GLY D 335 12.86 19.65 1.65
N ARG D 336 12.12 20.74 1.54
CA ARG D 336 10.75 20.68 1.03
C ARG D 336 10.78 20.12 -0.38
N LEU D 337 11.82 20.49 -1.13
CA LEU D 337 11.88 20.05 -2.56
C LEU D 337 11.71 18.55 -2.63
N PHE D 338 12.28 17.92 -1.64
CA PHE D 338 12.19 16.43 -1.53
C PHE D 338 10.92 15.96 -0.87
N SER D 339 10.58 16.53 0.28
CA SER D 339 9.59 15.89 1.17
C SER D 339 8.18 15.84 0.53
N TYR D 340 7.79 16.81 -0.31
CA TYR D 340 6.41 16.78 -0.80
C TYR D 340 6.16 15.68 -1.77
N PRO D 341 6.90 15.60 -2.91
CA PRO D 341 6.68 14.43 -3.76
C PRO D 341 6.90 13.07 -3.09
N ASP D 342 7.82 13.02 -2.11
CA ASP D 342 8.06 11.81 -1.36
C ASP D 342 6.81 11.44 -0.60
N THR D 343 6.24 12.36 0.17
CA THR D 343 5.02 12.04 0.97
C THR D 343 3.89 11.71 0.07
N GLN D 344 3.86 12.36 -1.11
CA GLN D 344 2.72 12.17 -2.05
C GLN D 344 2.72 10.83 -2.73
N ARG D 345 3.90 10.31 -3.06
CA ARG D 345 3.94 8.92 -3.49
C ARG D 345 3.37 7.93 -2.50
N HIS D 346 3.60 8.14 -1.20
CA HIS D 346 3.02 7.29 -0.12
C HIS D 346 1.53 7.50 0.07
N ARG D 347 1.15 8.78 0.11
CA ARG D 347 -0.25 9.15 0.47
C ARG D 347 -1.21 8.82 -0.68
N LEU D 348 -0.73 8.97 -1.93
CA LEU D 348 -1.57 8.96 -3.13
C LEU D 348 -1.26 7.92 -4.18
N GLY D 349 -0.08 7.29 -4.08
CA GLY D 349 0.39 6.36 -5.05
C GLY D 349 1.49 6.88 -5.95
N ALA D 350 2.29 5.95 -6.48
CA ALA D 350 3.36 6.27 -7.41
C ALA D 350 2.90 7.20 -8.60
N ASN D 351 1.66 6.89 -9.09
CA ASN D 351 1.09 7.61 -10.25
C ASN D 351 0.19 8.80 -9.86
N TYR D 352 0.41 9.36 -8.69
CA TYR D 352 -0.46 10.49 -8.21
C TYR D 352 -0.50 11.68 -9.17
N MET D 353 0.51 11.84 -10.02
CA MET D 353 0.52 12.91 -11.00
C MET D 353 -0.50 12.73 -12.15
N ARG D 354 -1.11 11.57 -12.22
CA ARG D 354 -2.19 11.26 -13.16
C ARG D 354 -3.57 11.46 -12.58
N ILE D 355 -3.65 11.82 -11.30
CA ILE D 355 -4.93 12.14 -10.73
C ILE D 355 -5.34 13.49 -11.36
N PRO D 356 -6.57 13.61 -11.91
CA PRO D 356 -6.92 14.82 -12.73
C PRO D 356 -6.53 16.16 -12.16
N VAL D 357 -6.80 16.45 -10.91
CA VAL D 357 -6.41 17.78 -10.39
C VAL D 357 -4.92 18.03 -10.46
N ASN D 358 -4.14 16.97 -10.45
CA ASN D 358 -2.66 17.16 -10.42
C ASN D 358 -2.06 17.21 -11.82
N CYS D 359 -2.85 16.85 -12.82
CA CYS D 359 -2.35 16.75 -14.19
C CYS D 359 -1.98 18.15 -14.73
N PRO D 360 -0.87 18.25 -15.46
CA PRO D 360 -0.58 19.50 -16.18
C PRO D 360 -1.51 19.72 -17.36
N TYR D 361 -1.61 20.99 -17.79
CA TYR D 361 -2.19 21.30 -19.07
C TYR D 361 -1.20 21.07 -20.20
N ALA D 362 0.07 21.37 -19.90
CA ALA D 362 1.19 21.11 -20.83
C ALA D 362 1.37 19.60 -21.07
N PRO D 363 1.83 19.23 -22.27
CA PRO D 363 2.03 17.85 -22.64
C PRO D 363 3.04 17.16 -21.71
N VAL D 364 2.76 15.89 -21.39
CA VAL D 364 3.70 15.03 -20.66
C VAL D 364 4.17 13.90 -21.56
N HIS D 365 5.49 13.82 -21.78
CA HIS D 365 6.08 12.77 -22.60
C HIS D 365 7.36 12.37 -21.94
N ASN D 366 7.43 11.15 -21.45
CA ASN D 366 8.67 10.68 -20.87
C ASN D 366 8.74 9.17 -20.87
N ASN D 367 9.79 8.61 -20.31
CA ASN D 367 10.04 7.15 -20.38
C ASN D 367 9.75 6.43 -19.09
N GLN D 368 9.05 7.10 -18.18
CA GLN D 368 8.59 6.47 -16.96
C GLN D 368 7.51 5.46 -17.31
N GLN D 369 7.32 4.44 -16.46
CA GLN D 369 6.30 3.46 -16.75
C GLN D 369 5.77 2.74 -15.49
N ASP D 370 4.62 2.11 -15.65
CA ASP D 370 4.06 1.12 -14.72
C ASP D 370 3.70 1.79 -13.39
N GLY D 371 3.84 1.08 -12.30
CA GLY D 371 3.38 1.60 -11.04
C GLY D 371 1.93 1.25 -10.76
N PHE D 372 1.57 1.20 -9.48
N PHE D 372 1.60 1.26 -9.49
CA PHE D 372 0.17 0.87 -9.13
CA PHE D 372 0.23 1.11 -9.00
C PHE D 372 -0.79 1.79 -9.88
C PHE D 372 -0.80 1.85 -9.85
N MET D 373 -1.89 1.19 -10.27
CA MET D 373 -2.99 1.92 -10.91
C MET D 373 -2.54 2.68 -12.16
N THR D 374 -1.95 1.93 -13.10
CA THR D 374 -1.63 2.45 -14.40
C THR D 374 -2.91 2.51 -15.30
N THR D 375 -3.44 3.71 -15.47
CA THR D 375 -4.75 3.93 -16.12
C THR D 375 -4.68 4.72 -17.43
N THR D 376 -3.47 5.09 -17.85
CA THR D 376 -3.25 6.00 -18.99
C THR D 376 -3.09 5.36 -20.39
N ARG D 377 -3.32 4.08 -20.53
CA ARG D 377 -3.21 3.40 -21.85
C ARG D 377 -1.83 3.62 -22.53
N PRO D 378 -0.77 3.22 -21.86
CA PRO D 378 0.56 3.34 -22.45
C PRO D 378 0.72 2.43 -23.66
N SER D 379 1.65 2.78 -24.54
CA SER D 379 1.96 2.01 -25.71
C SER D 379 3.37 2.28 -26.13
N GLY D 380 3.87 1.43 -27.04
CA GLY D 380 5.15 1.71 -27.76
C GLY D 380 6.24 0.80 -27.16
N HIS D 381 7.28 0.59 -27.98
CA HIS D 381 8.37 -0.24 -27.64
C HIS D 381 9.53 0.45 -26.93
N ILE D 382 9.55 1.81 -26.95
CA ILE D 382 10.69 2.63 -26.58
C ILE D 382 10.42 3.39 -25.33
N ASN D 383 11.07 2.96 -24.27
CA ASN D 383 10.91 3.49 -22.92
C ASN D 383 12.26 3.80 -22.34
N TYR D 384 13.20 4.17 -23.21
CA TYR D 384 14.58 4.50 -22.87
C TYR D 384 15.13 5.63 -23.81
N GLU D 385 16.04 6.42 -23.31
CA GLU D 385 16.76 7.44 -24.04
C GLU D 385 18.19 7.44 -23.49
N PRO D 386 19.20 7.58 -24.34
CA PRO D 386 19.07 7.79 -25.80
C PRO D 386 18.58 6.62 -26.58
N ASN D 387 17.96 6.93 -27.72
CA ASN D 387 17.52 5.96 -28.65
C ASN D 387 17.73 6.47 -30.04
N ARG D 388 17.53 5.61 -31.00
CA ARG D 388 17.78 5.94 -32.40
C ARG D 388 16.60 6.63 -33.11
N TYR D 389 15.54 6.93 -32.40
CA TYR D 389 14.30 7.34 -33.08
C TYR D 389 14.09 8.83 -32.93
N ASP D 390 14.04 9.55 -34.05
CA ASP D 390 13.97 11.00 -33.96
C ASP D 390 12.65 11.58 -33.39
N ASP D 391 11.59 10.82 -33.58
CA ASP D 391 10.23 11.13 -33.13
C ASP D 391 9.96 10.83 -31.65
N GLN D 392 10.85 10.06 -31.00
CA GLN D 392 10.70 9.85 -29.56
C GLN D 392 11.14 11.10 -28.75
N PRO D 393 10.61 11.25 -27.54
CA PRO D 393 10.95 12.48 -26.82
C PRO D 393 12.42 12.67 -26.55
N LYS D 394 12.89 13.91 -26.69
CA LYS D 394 14.26 14.25 -26.50
C LYS D 394 14.36 15.42 -25.56
N GLU D 395 15.48 15.51 -24.89
CA GLU D 395 15.78 16.71 -24.09
C GLU D 395 15.83 17.99 -24.96
N ASN D 396 15.62 19.13 -24.32
CA ASN D 396 15.55 20.38 -25.06
C ASN D 396 16.41 21.40 -24.29
N PRO D 397 17.60 21.67 -24.78
CA PRO D 397 18.51 22.49 -23.98
C PRO D 397 18.07 23.97 -23.81
N HIS D 398 17.10 24.42 -24.59
CA HIS D 398 16.47 25.75 -24.34
C HIS D 398 15.92 25.81 -22.94
N TYR D 399 15.66 24.67 -22.33
CA TYR D 399 14.97 24.68 -21.03
C TYR D 399 15.86 24.35 -19.85
N LYS D 400 17.17 24.50 -20.03
CA LYS D 400 18.09 24.29 -18.93
C LYS D 400 17.86 25.32 -17.87
N GLU D 401 18.02 24.92 -16.62
CA GLU D 401 17.98 25.85 -15.51
C GLU D 401 19.34 26.59 -15.37
N SER D 402 19.35 27.63 -14.54
CA SER D 402 20.56 28.42 -14.24
C SER D 402 21.57 27.57 -13.48
N GLU D 403 22.76 28.10 -13.35
CA GLU D 403 23.91 27.48 -12.68
C GLU D 403 24.36 28.32 -11.49
N PRO D 404 23.61 28.29 -10.39
CA PRO D 404 23.98 29.16 -9.28
C PRO D 404 25.44 29.02 -8.85
N VAL D 405 26.04 30.16 -8.53
CA VAL D 405 27.36 30.13 -7.96
C VAL D 405 27.37 29.60 -6.53
N LEU D 406 28.36 28.75 -6.24
CA LEU D 406 28.52 28.21 -4.90
C LEU D 406 29.69 29.00 -4.23
N HIS D 407 29.46 29.43 -3.01
CA HIS D 407 30.44 30.21 -2.27
C HIS D 407 31.24 29.31 -1.36
N GLY D 408 30.69 28.17 -0.98
CA GLY D 408 31.42 27.21 -0.17
C GLY D 408 32.38 26.32 -0.93
N ASP D 409 33.44 25.94 -0.25
CA ASP D 409 34.47 25.09 -0.83
C ASP D 409 34.47 23.64 -0.27
N ARG D 410 33.53 23.35 0.65
CA ARG D 410 33.45 22.04 1.31
C ARG D 410 31.97 21.66 1.54
N MET D 411 31.74 20.38 1.63
CA MET D 411 30.51 19.84 2.15
C MET D 411 30.52 19.95 3.66
N VAL D 412 29.61 20.74 4.21
CA VAL D 412 29.59 21.01 5.64
C VAL D 412 28.17 20.83 6.22
N ARG D 413 28.11 20.58 7.53
CA ARG D 413 26.94 20.82 8.33
C ARG D 413 27.20 21.91 9.32
N GLN D 414 26.66 23.10 9.03
CA GLN D 414 27.00 24.29 9.78
C GLN D 414 25.90 25.32 9.62
N LYS D 415 25.54 25.98 10.73
CA LYS D 415 24.53 27.03 10.70
C LYS D 415 24.98 28.16 9.78
N ILE D 416 24.02 28.81 9.14
CA ILE D 416 24.33 30.05 8.44
C ILE D 416 25.01 31.09 9.34
N GLU D 417 25.76 31.96 8.68
CA GLU D 417 26.22 33.16 9.33
CA GLU D 417 26.24 33.19 9.31
C GLU D 417 25.08 34.15 9.53
N LYS D 418 25.30 35.11 10.42
CA LYS D 418 24.33 36.11 10.77
C LYS D 418 22.89 35.58 10.98
N PRO D 419 22.74 34.59 11.86
CA PRO D 419 21.41 34.10 12.17
C PRO D 419 20.50 35.17 12.79
N ASN D 420 21.05 36.11 13.60
CA ASN D 420 20.34 37.33 14.05
C ASN D 420 18.90 36.99 14.53
N ASP D 421 18.80 36.15 15.57
CA ASP D 421 17.51 35.47 15.90
C ASP D 421 16.49 36.39 16.54
N PHE D 422 16.89 37.59 17.03
CA PHE D 422 15.96 38.39 17.86
C PHE D 422 15.53 39.72 17.25
N LYS D 423 16.30 40.25 16.29
CA LYS D 423 16.12 41.61 15.88
C LYS D 423 14.81 41.87 15.22
N GLN D 424 14.47 41.07 14.22
CA GLN D 424 13.21 41.28 13.52
C GLN D 424 12.00 41.01 14.39
N ALA D 425 12.08 40.08 15.35
CA ALA D 425 11.01 39.86 16.32
C ALA D 425 10.73 41.10 17.12
N GLY D 426 11.80 41.79 17.51
CA GLY D 426 11.62 43.10 18.19
C GLY D 426 10.99 44.14 17.29
N GLU D 427 11.41 44.20 16.03
CA GLU D 427 10.86 45.15 15.06
C GLU D 427 9.40 44.90 14.82
N LYS D 428 9.03 43.61 14.74
CA LYS D 428 7.61 43.27 14.62
C LYS D 428 6.83 43.66 15.86
N TYR D 429 7.33 43.29 17.04
CA TYR D 429 6.71 43.67 18.31
C TYR D 429 6.43 45.20 18.31
N ARG D 430 7.45 45.97 18.00
CA ARG D 430 7.30 47.43 18.08
C ARG D 430 6.37 47.98 17.02
N SER D 431 6.15 47.25 15.94
CA SER D 431 5.22 47.69 14.87
C SER D 431 3.74 47.49 15.23
N TYR D 432 3.47 46.69 16.26
CA TYR D 432 2.12 46.43 16.70
C TYR D 432 1.53 47.66 17.38
N SER D 433 0.24 47.89 17.14
CA SER D 433 -0.54 48.87 17.94
C SER D 433 -0.61 48.42 19.37
N GLU D 434 -0.98 49.34 20.26
CA GLU D 434 -1.05 48.95 21.66
C GLU D 434 -2.05 47.80 21.87
N GLU D 435 -3.19 47.85 21.16
CA GLU D 435 -4.22 46.83 21.24
C GLU D 435 -3.65 45.48 20.79
N GLU D 436 -2.89 45.51 19.71
CA GLU D 436 -2.24 44.31 19.18
C GLU D 436 -1.20 43.76 20.12
N LYS D 437 -0.38 44.64 20.72
CA LYS D 437 0.55 44.18 21.74
C LYS D 437 -0.15 43.51 22.90
N GLN D 438 -1.26 44.10 23.34
CA GLN D 438 -2.00 43.54 24.44
C GLN D 438 -2.53 42.16 24.10
N ALA D 439 -3.02 42.00 22.89
CA ALA D 439 -3.55 40.73 22.46
C ALA D 439 -2.41 39.65 22.38
N LEU D 440 -1.27 40.04 21.86
CA LEU D 440 -0.06 39.21 21.86
C LEU D 440 0.32 38.72 23.23
N ILE D 441 0.39 39.66 24.19
CA ILE D 441 0.79 39.29 25.52
C ILE D 441 -0.25 38.34 26.14
N LYS D 442 -1.53 38.65 25.95
CA LYS D 442 -2.64 37.87 26.45
C LYS D 442 -2.59 36.44 25.90
N ASN D 443 -2.37 36.33 24.60
CA ASN D 443 -2.33 34.99 23.95
C ASN D 443 -1.13 34.19 24.39
N LEU D 444 0.04 34.84 24.50
CA LEU D 444 1.26 34.18 24.99
C LEU D 444 1.12 33.74 26.42
N THR D 445 0.52 34.57 27.24
CA THR D 445 0.33 34.24 28.65
C THR D 445 -0.58 33.06 28.88
N ALA D 446 -1.70 33.03 28.15
CA ALA D 446 -2.59 31.87 28.22
C ALA D 446 -1.90 30.56 27.83
N ASP D 447 -0.95 30.64 26.90
CA ASP D 447 -0.21 29.47 26.37
C ASP D 447 0.92 28.99 27.26
N LEU D 448 1.55 29.93 27.94
CA LEU D 448 2.76 29.66 28.71
C LEU D 448 2.47 29.37 30.18
N LYS D 449 1.34 29.79 30.66
CA LYS D 449 1.14 29.82 32.10
C LYS D 449 1.25 28.45 32.78
N GLY D 450 0.95 27.36 32.07
CA GLY D 450 1.13 26.03 32.64
C GLY D 450 2.44 25.27 32.35
N VAL D 451 3.37 25.87 31.64
CA VAL D 451 4.54 25.12 31.15
C VAL D 451 5.60 25.13 32.22
N ASN D 452 6.50 24.16 32.13
CA ASN D 452 7.65 24.01 32.98
C ASN D 452 8.34 25.35 33.27
N GLU D 453 8.69 25.61 34.52
CA GLU D 453 9.18 26.96 34.87
C GLU D 453 10.46 27.37 34.13
N LYS D 454 11.40 26.46 34.00
CA LYS D 454 12.66 26.73 33.30
C LYS D 454 12.38 27.06 31.84
N THR D 455 11.46 26.33 31.22
CA THR D 455 11.08 26.63 29.85
C THR D 455 10.38 27.99 29.73
N LYS D 456 9.49 28.26 30.68
CA LYS D 456 8.79 29.54 30.70
C LYS D 456 9.76 30.71 30.81
N LEU D 457 10.77 30.57 31.67
CA LEU D 457 11.78 31.61 31.85
C LEU D 457 12.57 31.80 30.57
N LEU D 458 12.95 30.71 29.94
CA LEU D 458 13.71 30.79 28.69
C LEU D 458 12.86 31.50 27.61
N ALA D 459 11.56 31.22 27.55
CA ALA D 459 10.70 31.92 26.59
C ALA D 459 10.69 33.42 26.81
N ILE D 460 10.45 33.79 28.07
CA ILE D 460 10.50 35.20 28.46
C ILE D 460 11.83 35.85 28.07
N CYS D 461 12.93 35.17 28.36
CA CYS D 461 14.25 35.68 27.99
C CYS D 461 14.43 35.86 26.47
N ASN D 462 13.89 34.91 25.69
CA ASN D 462 13.98 35.09 24.26
C ASN D 462 13.22 36.33 23.79
N PHE D 463 12.01 36.56 24.32
CA PHE D 463 11.22 37.70 23.89
C PHE D 463 11.84 39.01 24.46
N TYR D 464 12.47 38.91 25.62
CA TYR D 464 13.18 40.07 26.20
C TYR D 464 14.32 40.51 25.28
N ARG D 465 15.07 39.56 24.73
CA ARG D 465 16.11 39.86 23.76
C ARG D 465 15.55 40.51 22.49
N ALA D 466 14.37 40.07 22.07
CA ALA D 466 13.67 40.76 20.97
C ALA D 466 13.40 42.22 21.35
N ASP D 467 12.80 42.42 22.51
CA ASP D 467 12.46 43.78 22.96
C ASP D 467 12.22 43.75 24.45
N GLU D 468 12.93 44.61 25.20
CA GLU D 468 12.78 44.60 26.63
C GLU D 468 11.37 44.79 27.18
N ASP D 469 10.57 45.64 26.55
CA ASP D 469 9.19 45.89 26.94
C ASP D 469 8.37 44.62 26.71
N TYR D 470 8.57 43.98 25.55
CA TYR D 470 7.91 42.72 25.19
C TYR D 470 8.16 41.69 26.28
N GLY D 471 9.44 41.44 26.58
CA GLY D 471 9.81 40.45 27.61
C GLY D 471 9.32 40.81 29.00
N GLN D 472 9.47 42.09 29.38
CA GLN D 472 9.02 42.53 30.72
C GLN D 472 7.50 42.43 30.92
N ARG D 473 6.72 42.85 29.91
CA ARG D 473 5.26 42.71 29.92
C ARG D 473 4.84 41.27 30.06
N LEU D 474 5.50 40.39 29.33
CA LEU D 474 5.15 38.98 29.39
C LEU D 474 5.50 38.42 30.76
N ALA D 475 6.67 38.77 31.27
CA ALA D 475 7.08 38.32 32.62
C ALA D 475 6.06 38.78 33.67
N ASP D 476 5.64 40.04 33.55
CA ASP D 476 4.68 40.60 34.51
C ASP D 476 3.38 39.80 34.44
N SER D 477 2.92 39.53 33.22
CA SER D 477 1.62 38.93 33.03
C SER D 477 1.69 37.47 33.54
N LEU D 478 2.84 36.83 33.40
CA LEU D 478 3.03 35.47 33.92
C LEU D 478 3.39 35.39 35.40
N GLY D 479 3.60 36.55 36.03
CA GLY D 479 4.01 36.57 37.44
C GLY D 479 5.40 36.05 37.69
N VAL D 480 6.28 36.22 36.70
CA VAL D 480 7.68 35.82 36.81
C VAL D 480 8.53 37.08 37.05
N ASP D 481 9.33 37.04 38.12
CA ASP D 481 10.23 38.14 38.47
C ASP D 481 11.54 37.95 37.74
N ILE D 482 11.88 38.85 36.82
CA ILE D 482 13.09 38.68 36.04
C ILE D 482 14.19 39.70 36.41
N ARG D 483 13.96 40.46 37.48
CA ARG D 483 15.03 41.26 38.09
C ARG D 483 16.05 40.22 38.48
N SER D 484 17.35 40.42 38.27
CA SER D 484 18.36 39.38 38.59
C SER D 484 18.94 38.80 37.31
N TYR D 485 18.11 38.73 36.28
CA TYR D 485 18.60 38.82 34.91
C TYR D 485 18.20 40.18 34.35
CHA HEM E . -15.80 0.42 13.33
CHB HEM E . -18.24 -1.50 9.61
CHC HEM E . -22.31 -1.65 12.48
CHD HEM E . -19.55 -0.40 16.26
C1A HEM E . -16.12 -0.05 12.07
C2A HEM E . -15.25 -0.09 10.94
C3A HEM E . -15.94 -0.63 9.90
C4A HEM E . -17.23 -0.94 10.38
CMA HEM E . -15.53 -1.00 8.50
CAA HEM E . -13.82 0.35 10.96
CBA HEM E . -13.07 -0.70 11.79
CGA HEM E . -11.59 -0.51 11.76
O1A HEM E . -10.90 -1.13 12.59
O2A HEM E . -11.06 0.18 10.86
C1B HEM E . -19.55 -1.67 10.12
C2B HEM E . -20.62 -2.19 9.32
C3B HEM E . -21.76 -2.23 10.08
C4B HEM E . -21.38 -1.76 11.42
CMB HEM E . -20.46 -2.63 7.88
CAB HEM E . -23.09 -2.71 9.73
CBB HEM E . -23.26 -3.46 8.64
C1C HEM E . -21.89 -1.33 13.77
C2C HEM E . -22.64 -1.59 14.90
C3C HEM E . -21.87 -1.21 15.96
C4C HEM E . -20.61 -0.79 15.49
CMC HEM E . -24.07 -2.09 14.88
CAC HEM E . -22.20 -1.41 17.33
CBC HEM E . -23.03 -2.39 17.62
C1D HEM E . -18.30 -0.09 15.71
C2D HEM E . -17.20 0.41 16.54
C3D HEM E . -16.16 0.68 15.75
C4D HEM E . -16.62 0.33 14.41
CMD HEM E . -17.33 0.58 18.03
CAD HEM E . -14.80 1.19 16.15
CBD HEM E . -14.00 -0.04 16.65
CGD HEM E . -12.68 0.53 17.07
O1D HEM E . -12.61 1.03 18.18
O2D HEM E . -11.68 0.49 16.31
NA HEM E . -17.35 -0.61 11.72
NB HEM E . -20.08 -1.44 11.34
NC HEM E . -20.64 -0.91 14.13
ND HEM E . -17.92 -0.12 14.44
FE HEM E . -18.96 -0.75 12.95
CHA HEM F . -16.13 0.23 13.04
CHB HEM F . -20.03 -0.55 15.88
CHC HEM F . -22.55 -1.95 11.97
CHD HEM F . -18.51 -1.68 9.27
C1A HEM F . -16.97 0.16 14.16
C2A HEM F . -16.58 0.42 15.51
C3A HEM F . -17.68 0.17 16.27
C4A HEM F . -18.77 -0.20 15.42
CMA HEM F . -17.80 0.35 17.77
CAA HEM F . -15.24 0.90 16.01
CBA HEM F . -14.31 -0.19 16.63
CGA HEM F . -13.02 0.51 17.08
O1A HEM F . -11.91 0.14 16.57
O2A HEM F . -13.04 1.46 17.91
C1B HEM F . -21.07 -1.00 15.05
C2B HEM F . -22.34 -1.33 15.50
C3B HEM F . -23.10 -1.70 14.39
C4B HEM F . -22.20 -1.61 13.26
CMB HEM F . -22.72 -1.20 16.91
CAB HEM F . -24.46 -2.19 14.25
CBB HEM F . -25.10 -2.71 15.27
C1C HEM F . -21.67 -2.03 10.92
C2C HEM F . -21.97 -2.65 9.70
C3C HEM F . -20.82 -2.61 8.94
C4C HEM F . -19.81 -1.91 9.69
CMC HEM F . -23.32 -3.25 9.45
CAC HEM F . -20.56 -3.21 7.63
CBC HEM F . -21.30 -4.23 7.30
C1D HEM F . -17.54 -1.11 10.11
C2D HEM F . -16.18 -0.84 9.59
C3D HEM F . -15.52 -0.27 10.63
C4D HEM F . -16.49 -0.25 11.76
CMD HEM F . -15.69 -1.16 8.22
CAD HEM F . -14.06 0.18 10.71
CBD HEM F . -13.23 -0.98 11.37
CGD HEM F . -11.73 -0.76 11.36
O1D HEM F . -10.99 -1.50 12.08
O2D HEM F . -11.21 0.06 10.56
NA HEM F . -18.29 -0.31 14.16
NB HEM F . -21.00 -1.17 13.72
NC HEM F . -20.36 -1.64 10.92
ND HEM F . -17.73 -0.79 11.45
FE HEM F . -19.30 -0.98 12.55
CL CL G . 6.38 4.97 -0.82
CL CL H . -3.80 -22.40 8.18
NA NA I . -21.49 -20.41 39.31
C ACT J . -25.21 11.77 13.37
O ACT J . -25.00 10.82 14.15
OXT ACT J . -24.26 12.24 12.67
CH3 ACT J . -26.63 12.27 13.30
CHA HEM K . -5.41 -17.19 -10.09
CHB HEM K . -7.38 -18.48 -5.92
CHC HEM K . -8.72 -22.77 -7.93
CHD HEM K . -7.72 -20.91 -12.24
C1A HEM K . -5.81 -17.19 -8.77
C2A HEM K . -5.53 -16.18 -7.82
C3A HEM K . -6.08 -16.50 -6.62
C4A HEM K . -6.68 -17.77 -6.84
CMA HEM K . -6.08 -15.66 -5.33
CAA HEM K . -4.80 -14.93 -8.13
CBA HEM K . -5.79 -13.92 -8.79
CGA HEM K . -5.10 -12.62 -9.04
O1A HEM K . -5.62 -11.79 -9.87
O2A HEM K . -4.04 -12.42 -8.43
C1B HEM K . -7.91 -19.77 -6.10
C2B HEM K . -8.53 -20.49 -5.05
C3B HEM K . -8.87 -21.71 -5.60
C4B HEM K . -8.47 -21.71 -7.03
CMB HEM K . -8.69 -19.98 -3.62
CAB HEM K . -9.56 -22.84 -5.02
CBB HEM K . -10.21 -22.71 -3.89
C1C HEM K . -8.64 -22.65 -9.31
C2C HEM K . -9.34 -23.38 -10.28
C3C HEM K . -9.07 -22.83 -11.51
C4C HEM K . -8.19 -21.73 -11.28
CMC HEM K . -10.24 -24.60 -10.08
CAC HEM K . -9.56 -23.17 -12.83
CBC HEM K . -10.67 -23.92 -12.98
C1D HEM K . -6.95 -19.78 -11.95
C2D HEM K . -6.40 -18.89 -13.04
C3D HEM K . -5.75 -17.88 -12.46
C4D HEM K . -5.94 -18.11 -11.00
CMD HEM K . -6.53 -19.08 -14.54
CAD HEM K . -5.00 -16.75 -13.21
CBD HEM K . -5.99 -15.75 -13.84
CGD HEM K . -5.18 -14.70 -14.64
O1D HEM K . -4.64 -15.03 -15.74
O2D HEM K . -5.04 -13.54 -14.27
NA HEM K . -6.52 -18.18 -8.16
NB HEM K . -7.94 -20.51 -7.21
NC HEM K . -8.00 -21.60 -9.94
ND HEM K . -6.63 -19.25 -10.74
FE HEM K . -7.23 -19.85 -9.05
CHA HEM L . -5.61 -17.14 -10.43
CHB HEM L . -7.89 -20.97 -12.47
CHC HEM L . -9.07 -22.58 -8.06
CHD HEM L . -7.42 -18.41 -6.19
C1A HEM L . -6.10 -18.06 -11.35
C2A HEM L . -5.96 -17.89 -12.75
C3A HEM L . -6.61 -18.93 -13.33
C4A HEM L . -7.11 -19.82 -12.29
CMA HEM L . -6.76 -19.14 -14.82
CAA HEM L . -5.25 -16.74 -13.51
CBA HEM L . -6.29 -15.73 -13.99
CGA HEM L . -5.51 -14.61 -14.68
O1A HEM L . -5.26 -13.60 -14.02
O2A HEM L . -5.05 -14.78 -15.86
C1B HEM L . -8.39 -21.75 -11.43
C2B HEM L . -9.11 -22.98 -11.59
C3B HEM L . -9.36 -23.46 -10.34
C4B HEM L . -8.88 -22.46 -9.42
CMB HEM L . -9.34 -23.57 -12.92
CAB HEM L . -10.12 -24.62 -9.79
CBB HEM L . -10.98 -25.33 -10.49
C1C HEM L . -8.77 -21.60 -7.13
C2C HEM L . -9.27 -21.55 -5.82
C3C HEM L . -8.77 -20.36 -5.28
C4C HEM L . -8.02 -19.67 -6.30
CMC HEM L . -10.07 -22.64 -5.10
CAC HEM L . -9.08 -19.84 -3.96
CBC HEM L . -10.17 -20.27 -3.35
C1D HEM L . -6.74 -17.76 -7.19
C2D HEM L . -6.04 -16.47 -6.97
C3D HEM L . -5.54 -16.15 -8.17
C4D HEM L . -5.98 -17.20 -9.10
CMD HEM L . -5.97 -15.71 -5.65
CAD HEM L . -4.75 -14.97 -8.63
CBD HEM L . -5.75 -13.90 -9.21
CGD HEM L . -5.33 -12.44 -9.36
O1D HEM L . -5.99 -11.73 -10.18
O2D HEM L . -4.42 -11.87 -8.68
NA HEM L . -6.87 -19.19 -11.09
NB HEM L . -8.34 -21.48 -10.14
NC HEM L . -8.18 -20.40 -7.42
ND HEM L . -6.73 -18.15 -8.50
FE HEM L . -7.50 -19.75 -9.31
CL CL M . -23.64 1.00 -4.51
NA NA N . -31.26 -20.05 -32.66
C ACT O . 3.06 -28.88 -10.47
O ACT O . 2.05 -28.53 -11.13
OXT ACT O . 3.88 -28.00 -10.08
CH3 ACT O . 3.25 -30.36 -10.16
CHA HEM P . 19.21 -3.66 -6.59
CHB HEM P . 18.95 0.86 -8.31
CHC HEM P . 23.60 0.40 -9.93
CHD HEM P . 23.97 -3.76 -7.53
C1A HEM P . 18.77 -2.41 -6.93
C2A HEM P . 17.47 -1.93 -6.59
C3A HEM P . 17.39 -0.67 -7.08
C4A HEM P . 18.62 -0.36 -7.71
CMA HEM P . 16.17 0.22 -6.90
CAA HEM P . 16.39 -2.67 -5.85
CBA HEM P . 16.75 -2.73 -4.38
CGA HEM P . 15.71 -3.33 -3.44
O1A HEM P . 16.02 -3.58 -2.24
O2A HEM P . 14.53 -3.49 -3.81
C1B HEM P . 20.24 1.10 -8.86
C2B HEM P . 20.62 2.32 -9.48
C3B HEM P . 21.87 2.21 -9.96
C4B HEM P . 22.31 0.85 -9.63
CMB HEM P . 19.77 3.52 -9.64
CAB HEM P . 22.69 3.22 -10.62
CBB HEM P . 22.37 4.49 -10.50
C1C HEM P . 24.13 -0.74 -9.39
C2C HEM P . 25.50 -1.00 -9.21
C3C HEM P . 25.55 -2.21 -8.52
C4C HEM P . 24.25 -2.63 -8.25
CMC HEM P . 26.69 -0.20 -9.70
CAC HEM P . 26.71 -2.93 -8.03
CBC HEM P . 27.85 -2.32 -7.90
C1D HEM P . 22.67 -4.01 -7.10
C2D HEM P . 22.35 -5.19 -6.32
C3D HEM P . 21.05 -5.19 -6.02
C4D HEM P . 20.54 -3.99 -6.70
CMD HEM P . 23.34 -6.19 -5.89
CAD HEM P . 20.43 -6.36 -5.19
CBD HEM P . 20.37 -6.14 -3.68
CGD HEM P . 19.57 -7.19 -2.98
O1D HEM P . 20.08 -8.34 -3.02
O2D HEM P . 18.51 -6.96 -2.38
NA HEM P . 19.47 -1.49 -7.64
NB HEM P . 21.28 0.27 -9.01
NC HEM P . 23.38 -1.73 -8.76
ND HEM P . 21.54 -3.32 -7.39
FE HEM P . 21.41 -1.63 -8.18
CHA HEM Q . 19.41 -3.46 -6.32
CHB HEM Q . 24.17 -3.55 -7.24
CHC HEM Q . 23.62 0.70 -9.70
CHD HEM Q . 19.12 1.07 -8.00
C1A HEM Q . 20.72 -3.87 -6.40
C2A HEM Q . 21.23 -5.05 -5.79
C3A HEM Q . 22.57 -5.06 -6.09
C4A HEM Q . 22.93 -3.91 -6.81
CMA HEM Q . 23.61 -6.05 -5.71
CAA HEM Q . 20.57 -6.22 -5.01
CBA HEM Q . 20.72 -6.15 -3.51
CGA HEM Q . 20.02 -7.31 -2.94
O1A HEM Q . 18.99 -7.11 -2.32
O2A HEM Q . 20.56 -8.46 -3.16
C1B HEM Q . 24.44 -2.37 -8.03
C2B HEM Q . 25.74 -2.07 -8.58
C3B HEM Q . 25.58 -0.90 -9.32
C4B HEM Q . 24.16 -0.49 -9.16
CMB HEM Q . 27.01 -2.88 -8.45
CAB HEM Q . 26.61 -0.08 -10.01
CBB HEM Q . 27.87 -0.19 -9.69
C1C HEM Q . 22.34 1.17 -9.44
C2C HEM Q . 21.91 2.49 -9.61
C3C HEM Q . 20.63 2.54 -9.11
C4C HEM Q . 20.30 1.31 -8.58
CMC HEM Q . 22.69 3.56 -10.32
CAC HEM Q . 19.70 3.64 -8.96
CBC HEM Q . 20.14 4.88 -9.00
C1D HEM Q . 18.88 -0.19 -7.44
C2D HEM Q . 17.56 -0.43 -6.93
C3D HEM Q . 17.60 -1.70 -6.43
C4D HEM Q . 18.98 -2.19 -6.69
CMD HEM Q . 16.47 0.66 -6.98
CAD HEM Q . 16.51 -2.51 -5.78
CBD HEM Q . 16.69 -2.34 -4.28
CGD HEM Q . 15.64 -2.99 -3.37
O1D HEM Q . 15.93 -3.30 -2.18
O2D HEM Q . 14.48 -3.20 -3.80
NA HEM Q . 21.79 -3.15 -6.92
NB HEM Q . 23.58 -1.44 -8.39
NC HEM Q . 21.38 0.48 -8.71
ND HEM Q . 19.74 -1.27 -7.27
FE HEM Q . 21.59 -1.34 -7.78
CL CL R . 15.25 11.51 14.68
C ACT S . 21.94 -8.62 -19.80
O ACT S . 20.68 -8.85 -19.67
OXT ACT S . 22.71 -8.47 -18.80
CH3 ACT S . 22.58 -8.53 -21.17
CHA HEM T . 2.11 20.31 3.78
CHB HEM T . 6.66 19.18 4.89
CHC HEM T . 7.62 23.91 5.79
CHD HEM T . 3.25 25.00 3.97
C1A HEM T . 3.25 19.61 4.03
C2A HEM T . 3.42 18.20 3.86
C3A HEM T . 4.70 17.88 4.15
C4A HEM T . 5.32 19.10 4.54
CMA HEM T . 5.34 16.50 4.11
CAA HEM T . 2.37 17.26 3.37
CBA HEM T . 2.32 17.37 1.84
CGA HEM T . 1.36 16.43 1.14
O1A HEM T . 1.19 16.59 -0.11
O2A HEM T . 0.82 15.43 1.70
C1B HEM T . 7.31 20.40 5.21
C2B HEM T . 8.67 20.50 5.63
C3B HEM T . 8.92 21.79 5.90
C4B HEM T . 7.69 22.53 5.66
CMB HEM T . 9.70 19.41 5.75
CAB HEM T . 10.15 22.46 6.27
CBB HEM T . 11.31 21.85 6.10
C1C HEM T . 6.54 24.64 5.33
C2C HEM T . 6.57 26.02 4.98
C3C HEM T . 5.29 26.27 4.49
C4C HEM T . 4.53 25.09 4.47
CMC HEM T . 7.70 27.02 5.16
CAC HEM T . 4.72 27.49 3.90
CBC HEM T . 5.51 28.40 3.44
C1D HEM T . 2.62 23.78 3.77
C2D HEM T . 1.26 23.70 3.24
C3D HEM T . 0.91 22.40 3.20
C4D HEM T . 2.09 21.69 3.73
CMD HEM T . 0.29 24.78 2.82
CAD HEM T . -0.40 21.85 2.69
CBD HEM T . -0.43 21.81 1.17
CGD HEM T . -1.80 21.48 0.63
O1D HEM T . -2.76 22.30 0.80
O2D HEM T . -2.02 20.44 0.00
NA HEM T . 4.43 20.16 4.45
NB HEM T . 6.77 21.63 5.29
NC HEM T . 5.31 24.13 4.96
ND HEM T . 3.08 22.57 4.11
FE HEM T . 4.86 22.13 4.70
CHA HEM U . 2.12 20.35 3.35
CHB HEM U . 3.42 25.07 3.44
CHC HEM U . 7.72 23.67 5.46
CHD HEM U . 6.64 19.09 4.53
C1A HEM U . 2.05 21.72 3.26
C2A HEM U . 0.96 22.46 2.70
C3A HEM U . 1.35 23.76 2.75
C4A HEM U . 2.66 23.87 3.27
CMA HEM U . 0.42 24.84 2.28
CAA HEM U . -0.39 21.92 2.23
CBA HEM U . -0.49 21.66 0.72
CGA HEM U . -1.87 21.07 0.47
O1A HEM U . -2.07 19.90 0.04
O2A HEM U . -2.86 21.80 0.73
C1B HEM U . 4.73 25.10 4.02
C2B HEM U . 5.48 26.29 4.34
C3B HEM U . 6.68 25.91 4.92
C4B HEM U . 6.62 24.41 5.00
CMB HEM U . 5.00 27.70 4.07
CAB HEM U . 7.84 26.72 5.37
CBB HEM U . 8.06 27.94 4.98
C1C HEM U . 7.80 22.29 5.38
C2C HEM U . 8.99 21.53 5.53
C3C HEM U . 8.69 20.25 5.26
C4C HEM U . 7.31 20.20 4.88
CMC HEM U . 10.35 22.01 5.93
CAC HEM U . 9.64 19.14 5.22
CBC HEM U . 10.90 19.37 4.90
C1D HEM U . 5.30 19.12 4.17
C2D HEM U . 4.64 17.82 3.94
C3D HEM U . 3.37 18.14 3.64
C4D HEM U . 3.28 19.65 3.67
CMD HEM U . 5.24 16.43 4.08
CAD HEM U . 2.25 17.22 3.28
CBD HEM U . 2.06 17.22 1.77
CGD HEM U . 1.07 16.24 1.20
O1D HEM U . 0.64 16.45 0.05
O2D HEM U . 0.81 15.12 1.74
NA HEM U . 3.12 22.62 3.50
NB HEM U . 5.44 24.03 4.40
NC HEM U . 6.82 21.46 4.87
ND HEM U . 4.49 20.18 3.98
FE HEM U . 4.95 22.04 4.16
CL CL V . -6.45 -4.99 0.80
CL CL W . 12.14 9.78 -18.34
C ACT X . 0.02 25.68 16.99
O ACT X . -0.64 24.61 17.04
OXT ACT X . 0.12 26.41 15.96
CH3 ACT X . 0.74 26.18 18.22
#